data_5D5W
# 
_entry.id   5D5W 
# 
_audit_conform.dict_name       mmcif_pdbx.dic 
_audit_conform.dict_version    5.383 
_audit_conform.dict_location   http://mmcif.pdb.org/dictionaries/ascii/mmcif_pdbx.dic 
# 
loop_
_database_2.database_id 
_database_2.database_code 
_database_2.pdbx_database_accession 
_database_2.pdbx_DOI 
PDB   5D5W         pdb_00005d5w 10.2210/pdb5d5w/pdb 
WWPDB D_1000212716 ?            ?                   
# 
loop_
_pdbx_audit_revision_history.ordinal 
_pdbx_audit_revision_history.data_content_type 
_pdbx_audit_revision_history.major_revision 
_pdbx_audit_revision_history.minor_revision 
_pdbx_audit_revision_history.revision_date 
1 'Structure model' 1 0 2015-12-30 
2 'Structure model' 1 1 2016-01-13 
3 'Structure model' 1 2 2016-01-20 
4 'Structure model' 1 3 2016-02-10 
5 'Structure model' 1 4 2024-01-10 
# 
_pdbx_audit_revision_details.ordinal             1 
_pdbx_audit_revision_details.revision_ordinal    1 
_pdbx_audit_revision_details.data_content_type   'Structure model' 
_pdbx_audit_revision_details.provider            repository 
_pdbx_audit_revision_details.type                'Initial release' 
_pdbx_audit_revision_details.description         ? 
_pdbx_audit_revision_details.details             ? 
# 
loop_
_pdbx_audit_revision_group.ordinal 
_pdbx_audit_revision_group.revision_ordinal 
_pdbx_audit_revision_group.data_content_type 
_pdbx_audit_revision_group.group 
1 2 'Structure model' 'Database references'    
2 3 'Structure model' 'Structure summary'      
3 4 'Structure model' 'Database references'    
4 5 'Structure model' 'Data collection'        
5 5 'Structure model' 'Database references'    
6 5 'Structure model' 'Refinement description' 
# 
loop_
_pdbx_audit_revision_category.ordinal 
_pdbx_audit_revision_category.revision_ordinal 
_pdbx_audit_revision_category.data_content_type 
_pdbx_audit_revision_category.category 
1 5 'Structure model' chem_comp_atom                
2 5 'Structure model' chem_comp_bond                
3 5 'Structure model' database_2                    
4 5 'Structure model' diffrn_radiation_wavelength   
5 5 'Structure model' pdbx_initial_refinement_model 
# 
loop_
_pdbx_audit_revision_item.ordinal 
_pdbx_audit_revision_item.revision_ordinal 
_pdbx_audit_revision_item.data_content_type 
_pdbx_audit_revision_item.item 
1 5 'Structure model' '_database_2.pdbx_DOI'                
2 5 'Structure model' '_database_2.pdbx_database_accession' 
# 
_pdbx_database_status.status_code                     REL 
_pdbx_database_status.status_code_sf                  REL 
_pdbx_database_status.status_code_mr                  ? 
_pdbx_database_status.entry_id                        5D5W 
_pdbx_database_status.recvd_initial_deposition_date   2015-08-11 
_pdbx_database_status.SG_entry                        N 
_pdbx_database_status.deposit_site                    RCSB 
_pdbx_database_status.process_site                    PDBE 
_pdbx_database_status.status_code_cs                  ? 
_pdbx_database_status.methods_development_category    ? 
_pdbx_database_status.pdb_format_compatible           Y 
_pdbx_database_status.status_code_nmr_data            ? 
# 
loop_
_audit_author.name 
_audit_author.pdbx_ordinal 
'Neudegger, T.'   1 
'Verghese, J.'    2 
'Hayer-Hartl, M.' 3 
'Hartl, F.U.'     4 
'Bracher, A.'     5 
# 
_citation.abstract                  ? 
_citation.abstract_id_CAS           ? 
_citation.book_id_ISBN              ? 
_citation.book_publisher            ? 
_citation.book_publisher_city       ? 
_citation.book_title                ? 
_citation.coordinate_linkage        ? 
_citation.country                   US 
_citation.database_id_Medline       ? 
_citation.details                   ? 
_citation.id                        primary 
_citation.journal_abbrev            Nat.Struct.Mol.Biol. 
_citation.journal_id_ASTM           ? 
_citation.journal_id_CSD            ? 
_citation.journal_id_ISSN           1545-9985 
_citation.journal_full              ? 
_citation.journal_issue             ? 
_citation.journal_volume            23 
_citation.language                  ? 
_citation.page_first                140 
_citation.page_last                 146 
_citation.title                     'Structure of human heat-shock transcription factor 1 in complex with DNA.' 
_citation.year                      2016 
_citation.database_id_CSD           ? 
_citation.pdbx_database_id_DOI      10.1038/nsmb.3149 
_citation.pdbx_database_id_PubMed   26727489 
_citation.unpublished_flag          ? 
# 
loop_
_citation_author.citation_id 
_citation_author.name 
_citation_author.ordinal 
_citation_author.identifier_ORCID 
primary 'Neudegger, T.'   1 ? 
primary 'Verghese, J.'    2 ? 
primary 'Hayer-Hartl, M.' 3 ? 
primary 'Hartl, F.U.'     4 ? 
primary 'Bracher, A.'     5 ? 
# 
loop_
_entity.id 
_entity.type 
_entity.src_method 
_entity.pdbx_description 
_entity.formula_weight 
_entity.pdbx_number_of_molecules 
_entity.pdbx_ec 
_entity.pdbx_mutation 
_entity.pdbx_fragment 
_entity.details 
1 polymer syn 'HSE DNA'                       3662.404  1  ? ? 'DNA binding domain' ? 
2 polymer man 'Putative transcription factor' 12618.037 1  ? ? ?                    ? 
3 water   nat water                           18.015    22 ? ? ?                    ? 
# 
_entity_name_com.entity_id   2 
_entity_name_com.name        CtSkn7 
# 
loop_
_entity_poly.entity_id 
_entity_poly.type 
_entity_poly.nstd_linkage 
_entity_poly.nstd_monomer 
_entity_poly.pdbx_seq_one_letter_code 
_entity_poly.pdbx_seq_one_letter_code_can 
_entity_poly.pdbx_strand_id 
_entity_poly.pdbx_target_identifier 
1 polydeoxyribonucleotide no no '(DG)(DG)(DT)(DT)(DC)(DT)(DA)(DG)(DA)(DA)(DC)(DC)' GGTTCTAGAACC A ? 
2 'polypeptide(L)'        no no 
;SSDFVRKLYKMLEDPSYHSVVRWSDDGDSFVVLENEKFTKTILPKHFKHSNFASFVRQLNKYDFHKVRHNDENGESPYGR
DAWEFKHPEFRADRKDNLDNIRRK
;
;SSDFVRKLYKMLEDPSYHSVVRWSDDGDSFVVLENEKFTKTILPKHFKHSNFASFVRQLNKYDFHKVRHNDENGESPYGR
DAWEFKHPEFRADRKDNLDNIRRK
;
B ? 
# 
_pdbx_entity_nonpoly.entity_id   3 
_pdbx_entity_nonpoly.name        water 
_pdbx_entity_nonpoly.comp_id     HOH 
# 
loop_
_entity_poly_seq.entity_id 
_entity_poly_seq.num 
_entity_poly_seq.mon_id 
_entity_poly_seq.hetero 
1 1   DG  n 
1 2   DG  n 
1 3   DT  n 
1 4   DT  n 
1 5   DC  n 
1 6   DT  n 
1 7   DA  n 
1 8   DG  n 
1 9   DA  n 
1 10  DA  n 
1 11  DC  n 
1 12  DC  n 
2 1   SER n 
2 2   SER n 
2 3   ASP n 
2 4   PHE n 
2 5   VAL n 
2 6   ARG n 
2 7   LYS n 
2 8   LEU n 
2 9   TYR n 
2 10  LYS n 
2 11  MET n 
2 12  LEU n 
2 13  GLU n 
2 14  ASP n 
2 15  PRO n 
2 16  SER n 
2 17  TYR n 
2 18  HIS n 
2 19  SER n 
2 20  VAL n 
2 21  VAL n 
2 22  ARG n 
2 23  TRP n 
2 24  SER n 
2 25  ASP n 
2 26  ASP n 
2 27  GLY n 
2 28  ASP n 
2 29  SER n 
2 30  PHE n 
2 31  VAL n 
2 32  VAL n 
2 33  LEU n 
2 34  GLU n 
2 35  ASN n 
2 36  GLU n 
2 37  LYS n 
2 38  PHE n 
2 39  THR n 
2 40  LYS n 
2 41  THR n 
2 42  ILE n 
2 43  LEU n 
2 44  PRO n 
2 45  LYS n 
2 46  HIS n 
2 47  PHE n 
2 48  LYS n 
2 49  HIS n 
2 50  SER n 
2 51  ASN n 
2 52  PHE n 
2 53  ALA n 
2 54  SER n 
2 55  PHE n 
2 56  VAL n 
2 57  ARG n 
2 58  GLN n 
2 59  LEU n 
2 60  ASN n 
2 61  LYS n 
2 62  TYR n 
2 63  ASP n 
2 64  PHE n 
2 65  HIS n 
2 66  LYS n 
2 67  VAL n 
2 68  ARG n 
2 69  HIS n 
2 70  ASN n 
2 71  ASP n 
2 72  GLU n 
2 73  ASN n 
2 74  GLY n 
2 75  GLU n 
2 76  SER n 
2 77  PRO n 
2 78  TYR n 
2 79  GLY n 
2 80  ARG n 
2 81  ASP n 
2 82  ALA n 
2 83  TRP n 
2 84  GLU n 
2 85  PHE n 
2 86  LYS n 
2 87  HIS n 
2 88  PRO n 
2 89  GLU n 
2 90  PHE n 
2 91  ARG n 
2 92  ALA n 
2 93  ASP n 
2 94  ARG n 
2 95  LYS n 
2 96  ASP n 
2 97  ASN n 
2 98  LEU n 
2 99  ASP n 
2 100 ASN n 
2 101 ILE n 
2 102 ARG n 
2 103 ARG n 
2 104 LYS n 
# 
_entity_src_gen.entity_id                          2 
_entity_src_gen.pdbx_src_id                        1 
_entity_src_gen.pdbx_alt_source_flag               sample 
_entity_src_gen.pdbx_seq_type                      'Biological sequence' 
_entity_src_gen.pdbx_beg_seq_num                   1 
_entity_src_gen.pdbx_end_seq_num                   104 
_entity_src_gen.gene_src_common_name               ? 
_entity_src_gen.gene_src_genus                     ? 
_entity_src_gen.pdbx_gene_src_gene                 CTHT_0048700 
_entity_src_gen.gene_src_species                   ? 
_entity_src_gen.gene_src_strain                    ? 
_entity_src_gen.gene_src_tissue                    ? 
_entity_src_gen.gene_src_tissue_fraction           ? 
_entity_src_gen.gene_src_details                   ? 
_entity_src_gen.pdbx_gene_src_fragment             ? 
_entity_src_gen.pdbx_gene_src_scientific_name      'Chaetomium thermophilum' 
_entity_src_gen.pdbx_gene_src_ncbi_taxonomy_id     759272 
_entity_src_gen.pdbx_gene_src_variant              ? 
_entity_src_gen.pdbx_gene_src_cell_line            ? 
_entity_src_gen.pdbx_gene_src_atcc                 ? 
_entity_src_gen.pdbx_gene_src_organ                ? 
_entity_src_gen.pdbx_gene_src_organelle            ? 
_entity_src_gen.pdbx_gene_src_cell                 ? 
_entity_src_gen.pdbx_gene_src_cellular_location    ? 
_entity_src_gen.host_org_common_name               ? 
_entity_src_gen.pdbx_host_org_scientific_name      'Escherichia coli BL21(DE3)' 
_entity_src_gen.pdbx_host_org_ncbi_taxonomy_id     469008 
_entity_src_gen.host_org_genus                     ? 
_entity_src_gen.pdbx_host_org_gene                 ? 
_entity_src_gen.pdbx_host_org_organ                ? 
_entity_src_gen.host_org_species                   ? 
_entity_src_gen.pdbx_host_org_tissue               ? 
_entity_src_gen.pdbx_host_org_tissue_fraction      ? 
_entity_src_gen.pdbx_host_org_strain               ? 
_entity_src_gen.pdbx_host_org_variant              'Rosetta 2' 
_entity_src_gen.pdbx_host_org_cell_line            ? 
_entity_src_gen.pdbx_host_org_atcc                 ? 
_entity_src_gen.pdbx_host_org_culture_collection   ? 
_entity_src_gen.pdbx_host_org_cell                 ? 
_entity_src_gen.pdbx_host_org_organelle            ? 
_entity_src_gen.pdbx_host_org_cellular_location    ? 
_entity_src_gen.pdbx_host_org_vector_type          plasmid 
_entity_src_gen.pdbx_host_org_vector               ? 
_entity_src_gen.host_org_details                   ? 
_entity_src_gen.expression_system_id               ? 
_entity_src_gen.plasmid_name                       pHUE 
_entity_src_gen.plasmid_details                    ? 
_entity_src_gen.pdbx_description                   ? 
# 
_pdbx_entity_src_syn.entity_id              1 
_pdbx_entity_src_syn.pdbx_src_id            1 
_pdbx_entity_src_syn.pdbx_alt_source_flag   sample 
_pdbx_entity_src_syn.pdbx_beg_seq_num       1 
_pdbx_entity_src_syn.pdbx_end_seq_num       12 
_pdbx_entity_src_syn.organism_scientific    'Homo sapiens' 
_pdbx_entity_src_syn.organism_common_name   ? 
_pdbx_entity_src_syn.ncbi_taxonomy_id       9606 
_pdbx_entity_src_syn.details                ? 
# 
loop_
_chem_comp.id 
_chem_comp.type 
_chem_comp.mon_nstd_flag 
_chem_comp.name 
_chem_comp.pdbx_synonyms 
_chem_comp.formula 
_chem_comp.formula_weight 
ALA 'L-peptide linking' y ALANINE                              ? 'C3 H7 N O2'      89.093  
ARG 'L-peptide linking' y ARGININE                             ? 'C6 H15 N4 O2 1'  175.209 
ASN 'L-peptide linking' y ASPARAGINE                           ? 'C4 H8 N2 O3'     132.118 
ASP 'L-peptide linking' y 'ASPARTIC ACID'                      ? 'C4 H7 N O4'      133.103 
DA  'DNA linking'       y "2'-DEOXYADENOSINE-5'-MONOPHOSPHATE" ? 'C10 H14 N5 O6 P' 331.222 
DC  'DNA linking'       y "2'-DEOXYCYTIDINE-5'-MONOPHOSPHATE"  ? 'C9 H14 N3 O7 P'  307.197 
DG  'DNA linking'       y "2'-DEOXYGUANOSINE-5'-MONOPHOSPHATE" ? 'C10 H14 N5 O7 P' 347.221 
DT  'DNA linking'       y "THYMIDINE-5'-MONOPHOSPHATE"         ? 'C10 H15 N2 O8 P' 322.208 
GLN 'L-peptide linking' y GLUTAMINE                            ? 'C5 H10 N2 O3'    146.144 
GLU 'L-peptide linking' y 'GLUTAMIC ACID'                      ? 'C5 H9 N O4'      147.129 
GLY 'peptide linking'   y GLYCINE                              ? 'C2 H5 N O2'      75.067  
HIS 'L-peptide linking' y HISTIDINE                            ? 'C6 H10 N3 O2 1'  156.162 
HOH non-polymer         . WATER                                ? 'H2 O'            18.015  
ILE 'L-peptide linking' y ISOLEUCINE                           ? 'C6 H13 N O2'     131.173 
LEU 'L-peptide linking' y LEUCINE                              ? 'C6 H13 N O2'     131.173 
LYS 'L-peptide linking' y LYSINE                               ? 'C6 H15 N2 O2 1'  147.195 
MET 'L-peptide linking' y METHIONINE                           ? 'C5 H11 N O2 S'   149.211 
PHE 'L-peptide linking' y PHENYLALANINE                        ? 'C9 H11 N O2'     165.189 
PRO 'L-peptide linking' y PROLINE                              ? 'C5 H9 N O2'      115.130 
SER 'L-peptide linking' y SERINE                               ? 'C3 H7 N O3'      105.093 
THR 'L-peptide linking' y THREONINE                            ? 'C4 H9 N O3'      119.119 
TRP 'L-peptide linking' y TRYPTOPHAN                           ? 'C11 H12 N2 O2'   204.225 
TYR 'L-peptide linking' y TYROSINE                             ? 'C9 H11 N O3'     181.189 
VAL 'L-peptide linking' y VALINE                               ? 'C5 H11 N O2'     117.146 
# 
loop_
_pdbx_poly_seq_scheme.asym_id 
_pdbx_poly_seq_scheme.entity_id 
_pdbx_poly_seq_scheme.seq_id 
_pdbx_poly_seq_scheme.mon_id 
_pdbx_poly_seq_scheme.ndb_seq_num 
_pdbx_poly_seq_scheme.pdb_seq_num 
_pdbx_poly_seq_scheme.auth_seq_num 
_pdbx_poly_seq_scheme.pdb_mon_id 
_pdbx_poly_seq_scheme.auth_mon_id 
_pdbx_poly_seq_scheme.pdb_strand_id 
_pdbx_poly_seq_scheme.pdb_ins_code 
_pdbx_poly_seq_scheme.hetero 
A 1 1   DG  1   1   1   DG  DG  A . n 
A 1 2   DG  2   2   2   DG  DG  A . n 
A 1 3   DT  3   3   3   DT  DT  A . n 
A 1 4   DT  4   4   4   DT  DT  A . n 
A 1 5   DC  5   5   5   DC  DC  A . n 
A 1 6   DT  6   6   6   DT  DT  A . n 
A 1 7   DA  7   7   7   DA  DA  A . n 
A 1 8   DG  8   8   8   DG  DG  A . n 
A 1 9   DA  9   9   9   DA  DA  A . n 
A 1 10  DA  10  10  10  DA  DA  A . n 
A 1 11  DC  11  11  11  DC  DC  A . n 
A 1 12  DC  12  12  12  DC  DC  A . n 
B 2 1   SER 1   40  ?   ?   ?   B . n 
B 2 2   SER 2   41  41  SER SER B . n 
B 2 3   ASP 3   42  42  ASP ASP B . n 
B 2 4   PHE 4   43  43  PHE PHE B . n 
B 2 5   VAL 5   44  44  VAL VAL B . n 
B 2 6   ARG 6   45  45  ARG ARG B . n 
B 2 7   LYS 7   46  46  LYS LYS B . n 
B 2 8   LEU 8   47  47  LEU LEU B . n 
B 2 9   TYR 9   48  48  TYR TYR B . n 
B 2 10  LYS 10  49  49  LYS LYS B . n 
B 2 11  MET 11  50  50  MET MET B . n 
B 2 12  LEU 12  51  51  LEU LEU B . n 
B 2 13  GLU 13  52  52  GLU GLU B . n 
B 2 14  ASP 14  53  53  ASP ASP B . n 
B 2 15  PRO 15  54  54  PRO PRO B . n 
B 2 16  SER 16  55  55  SER SER B . n 
B 2 17  TYR 17  56  56  TYR TYR B . n 
B 2 18  HIS 18  57  57  HIS HIS B . n 
B 2 19  SER 19  58  58  SER SER B . n 
B 2 20  VAL 20  59  59  VAL VAL B . n 
B 2 21  VAL 21  60  60  VAL VAL B . n 
B 2 22  ARG 22  61  61  ARG ARG B . n 
B 2 23  TRP 23  62  62  TRP TRP B . n 
B 2 24  SER 24  63  63  SER SER B . n 
B 2 25  ASP 25  64  64  ASP ASP B . n 
B 2 26  ASP 26  65  65  ASP ASP B . n 
B 2 27  GLY 27  66  66  GLY GLY B . n 
B 2 28  ASP 28  67  67  ASP ASP B . n 
B 2 29  SER 29  68  68  SER SER B . n 
B 2 30  PHE 30  69  69  PHE PHE B . n 
B 2 31  VAL 31  70  70  VAL VAL B . n 
B 2 32  VAL 32  71  71  VAL VAL B . n 
B 2 33  LEU 33  72  72  LEU LEU B . n 
B 2 34  GLU 34  73  73  GLU GLU B . n 
B 2 35  ASN 35  74  74  ASN ASN B . n 
B 2 36  GLU 36  75  75  GLU GLU B . n 
B 2 37  LYS 37  76  76  LYS LYS B . n 
B 2 38  PHE 38  77  77  PHE PHE B . n 
B 2 39  THR 39  78  78  THR THR B . n 
B 2 40  LYS 40  79  79  LYS LYS B . n 
B 2 41  THR 41  80  80  THR THR B . n 
B 2 42  ILE 42  81  81  ILE ILE B . n 
B 2 43  LEU 43  82  82  LEU LEU B . n 
B 2 44  PRO 44  83  83  PRO PRO B . n 
B 2 45  LYS 45  84  84  LYS LYS B . n 
B 2 46  HIS 46  85  85  HIS HIS B . n 
B 2 47  PHE 47  86  86  PHE PHE B . n 
B 2 48  LYS 48  87  87  LYS LYS B . n 
B 2 49  HIS 49  88  88  HIS HIS B . n 
B 2 50  SER 50  89  89  SER SER B . n 
B 2 51  ASN 51  90  90  ASN ASN B . n 
B 2 52  PHE 52  91  91  PHE PHE B . n 
B 2 53  ALA 53  92  92  ALA ALA B . n 
B 2 54  SER 54  93  93  SER SER B . n 
B 2 55  PHE 55  94  94  PHE PHE B . n 
B 2 56  VAL 56  95  95  VAL VAL B . n 
B 2 57  ARG 57  96  96  ARG ARG B . n 
B 2 58  GLN 58  97  97  GLN GLN B . n 
B 2 59  LEU 59  98  98  LEU LEU B . n 
B 2 60  ASN 60  99  99  ASN ASN B . n 
B 2 61  LYS 61  100 100 LYS LYS B . n 
B 2 62  TYR 62  101 101 TYR TYR B . n 
B 2 63  ASP 63  102 102 ASP ASP B . n 
B 2 64  PHE 64  103 103 PHE PHE B . n 
B 2 65  HIS 65  104 104 HIS HIS B . n 
B 2 66  LYS 66  105 105 LYS LYS B . n 
B 2 67  VAL 67  106 106 VAL VAL B . n 
B 2 68  ARG 68  107 107 ARG ARG B . n 
B 2 69  HIS 69  108 ?   ?   ?   B . n 
B 2 70  ASN 70  109 ?   ?   ?   B . n 
B 2 71  ASP 71  110 ?   ?   ?   B . n 
B 2 72  GLU 72  111 ?   ?   ?   B . n 
B 2 73  ASN 73  112 ?   ?   ?   B . n 
B 2 74  GLY 74  113 ?   ?   ?   B . n 
B 2 75  GLU 75  114 ?   ?   ?   B . n 
B 2 76  SER 76  115 ?   ?   ?   B . n 
B 2 77  PRO 77  116 116 PRO PRO B . n 
B 2 78  TYR 78  117 117 TYR TYR B . n 
B 2 79  GLY 79  118 118 GLY GLY B . n 
B 2 80  ARG 80  119 119 ARG ARG B . n 
B 2 81  ASP 81  120 120 ASP ASP B . n 
B 2 82  ALA 82  121 121 ALA ALA B . n 
B 2 83  TRP 83  122 122 TRP TRP B . n 
B 2 84  GLU 84  123 123 GLU GLU B . n 
B 2 85  PHE 85  124 124 PHE PHE B . n 
B 2 86  LYS 86  125 125 LYS LYS B . n 
B 2 87  HIS 87  126 126 HIS HIS B . n 
B 2 88  PRO 88  127 127 PRO PRO B . n 
B 2 89  GLU 89  128 128 GLU GLU B . n 
B 2 90  PHE 90  129 129 PHE PHE B . n 
B 2 91  ARG 91  130 130 ARG ARG B . n 
B 2 92  ALA 92  131 131 ALA ALA B . n 
B 2 93  ASP 93  132 132 ASP ASP B . n 
B 2 94  ARG 94  133 133 ARG ARG B . n 
B 2 95  LYS 95  134 134 LYS LYS B . n 
B 2 96  ASP 96  135 135 ASP ASP B . n 
B 2 97  ASN 97  136 136 ASN ASN B . n 
B 2 98  LEU 98  137 137 LEU LEU B . n 
B 2 99  ASP 99  138 138 ASP ASP B . n 
B 2 100 ASN 100 139 139 ASN ASN B . n 
B 2 101 ILE 101 140 140 ILE ILE B . n 
B 2 102 ARG 102 141 141 ARG ARG B . n 
B 2 103 ARG 103 142 142 ARG ARG B . n 
B 2 104 LYS 104 143 ?   ?   ?   B . n 
# 
loop_
_pdbx_nonpoly_scheme.asym_id 
_pdbx_nonpoly_scheme.entity_id 
_pdbx_nonpoly_scheme.mon_id 
_pdbx_nonpoly_scheme.ndb_seq_num 
_pdbx_nonpoly_scheme.pdb_seq_num 
_pdbx_nonpoly_scheme.auth_seq_num 
_pdbx_nonpoly_scheme.pdb_mon_id 
_pdbx_nonpoly_scheme.auth_mon_id 
_pdbx_nonpoly_scheme.pdb_strand_id 
_pdbx_nonpoly_scheme.pdb_ins_code 
C 3 HOH 1  101 4  HOH HOH A . 
C 3 HOH 2  102 11 HOH HOH A . 
C 3 HOH 3  103 5  HOH HOH A . 
C 3 HOH 4  104 8  HOH HOH A . 
C 3 HOH 5  105 15 HOH HOH A . 
C 3 HOH 6  106 6  HOH HOH A . 
C 3 HOH 7  107 18 HOH HOH A . 
C 3 HOH 8  108 9  HOH HOH A . 
C 3 HOH 9  109 19 HOH HOH A . 
C 3 HOH 10 110 7  HOH HOH A . 
D 3 HOH 1  201 13 HOH HOH B . 
D 3 HOH 2  202 21 HOH HOH B . 
D 3 HOH 3  203 10 HOH HOH B . 
D 3 HOH 4  204 25 HOH HOH B . 
D 3 HOH 5  205 2  HOH HOH B . 
D 3 HOH 6  206 1  HOH HOH B . 
D 3 HOH 7  207 26 HOH HOH B . 
D 3 HOH 8  208 22 HOH HOH B . 
D 3 HOH 9  209 24 HOH HOH B . 
D 3 HOH 10 210 12 HOH HOH B . 
D 3 HOH 11 211 20 HOH HOH B . 
D 3 HOH 12 212 17 HOH HOH B . 
# 
loop_
_software.citation_id 
_software.classification 
_software.compiler_name 
_software.compiler_version 
_software.contact_author 
_software.contact_author_email 
_software.date 
_software.description 
_software.dependencies 
_software.hardware 
_software.language 
_software.location 
_software.mods 
_software.name 
_software.os 
_software.os_version 
_software.type 
_software.version 
_software.pdbx_ordinal 
? 'data scaling'    ? ? ? ? ? ? ? ? ? ? ? SCALA       ? ? ? 3.3.20   1 
? phasing           ? ? ? ? ? ? ? ? ? ? ? MOLREP      ? ? ? .        2 
? refinement        ? ? ? ? ? ? ? ? ? ? ? REFMAC      ? ? ? 5.7.0029 3 
? 'data extraction' ? ? ? ? ? ? ? ? ? ? ? PDB_EXTRACT ? ? ? 3.15     4 
? 'data reduction'  ? ? ? ? ? ? ? ? ? ? ? XDS         ? ? ? .        5 
# 
_cell.angle_alpha                  90.000 
_cell.angle_alpha_esd              ? 
_cell.angle_beta                   90.000 
_cell.angle_beta_esd               ? 
_cell.angle_gamma                  90.000 
_cell.angle_gamma_esd              ? 
_cell.entry_id                     5D5W 
_cell.details                      ? 
_cell.formula_units_Z              ? 
_cell.length_a                     39.771 
_cell.length_a_esd                 ? 
_cell.length_b                     78.397 
_cell.length_b_esd                 ? 
_cell.length_c                     90.084 
_cell.length_c_esd                 ? 
_cell.volume                       ? 
_cell.volume_esd                   ? 
_cell.Z_PDB                        8 
_cell.reciprocal_angle_alpha       ? 
_cell.reciprocal_angle_beta        ? 
_cell.reciprocal_angle_gamma       ? 
_cell.reciprocal_angle_alpha_esd   ? 
_cell.reciprocal_angle_beta_esd    ? 
_cell.reciprocal_angle_gamma_esd   ? 
_cell.reciprocal_length_a          ? 
_cell.reciprocal_length_b          ? 
_cell.reciprocal_length_c          ? 
_cell.reciprocal_length_a_esd      ? 
_cell.reciprocal_length_b_esd      ? 
_cell.reciprocal_length_c_esd      ? 
_cell.pdbx_unique_axis             ? 
# 
_symmetry.entry_id                         5D5W 
_symmetry.cell_setting                     ? 
_symmetry.Int_Tables_number                20 
_symmetry.space_group_name_Hall            ? 
_symmetry.space_group_name_H-M             'C 2 2 21' 
_symmetry.pdbx_full_space_group_name_H-M   ? 
# 
_exptl.absorpt_coefficient_mu     ? 
_exptl.absorpt_correction_T_max   ? 
_exptl.absorpt_correction_T_min   ? 
_exptl.absorpt_correction_type    ? 
_exptl.absorpt_process_details    ? 
_exptl.entry_id                   5D5W 
_exptl.crystals_number            1 
_exptl.details                    ? 
_exptl.method                     'X-RAY DIFFRACTION' 
_exptl.method_details             ? 
# 
_exptl_crystal.colour                      ? 
_exptl_crystal.density_diffrn              ? 
_exptl_crystal.density_Matthews            2.16 
_exptl_crystal.density_method              ? 
_exptl_crystal.density_percent_sol         42.96 
_exptl_crystal.description                 ? 
_exptl_crystal.F_000                       ? 
_exptl_crystal.id                          1 
_exptl_crystal.preparation                 ? 
_exptl_crystal.size_max                    ? 
_exptl_crystal.size_mid                    ? 
_exptl_crystal.size_min                    ? 
_exptl_crystal.size_rad                    ? 
_exptl_crystal.colour_lustre               ? 
_exptl_crystal.colour_modifier             ? 
_exptl_crystal.colour_primary              ? 
_exptl_crystal.density_meas                ? 
_exptl_crystal.density_meas_esd            ? 
_exptl_crystal.density_meas_gt             ? 
_exptl_crystal.density_meas_lt             ? 
_exptl_crystal.density_meas_temp           ? 
_exptl_crystal.density_meas_temp_esd       ? 
_exptl_crystal.density_meas_temp_gt        ? 
_exptl_crystal.density_meas_temp_lt        ? 
_exptl_crystal.pdbx_crystal_image_url      ? 
_exptl_crystal.pdbx_crystal_image_format   ? 
_exptl_crystal.pdbx_mosaicity              ? 
_exptl_crystal.pdbx_mosaicity_esd          ? 
# 
_exptl_crystal_grow.apparatus       ? 
_exptl_crystal_grow.atmosphere      ? 
_exptl_crystal_grow.crystal_id      1 
_exptl_crystal_grow.details         ? 
_exptl_crystal_grow.method          'VAPOR DIFFUSION, HANGING DROP' 
_exptl_crystal_grow.method_ref      ? 
_exptl_crystal_grow.pH              ? 
_exptl_crystal_grow.pressure        ? 
_exptl_crystal_grow.pressure_esd    ? 
_exptl_crystal_grow.seeding         ? 
_exptl_crystal_grow.seeding_ref     ? 
_exptl_crystal_grow.temp            293 
_exptl_crystal_grow.temp_details    ? 
_exptl_crystal_grow.temp_esd        ? 
_exptl_crystal_grow.time            ? 
_exptl_crystal_grow.pdbx_details    '11 % PEG-3350, 0.18 M tri-Ammonium Citrate' 
_exptl_crystal_grow.pdbx_pH_range   ? 
# 
_diffrn.ambient_environment    ? 
_diffrn.ambient_temp           100 
_diffrn.ambient_temp_details   ? 
_diffrn.ambient_temp_esd       ? 
_diffrn.crystal_id             1 
_diffrn.crystal_support        ? 
_diffrn.crystal_treatment      ? 
_diffrn.details                ? 
_diffrn.id                     1 
_diffrn.ambient_pressure       ? 
_diffrn.ambient_pressure_esd   ? 
_diffrn.ambient_pressure_gt    ? 
_diffrn.ambient_pressure_lt    ? 
_diffrn.ambient_temp_gt        ? 
_diffrn.ambient_temp_lt        ? 
# 
_diffrn_detector.details                      ? 
_diffrn_detector.detector                     PIXEL 
_diffrn_detector.diffrn_id                    1 
_diffrn_detector.type                         'DECTRIS PILATUS 6M' 
_diffrn_detector.area_resol_mean              ? 
_diffrn_detector.dtime                        ? 
_diffrn_detector.pdbx_frames_total            ? 
_diffrn_detector.pdbx_collection_time_total   ? 
_diffrn_detector.pdbx_collection_date         2014-02-14 
# 
_diffrn_radiation.collimation                      ? 
_diffrn_radiation.diffrn_id                        1 
_diffrn_radiation.filter_edge                      ? 
_diffrn_radiation.inhomogeneity                    ? 
_diffrn_radiation.monochromator                    ? 
_diffrn_radiation.polarisn_norm                    ? 
_diffrn_radiation.polarisn_ratio                   ? 
_diffrn_radiation.probe                            ? 
_diffrn_radiation.type                             ? 
_diffrn_radiation.xray_symbol                      ? 
_diffrn_radiation.wavelength_id                    1 
_diffrn_radiation.pdbx_monochromatic_or_laue_m_l   M 
_diffrn_radiation.pdbx_wavelength_list             ? 
_diffrn_radiation.pdbx_wavelength                  ? 
_diffrn_radiation.pdbx_diffrn_protocol             'SINGLE WAVELENGTH' 
_diffrn_radiation.pdbx_analyzer                    ? 
_diffrn_radiation.pdbx_scattering_type             x-ray 
# 
_diffrn_radiation_wavelength.id           1 
_diffrn_radiation_wavelength.wavelength   0.97702 
_diffrn_radiation_wavelength.wt           1.0 
# 
_diffrn_source.current                     ? 
_diffrn_source.details                     ? 
_diffrn_source.diffrn_id                   1 
_diffrn_source.power                       ? 
_diffrn_source.size                        ? 
_diffrn_source.source                      SYNCHROTRON 
_diffrn_source.target                      ? 
_diffrn_source.type                        'ESRF BEAMLINE ID29' 
_diffrn_source.voltage                     ? 
_diffrn_source.take-off_angle              ? 
_diffrn_source.pdbx_wavelength_list        0.97702 
_diffrn_source.pdbx_wavelength             ? 
_diffrn_source.pdbx_synchrotron_beamline   ID29 
_diffrn_source.pdbx_synchrotron_site       ESRF 
# 
_reflns.B_iso_Wilson_estimate            61.1 
_reflns.entry_id                         5D5W 
_reflns.data_reduction_details           ? 
_reflns.data_reduction_method            ? 
_reflns.d_resolution_high                2.349 
_reflns.d_resolution_low                 45.042 
_reflns.details                          ? 
_reflns.limit_h_max                      ? 
_reflns.limit_h_min                      ? 
_reflns.limit_k_max                      ? 
_reflns.limit_k_min                      ? 
_reflns.limit_l_max                      ? 
_reflns.limit_l_min                      ? 
_reflns.number_all                       6090 
_reflns.number_obs                       6090 
_reflns.observed_criterion               ? 
_reflns.observed_criterion_F_max         ? 
_reflns.observed_criterion_F_min         ? 
_reflns.observed_criterion_I_max         ? 
_reflns.observed_criterion_I_min         ? 
_reflns.observed_criterion_sigma_F       ? 
_reflns.observed_criterion_sigma_I       ? 
_reflns.percent_possible_obs             98.900 
_reflns.R_free_details                   ? 
_reflns.Rmerge_F_all                     ? 
_reflns.Rmerge_F_obs                     ? 
_reflns.Friedel_coverage                 ? 
_reflns.number_gt                        ? 
_reflns.threshold_expression             ? 
_reflns.pdbx_redundancy                  4.700 
_reflns.pdbx_Rmerge_I_obs                ? 
_reflns.pdbx_Rmerge_I_all                ? 
_reflns.pdbx_Rsym_value                  0.045 
_reflns.pdbx_netI_over_av_sigmaI         9.600 
_reflns.pdbx_netI_over_sigmaI            17.400 
_reflns.pdbx_res_netI_over_av_sigmaI_2   ? 
_reflns.pdbx_res_netI_over_sigmaI_2      ? 
_reflns.pdbx_chi_squared                 ? 
_reflns.pdbx_scaling_rejects             ? 
_reflns.pdbx_d_res_high_opt              ? 
_reflns.pdbx_d_res_low_opt               ? 
_reflns.pdbx_d_res_opt_method            ? 
_reflns.phase_calculation_details        ? 
_reflns.pdbx_Rrim_I_all                  0.051 
_reflns.pdbx_Rpim_I_all                  0.023 
_reflns.pdbx_d_opt                       ? 
_reflns.pdbx_number_measured_all         28671 
_reflns.pdbx_diffrn_id                   1 
_reflns.pdbx_ordinal                     1 
_reflns.pdbx_CC_half                     ? 
_reflns.pdbx_R_split                     ? 
# 
loop_
_reflns_shell.d_res_high 
_reflns_shell.d_res_low 
_reflns_shell.meanI_over_sigI_all 
_reflns_shell.meanI_over_sigI_obs 
_reflns_shell.number_measured_all 
_reflns_shell.number_measured_obs 
_reflns_shell.number_possible 
_reflns_shell.number_unique_all 
_reflns_shell.number_unique_obs 
_reflns_shell.percent_possible_all 
_reflns_shell.percent_possible_obs 
_reflns_shell.Rmerge_F_all 
_reflns_shell.Rmerge_F_obs 
_reflns_shell.Rmerge_I_all 
_reflns_shell.Rmerge_I_obs 
_reflns_shell.meanI_over_sigI_gt 
_reflns_shell.meanI_over_uI_all 
_reflns_shell.meanI_over_uI_gt 
_reflns_shell.number_measured_gt 
_reflns_shell.number_unique_gt 
_reflns_shell.percent_possible_gt 
_reflns_shell.Rmerge_F_gt 
_reflns_shell.Rmerge_I_gt 
_reflns_shell.pdbx_redundancy 
_reflns_shell.pdbx_Rsym_value 
_reflns_shell.pdbx_chi_squared 
_reflns_shell.pdbx_netI_over_sigmaI_all 
_reflns_shell.pdbx_netI_over_sigmaI_obs 
_reflns_shell.pdbx_Rrim_I_all 
_reflns_shell.pdbx_Rpim_I_all 
_reflns_shell.pdbx_rejects 
_reflns_shell.pdbx_ordinal 
_reflns_shell.pdbx_diffrn_id 
_reflns_shell.pdbx_CC_half 
_reflns_shell.pdbx_R_split 
2.349 2.480  ? 0.800  4202 ? ? 870 ? 99.200 ? ? ? ? 0.958 ? ? ? ? ? ? ? ? 4.800 0.958 ? ? 1.800  ? 0.469 0 1  1 ? ? 
2.480 2.630  ? 1.400  3817 ? ? 828 ? 99.600 ? ? ? ? 0.560 ? ? ? ? ? ? ? ? 4.600 0.560 ? ? 2.700  ? 0.282 0 2  1 ? ? 
2.630 2.810  ? 2.200  3953 ? ? 790 ? 99.900 ? ? ? ? 0.348 ? ? ? ? ? ? ? ? 5.000 0.348 ? ? 4.700  ? 0.168 0 3  1 ? ? 
2.810 3.030  ? 4.500  3503 ? ? 728 ? 99.800 ? ? ? ? 0.174 ? ? ? ? ? ? ? ? 4.800 0.174 ? ? 8.300  ? 0.086 0 4  1 ? ? 
3.030 3.320  ? 4.500  3135 ? ? 676 ? 98.300 ? ? ? ? 0.054 ? ? ? ? ? ? ? ? 4.600 0.054 ? ? 15.400 ? 0.030 0 5  1 ? ? 
3.320 3.710  ? 13.000 2947 ? ? 607 ? 98.500 ? ? ? ? 0.046 ? ? ? ? ? ? ? ? 4.900 0.046 ? ? 25.200 ? 0.023 0 6  1 ? ? 
3.710 4.290  ? 18.300 2413 ? ? 536 ? 98.100 ? ? ? ? 0.033 ? ? ? ? ? ? ? ? 4.500 0.033 ? ? 34.300 ? 0.017 0 7  1 ? ? 
4.290 5.250  ? 22.300 2218 ? ? 468 ? 98.500 ? ? ? ? 0.026 ? ? ? ? ? ? ? ? 4.700 0.026 ? ? 44.600 ? 0.013 0 8  1 ? ? 
5.250 7.430  ? 24.700 1598 ? ? 368 ? 97.000 ? ? ? ? 0.026 ? ? ? ? ? ? ? ? 4.300 0.026 ? ? 43.700 ? 0.013 0 9  1 ? ? 
7.430 45.042 ? 29.200 885  ? ? 219 ? 96.300 ? ? ? ? 0.019 ? ? ? ? ? ? ? ? 4.000 0.019 ? ? 52.300 ? 0.010 0 10 1 ? ? 
# 
_refine.aniso_B[1][1]                            -6.2200 
_refine.aniso_B[1][2]                            0.0000 
_refine.aniso_B[1][3]                            0.0000 
_refine.aniso_B[2][2]                            4.6000 
_refine.aniso_B[2][3]                            -0.0000 
_refine.aniso_B[3][3]                            1.6200 
_refine.B_iso_max                                141.630 
_refine.B_iso_mean                               72.2720 
_refine.B_iso_min                                35.010 
_refine.correlation_coeff_Fo_to_Fc               0.9640 
_refine.correlation_coeff_Fo_to_Fc_free          0.9530 
_refine.details                                  
'HYDROGENS HAVE BEEN ADDED IN THE RIDING POSITIONS U VALUES      : REFINED INDIVIDUALLY' 
_refine.diff_density_max                         ? 
_refine.diff_density_max_esd                     ? 
_refine.diff_density_min                         ? 
_refine.diff_density_min_esd                     ? 
_refine.diff_density_rms                         ? 
_refine.diff_density_rms_esd                     ? 
_refine.entry_id                                 5D5W 
_refine.pdbx_refine_id                           'X-RAY DIFFRACTION' 
_refine.ls_abs_structure_details                 ? 
_refine.ls_abs_structure_Flack                   ? 
_refine.ls_abs_structure_Flack_esd               ? 
_refine.ls_abs_structure_Rogers                  ? 
_refine.ls_abs_structure_Rogers_esd              ? 
_refine.ls_d_res_high                            2.35 
_refine.ls_d_res_low                             30.0000 
_refine.ls_extinction_coef                       ? 
_refine.ls_extinction_coef_esd                   ? 
_refine.ls_extinction_expression                 ? 
_refine.ls_extinction_method                     ? 
_refine.ls_goodness_of_fit_all                   ? 
_refine.ls_goodness_of_fit_all_esd               ? 
_refine.ls_goodness_of_fit_obs                   ? 
_refine.ls_goodness_of_fit_obs_esd               ? 
_refine.ls_hydrogen_treatment                    ? 
_refine.ls_matrix_type                           ? 
_refine.ls_number_constraints                    ? 
_refine.ls_number_parameters                     ? 
_refine.ls_number_reflns_all                     ? 
_refine.ls_number_reflns_obs                     5791 
_refine.ls_number_reflns_R_free                  280 
_refine.ls_number_reflns_R_work                  ? 
_refine.ls_number_restraints                     ? 
_refine.ls_percent_reflns_obs                    98.6000 
_refine.ls_percent_reflns_R_free                 4.6000 
_refine.ls_R_factor_all                          ? 
_refine.ls_R_factor_obs                          0.2173 
_refine.ls_R_factor_R_free                       0.2501 
_refine.ls_R_factor_R_free_error                 ? 
_refine.ls_R_factor_R_free_error_details         ? 
_refine.ls_R_factor_R_work                       0.2154 
_refine.ls_R_Fsqd_factor_obs                     ? 
_refine.ls_R_I_factor_obs                        ? 
_refine.ls_redundancy_reflns_all                 ? 
_refine.ls_redundancy_reflns_obs                 ? 
_refine.ls_restrained_S_all                      ? 
_refine.ls_restrained_S_obs                      ? 
_refine.ls_shift_over_esd_max                    ? 
_refine.ls_shift_over_esd_mean                   ? 
_refine.ls_structure_factor_coef                 ? 
_refine.ls_weighting_details                     ? 
_refine.ls_weighting_scheme                      ? 
_refine.ls_wR_factor_all                         ? 
_refine.ls_wR_factor_obs                         ? 
_refine.ls_wR_factor_R_free                      0.2383 
_refine.ls_wR_factor_R_work                      0.2010 
_refine.occupancy_max                            ? 
_refine.occupancy_min                            ? 
_refine.solvent_model_details                    MASK 
_refine.solvent_model_param_bsol                 ? 
_refine.solvent_model_param_ksol                 ? 
_refine.ls_R_factor_gt                           ? 
_refine.ls_goodness_of_fit_gt                    ? 
_refine.ls_goodness_of_fit_ref                   ? 
_refine.ls_shift_over_su_max                     ? 
_refine.ls_shift_over_su_max_lt                  ? 
_refine.ls_shift_over_su_mean                    ? 
_refine.ls_shift_over_su_mean_lt                 ? 
_refine.pdbx_ls_sigma_I                          ? 
_refine.pdbx_ls_sigma_F                          0.000 
_refine.pdbx_ls_sigma_Fsqd                       ? 
_refine.pdbx_data_cutoff_high_absF               ? 
_refine.pdbx_data_cutoff_high_rms_absF           ? 
_refine.pdbx_data_cutoff_low_absF                ? 
_refine.pdbx_isotropic_thermal_model             ? 
_refine.pdbx_ls_cross_valid_method               THROUGHOUT 
_refine.pdbx_method_to_determine_struct          'MOLECULAR REPLACEMENT' 
_refine.pdbx_starting_model                      3HTS 
_refine.pdbx_stereochemistry_target_values       'MAXIMUM LIKELIHOOD' 
_refine.pdbx_R_Free_selection_details            RANDOM 
_refine.pdbx_stereochem_target_val_spec_case     ? 
_refine.pdbx_overall_ESU_R                       0.4430 
_refine.pdbx_overall_ESU_R_Free                  0.2590 
_refine.pdbx_solvent_vdw_probe_radii             1.2000 
_refine.pdbx_solvent_ion_probe_radii             0.8000 
_refine.pdbx_solvent_shrinkage_radii             0.8000 
_refine.pdbx_real_space_R                        ? 
_refine.pdbx_density_correlation                 ? 
_refine.pdbx_pd_number_of_powder_patterns        ? 
_refine.pdbx_pd_number_of_points                 ? 
_refine.pdbx_pd_meas_number_of_points            ? 
_refine.pdbx_pd_proc_ls_prof_R_factor            ? 
_refine.pdbx_pd_proc_ls_prof_wR_factor           ? 
_refine.pdbx_pd_Marquardt_correlation_coeff      ? 
_refine.pdbx_pd_Fsqrd_R_factor                   ? 
_refine.pdbx_pd_ls_matrix_band_width             ? 
_refine.pdbx_overall_phase_error                 ? 
_refine.pdbx_overall_SU_R_free_Cruickshank_DPI   ? 
_refine.pdbx_overall_SU_R_free_Blow_DPI          ? 
_refine.pdbx_overall_SU_R_Blow_DPI               ? 
_refine.pdbx_TLS_residual_ADP_flag               ? 
_refine.pdbx_diffrn_id                           1 
_refine.overall_SU_B                             13.0860 
_refine.overall_SU_ML                            0.2770 
_refine.overall_SU_R_Cruickshank_DPI             0.4434 
_refine.overall_SU_R_free                        0.2592 
_refine.overall_FOM_free_R_set                   ? 
_refine.overall_FOM_work_R_set                   0.6975 
_refine.pdbx_average_fsc_overall                 ? 
_refine.pdbx_average_fsc_work                    ? 
_refine.pdbx_average_fsc_free                    ? 
# 
_refine_hist.cycle_id                         final 
_refine_hist.pdbx_refine_id                   'X-RAY DIFFRACTION' 
_refine_hist.d_res_high                       2.35 
_refine_hist.d_res_low                        30.0000 
_refine_hist.pdbx_number_atoms_ligand         0 
_refine_hist.number_atoms_solvent             22 
_refine_hist.number_atoms_total               1081 
_refine_hist.pdbx_number_residues_total       106 
_refine_hist.pdbx_B_iso_mean_solvent          60.77 
_refine_hist.pdbx_number_atoms_protein        816 
_refine_hist.pdbx_number_atoms_nucleic_acid   243 
# 
loop_
_refine_ls_restr.pdbx_refine_id 
_refine_ls_restr.criterion 
_refine_ls_restr.dev_ideal 
_refine_ls_restr.dev_ideal_target 
_refine_ls_restr.number 
_refine_ls_restr.rejects 
_refine_ls_restr.type 
_refine_ls_restr.weight 
_refine_ls_restr.pdbx_restraint_function 
'X-RAY DIFFRACTION' ? 0.006  0.017  1112 ? r_bond_refined_d       ? ? 
'X-RAY DIFFRACTION' ? 0.001  0.020  915  ? r_bond_other_d         ? ? 
'X-RAY DIFFRACTION' ? 1.044  1.713  1544 ? r_angle_refined_deg    ? ? 
'X-RAY DIFFRACTION' ? 1.397  3.000  2110 ? r_angle_other_deg      ? ? 
'X-RAY DIFFRACTION' ? 6.563  5.000  92   ? r_dihedral_angle_1_deg ? ? 
'X-RAY DIFFRACTION' ? 32.317 22.400 50   ? r_dihedral_angle_2_deg ? ? 
'X-RAY DIFFRACTION' ? 17.200 15.000 149  ? r_dihedral_angle_3_deg ? ? 
'X-RAY DIFFRACTION' ? 11.042 15.000 9    ? r_dihedral_angle_4_deg ? ? 
'X-RAY DIFFRACTION' ? 0.103  0.200  145  ? r_chiral_restr         ? ? 
'X-RAY DIFFRACTION' ? 0.004  0.020  1075 ? r_gen_planes_refined   ? ? 
'X-RAY DIFFRACTION' ? 0.001  0.020  288  ? r_gen_planes_other     ? ? 
# 
_refine_ls_shell.pdbx_refine_id                   'X-RAY DIFFRACTION' 
_refine_ls_shell.d_res_high                       2.3500 
_refine_ls_shell.d_res_low                        2.4110 
_refine_ls_shell.number_reflns_all                434 
_refine_ls_shell.number_reflns_obs                ? 
_refine_ls_shell.number_reflns_R_free             23 
_refine_ls_shell.number_reflns_R_work             411 
_refine_ls_shell.percent_reflns_obs               99.7700 
_refine_ls_shell.percent_reflns_R_free            ? 
_refine_ls_shell.R_factor_all                     ? 
_refine_ls_shell.R_factor_obs                     ? 
_refine_ls_shell.R_factor_R_free                  0.7120 
_refine_ls_shell.R_factor_R_free_error            ? 
_refine_ls_shell.R_factor_R_work                  0.4550 
_refine_ls_shell.redundancy_reflns_all            ? 
_refine_ls_shell.redundancy_reflns_obs            ? 
_refine_ls_shell.wR_factor_all                    ? 
_refine_ls_shell.wR_factor_obs                    ? 
_refine_ls_shell.wR_factor_R_free                 ? 
_refine_ls_shell.wR_factor_R_work                 ? 
_refine_ls_shell.pdbx_total_number_of_bins_used   20 
_refine_ls_shell.pdbx_phase_error                 ? 
_refine_ls_shell.pdbx_fsc_work                    ? 
_refine_ls_shell.pdbx_fsc_free                    ? 
# 
_struct.entry_id                     5D5W 
_struct.title                        'Crystal structure of Chaetomium thermophilum Skn7 with HSE DNA' 
_struct.pdbx_model_details           ? 
_struct.pdbx_formula_weight          ? 
_struct.pdbx_formula_weight_method   ? 
_struct.pdbx_model_type_details      ? 
_struct.pdbx_CASP_flag               ? 
# 
_struct_keywords.entry_id        5D5W 
_struct_keywords.text            'protein-DNA complex, double helix, helix-turn-helix, transcription' 
_struct_keywords.pdbx_keywords   TRANSCRIPTION 
# 
loop_
_struct_asym.id 
_struct_asym.pdbx_blank_PDB_chainid_flag 
_struct_asym.pdbx_modified 
_struct_asym.entity_id 
_struct_asym.details 
A N N 1 ? 
B N N 2 ? 
C N N 3 ? 
D N N 3 ? 
# 
loop_
_struct_ref.id 
_struct_ref.db_name 
_struct_ref.db_code 
_struct_ref.pdbx_db_accession 
_struct_ref.pdbx_db_isoform 
_struct_ref.entity_id 
_struct_ref.pdbx_seq_one_letter_code 
_struct_ref.pdbx_align_begin 
1 PDB 5D5W         5D5W   ? 1 ? 1  
2 UNP G0SB31_CHATD G0SB31 ? 2 
;SSDFVRKLYKMLEDPSYHSVVRWSDDGDSFVVLENEKFTKTILPKHFKHSNFASFVRQLNKYDFHKVRHNDENGESPYGR
DAWEFKHPEFRADRKDNLDNIRRK
;
40 
# 
loop_
_struct_ref_seq.align_id 
_struct_ref_seq.ref_id 
_struct_ref_seq.pdbx_PDB_id_code 
_struct_ref_seq.pdbx_strand_id 
_struct_ref_seq.seq_align_beg 
_struct_ref_seq.pdbx_seq_align_beg_ins_code 
_struct_ref_seq.seq_align_end 
_struct_ref_seq.pdbx_seq_align_end_ins_code 
_struct_ref_seq.pdbx_db_accession 
_struct_ref_seq.db_align_beg 
_struct_ref_seq.pdbx_db_align_beg_ins_code 
_struct_ref_seq.db_align_end 
_struct_ref_seq.pdbx_db_align_end_ins_code 
_struct_ref_seq.pdbx_auth_seq_align_beg 
_struct_ref_seq.pdbx_auth_seq_align_end 
1 1 5D5W A 1 ? 12  ? 5D5W   1  ? 12  ? 1  12  
2 2 5D5W B 1 ? 104 ? G0SB31 40 ? 143 ? 40 143 
# 
_pdbx_struct_assembly.id                   1 
_pdbx_struct_assembly.details              author_and_software_defined_assembly 
_pdbx_struct_assembly.method_details       PISA 
_pdbx_struct_assembly.oligomeric_details   tetrameric 
_pdbx_struct_assembly.oligomeric_count     4 
# 
loop_
_pdbx_struct_assembly_prop.biol_id 
_pdbx_struct_assembly_prop.type 
_pdbx_struct_assembly_prop.value 
_pdbx_struct_assembly_prop.details 
1 'ABSA (A^2)' 4840  ? 
1 MORE         -25   ? 
1 'SSA (A^2)'  12610 ? 
# 
_pdbx_struct_assembly_gen.assembly_id       1 
_pdbx_struct_assembly_gen.oper_expression   1,2 
_pdbx_struct_assembly_gen.asym_id_list      A,B,C,D 
# 
loop_
_pdbx_struct_oper_list.id 
_pdbx_struct_oper_list.type 
_pdbx_struct_oper_list.name 
_pdbx_struct_oper_list.symmetry_operation 
_pdbx_struct_oper_list.matrix[1][1] 
_pdbx_struct_oper_list.matrix[1][2] 
_pdbx_struct_oper_list.matrix[1][3] 
_pdbx_struct_oper_list.vector[1] 
_pdbx_struct_oper_list.matrix[2][1] 
_pdbx_struct_oper_list.matrix[2][2] 
_pdbx_struct_oper_list.matrix[2][3] 
_pdbx_struct_oper_list.vector[2] 
_pdbx_struct_oper_list.matrix[3][1] 
_pdbx_struct_oper_list.matrix[3][2] 
_pdbx_struct_oper_list.matrix[3][3] 
_pdbx_struct_oper_list.vector[3] 
1 'identity operation'         1_555 x,y,z       1.0000000000 0.0000000000  0.0000000000  0.0000000000   0.0000000000  1.0000000000  0.0000000000 0.0000000000  0.0000000000  0.0000000000 1.0000000000  0.0000000000   
2 'crystal symmetry operation' 3_555 -x,y,-z+1/2 0.2605011724 -0.6924099726 -0.6728354695 -14.5509277199 -0.6924099726 -0.6196500402 0.3695974261 -1.4713159163 -0.6728354695 0.3695974261 -0.6408511322 -25.7458300346 
# 
loop_
_struct_conf.conf_type_id 
_struct_conf.id 
_struct_conf.pdbx_PDB_helix_id 
_struct_conf.beg_label_comp_id 
_struct_conf.beg_label_asym_id 
_struct_conf.beg_label_seq_id 
_struct_conf.pdbx_beg_PDB_ins_code 
_struct_conf.end_label_comp_id 
_struct_conf.end_label_asym_id 
_struct_conf.end_label_seq_id 
_struct_conf.pdbx_end_PDB_ins_code 
_struct_conf.beg_auth_comp_id 
_struct_conf.beg_auth_asym_id 
_struct_conf.beg_auth_seq_id 
_struct_conf.end_auth_comp_id 
_struct_conf.end_auth_asym_id 
_struct_conf.end_auth_seq_id 
_struct_conf.pdbx_PDB_helix_class 
_struct_conf.details 
_struct_conf.pdbx_PDB_helix_length 
HELX_P HELX_P1 AA1 SER B 2  ? GLU B 13 ? SER B 41  GLU B 52  1 ? 12 
HELX_P HELX_P2 AA2 ASP B 14 ? HIS B 18 ? ASP B 53  HIS B 57  5 ? 5  
HELX_P HELX_P3 AA3 GLU B 34 ? ILE B 42 ? GLU B 73  ILE B 81  1 ? 9  
HELX_P HELX_P4 AA4 ILE B 42 ? PHE B 47 ? ILE B 81  PHE B 86  1 ? 6  
HELX_P HELX_P5 AA5 ASN B 51 ? TYR B 62 ? ASN B 90  TYR B 101 1 ? 12 
HELX_P HELX_P6 AA6 LYS B 95 ? ASP B 99 ? LYS B 134 ASP B 138 5 ? 5  
# 
_struct_conf_type.id          HELX_P 
_struct_conf_type.criteria    ? 
_struct_conf_type.reference   ? 
# 
loop_
_struct_conn.id 
_struct_conn.conn_type_id 
_struct_conn.pdbx_leaving_atom_flag 
_struct_conn.pdbx_PDB_id 
_struct_conn.ptnr1_label_asym_id 
_struct_conn.ptnr1_label_comp_id 
_struct_conn.ptnr1_label_seq_id 
_struct_conn.ptnr1_label_atom_id 
_struct_conn.pdbx_ptnr1_label_alt_id 
_struct_conn.pdbx_ptnr1_PDB_ins_code 
_struct_conn.pdbx_ptnr1_standard_comp_id 
_struct_conn.ptnr1_symmetry 
_struct_conn.ptnr2_label_asym_id 
_struct_conn.ptnr2_label_comp_id 
_struct_conn.ptnr2_label_seq_id 
_struct_conn.ptnr2_label_atom_id 
_struct_conn.pdbx_ptnr2_label_alt_id 
_struct_conn.pdbx_ptnr2_PDB_ins_code 
_struct_conn.ptnr1_auth_asym_id 
_struct_conn.ptnr1_auth_comp_id 
_struct_conn.ptnr1_auth_seq_id 
_struct_conn.ptnr2_auth_asym_id 
_struct_conn.ptnr2_auth_comp_id 
_struct_conn.ptnr2_auth_seq_id 
_struct_conn.ptnr2_symmetry 
_struct_conn.pdbx_ptnr3_label_atom_id 
_struct_conn.pdbx_ptnr3_label_seq_id 
_struct_conn.pdbx_ptnr3_label_comp_id 
_struct_conn.pdbx_ptnr3_label_asym_id 
_struct_conn.pdbx_ptnr3_label_alt_id 
_struct_conn.pdbx_ptnr3_PDB_ins_code 
_struct_conn.details 
_struct_conn.pdbx_dist_value 
_struct_conn.pdbx_value_order 
_struct_conn.pdbx_role 
hydrog1  hydrog ? ? A DG 1  N1 ? ? ? 1_555 A DC 12 N3 ? ? A DG 1  A DC 12 3_555 ? ? ? ? ? ? WATSON-CRICK ? ? ? 
hydrog2  hydrog ? ? A DG 1  N2 ? ? ? 1_555 A DC 12 O2 ? ? A DG 1  A DC 12 3_555 ? ? ? ? ? ? WATSON-CRICK ? ? ? 
hydrog3  hydrog ? ? A DG 1  O6 ? ? ? 1_555 A DC 12 N4 ? ? A DG 1  A DC 12 3_555 ? ? ? ? ? ? WATSON-CRICK ? ? ? 
hydrog4  hydrog ? ? A DG 2  N1 ? ? ? 1_555 A DC 11 N3 ? ? A DG 2  A DC 11 3_555 ? ? ? ? ? ? WATSON-CRICK ? ? ? 
hydrog5  hydrog ? ? A DG 2  N2 ? ? ? 1_555 A DC 11 O2 ? ? A DG 2  A DC 11 3_555 ? ? ? ? ? ? WATSON-CRICK ? ? ? 
hydrog6  hydrog ? ? A DG 2  O6 ? ? ? 1_555 A DC 11 N4 ? ? A DG 2  A DC 11 3_555 ? ? ? ? ? ? WATSON-CRICK ? ? ? 
hydrog7  hydrog ? ? A DT 3  N3 ? ? ? 1_555 A DA 10 N1 ? ? A DT 3  A DA 10 3_555 ? ? ? ? ? ? WATSON-CRICK ? ? ? 
hydrog8  hydrog ? ? A DT 3  O4 ? ? ? 1_555 A DA 10 N6 ? ? A DT 3  A DA 10 3_555 ? ? ? ? ? ? WATSON-CRICK ? ? ? 
hydrog9  hydrog ? ? A DT 4  N3 ? ? ? 1_555 A DA 9  N1 ? ? A DT 4  A DA 9  3_555 ? ? ? ? ? ? WATSON-CRICK ? ? ? 
hydrog10 hydrog ? ? A DT 4  O4 ? ? ? 1_555 A DA 9  N6 ? ? A DT 4  A DA 9  3_555 ? ? ? ? ? ? WATSON-CRICK ? ? ? 
hydrog11 hydrog ? ? A DC 5  N3 ? ? ? 1_555 A DG 8  N1 ? ? A DC 5  A DG 8  3_555 ? ? ? ? ? ? WATSON-CRICK ? ? ? 
hydrog12 hydrog ? ? A DC 5  N4 ? ? ? 1_555 A DG 8  O6 ? ? A DC 5  A DG 8  3_555 ? ? ? ? ? ? WATSON-CRICK ? ? ? 
hydrog13 hydrog ? ? A DC 5  O2 ? ? ? 1_555 A DG 8  N2 ? ? A DC 5  A DG 8  3_555 ? ? ? ? ? ? WATSON-CRICK ? ? ? 
hydrog14 hydrog ? ? A DT 6  N3 ? ? ? 1_555 A DA 7  N1 ? ? A DT 6  A DA 7  3_555 ? ? ? ? ? ? WATSON-CRICK ? ? ? 
hydrog15 hydrog ? ? A DT 6  O4 ? ? ? 1_555 A DA 7  N6 ? ? A DT 6  A DA 7  3_555 ? ? ? ? ? ? WATSON-CRICK ? ? ? 
hydrog16 hydrog ? ? A DA 7  N1 ? ? ? 1_555 A DT 6  N3 ? ? A DA 7  A DT 6  3_555 ? ? ? ? ? ? WATSON-CRICK ? ? ? 
hydrog17 hydrog ? ? A DA 7  N6 ? ? ? 1_555 A DT 6  O4 ? ? A DA 7  A DT 6  3_555 ? ? ? ? ? ? WATSON-CRICK ? ? ? 
hydrog18 hydrog ? ? A DG 8  N1 ? ? ? 1_555 A DC 5  N3 ? ? A DG 8  A DC 5  3_555 ? ? ? ? ? ? WATSON-CRICK ? ? ? 
hydrog19 hydrog ? ? A DG 8  N2 ? ? ? 1_555 A DC 5  O2 ? ? A DG 8  A DC 5  3_555 ? ? ? ? ? ? WATSON-CRICK ? ? ? 
hydrog20 hydrog ? ? A DG 8  O6 ? ? ? 1_555 A DC 5  N4 ? ? A DG 8  A DC 5  3_555 ? ? ? ? ? ? WATSON-CRICK ? ? ? 
hydrog21 hydrog ? ? A DA 9  N1 ? ? ? 1_555 A DT 4  N3 ? ? A DA 9  A DT 4  3_555 ? ? ? ? ? ? WATSON-CRICK ? ? ? 
hydrog22 hydrog ? ? A DA 9  N6 ? ? ? 1_555 A DT 4  O4 ? ? A DA 9  A DT 4  3_555 ? ? ? ? ? ? WATSON-CRICK ? ? ? 
hydrog23 hydrog ? ? A DA 10 N1 ? ? ? 1_555 A DT 3  N3 ? ? A DA 10 A DT 3  3_555 ? ? ? ? ? ? WATSON-CRICK ? ? ? 
hydrog24 hydrog ? ? A DA 10 N6 ? ? ? 1_555 A DT 3  O4 ? ? A DA 10 A DT 3  3_555 ? ? ? ? ? ? WATSON-CRICK ? ? ? 
hydrog25 hydrog ? ? A DC 11 N3 ? ? ? 1_555 A DG 2  N1 ? ? A DC 11 A DG 2  3_555 ? ? ? ? ? ? WATSON-CRICK ? ? ? 
hydrog26 hydrog ? ? A DC 11 N4 ? ? ? 1_555 A DG 2  O6 ? ? A DC 11 A DG 2  3_555 ? ? ? ? ? ? WATSON-CRICK ? ? ? 
hydrog27 hydrog ? ? A DC 11 O2 ? ? ? 1_555 A DG 2  N2 ? ? A DC 11 A DG 2  3_555 ? ? ? ? ? ? WATSON-CRICK ? ? ? 
hydrog28 hydrog ? ? A DC 12 N3 ? ? ? 1_555 A DG 1  N1 ? ? A DC 12 A DG 1  3_555 ? ? ? ? ? ? WATSON-CRICK ? ? ? 
hydrog29 hydrog ? ? A DC 12 N4 ? ? ? 1_555 A DG 1  O6 ? ? A DC 12 A DG 1  3_555 ? ? ? ? ? ? WATSON-CRICK ? ? ? 
hydrog30 hydrog ? ? A DC 12 O2 ? ? ? 1_555 A DG 1  N2 ? ? A DC 12 A DG 1  3_555 ? ? ? ? ? ? WATSON-CRICK ? ? ? 
# 
_struct_conn_type.id          hydrog 
_struct_conn_type.criteria    ? 
_struct_conn_type.reference   ? 
# 
_struct_sheet.id               AA1 
_struct_sheet.type             ? 
_struct_sheet.number_strands   4 
_struct_sheet.details          ? 
# 
loop_
_struct_sheet_order.sheet_id 
_struct_sheet_order.range_id_1 
_struct_sheet_order.range_id_2 
_struct_sheet_order.offset 
_struct_sheet_order.sense 
AA1 1 2 ? anti-parallel 
AA1 2 3 ? anti-parallel 
AA1 3 4 ? anti-parallel 
# 
loop_
_struct_sheet_range.sheet_id 
_struct_sheet_range.id 
_struct_sheet_range.beg_label_comp_id 
_struct_sheet_range.beg_label_asym_id 
_struct_sheet_range.beg_label_seq_id 
_struct_sheet_range.pdbx_beg_PDB_ins_code 
_struct_sheet_range.end_label_comp_id 
_struct_sheet_range.end_label_asym_id 
_struct_sheet_range.end_label_seq_id 
_struct_sheet_range.pdbx_end_PDB_ins_code 
_struct_sheet_range.beg_auth_comp_id 
_struct_sheet_range.beg_auth_asym_id 
_struct_sheet_range.beg_auth_seq_id 
_struct_sheet_range.end_auth_comp_id 
_struct_sheet_range.end_auth_asym_id 
_struct_sheet_range.end_auth_seq_id 
AA1 1 VAL B 21 ? TRP B 23 ? VAL B 60  TRP B 62  
AA1 2 PHE B 30 ? LEU B 33 ? PHE B 69  LEU B 72  
AA1 3 ALA B 82 ? LYS B 86 ? ALA B 121 LYS B 125 
AA1 4 HIS B 65 ? LYS B 66 ? HIS B 104 LYS B 105 
# 
loop_
_pdbx_struct_sheet_hbond.sheet_id 
_pdbx_struct_sheet_hbond.range_id_1 
_pdbx_struct_sheet_hbond.range_id_2 
_pdbx_struct_sheet_hbond.range_1_label_atom_id 
_pdbx_struct_sheet_hbond.range_1_label_comp_id 
_pdbx_struct_sheet_hbond.range_1_label_asym_id 
_pdbx_struct_sheet_hbond.range_1_label_seq_id 
_pdbx_struct_sheet_hbond.range_1_PDB_ins_code 
_pdbx_struct_sheet_hbond.range_1_auth_atom_id 
_pdbx_struct_sheet_hbond.range_1_auth_comp_id 
_pdbx_struct_sheet_hbond.range_1_auth_asym_id 
_pdbx_struct_sheet_hbond.range_1_auth_seq_id 
_pdbx_struct_sheet_hbond.range_2_label_atom_id 
_pdbx_struct_sheet_hbond.range_2_label_comp_id 
_pdbx_struct_sheet_hbond.range_2_label_asym_id 
_pdbx_struct_sheet_hbond.range_2_label_seq_id 
_pdbx_struct_sheet_hbond.range_2_PDB_ins_code 
_pdbx_struct_sheet_hbond.range_2_auth_atom_id 
_pdbx_struct_sheet_hbond.range_2_auth_comp_id 
_pdbx_struct_sheet_hbond.range_2_auth_asym_id 
_pdbx_struct_sheet_hbond.range_2_auth_seq_id 
AA1 1 2 N ARG B 22 ? N ARG B 61  O VAL B 31 ? O VAL B 70  
AA1 2 3 N VAL B 32 ? N VAL B 71  O TRP B 83 ? O TRP B 122 
AA1 3 4 O LYS B 86 ? O LYS B 125 N HIS B 65 ? N HIS B 104 
# 
loop_
_pdbx_validate_rmsd_angle.id 
_pdbx_validate_rmsd_angle.PDB_model_num 
_pdbx_validate_rmsd_angle.auth_atom_id_1 
_pdbx_validate_rmsd_angle.auth_asym_id_1 
_pdbx_validate_rmsd_angle.auth_comp_id_1 
_pdbx_validate_rmsd_angle.auth_seq_id_1 
_pdbx_validate_rmsd_angle.PDB_ins_code_1 
_pdbx_validate_rmsd_angle.label_alt_id_1 
_pdbx_validate_rmsd_angle.auth_atom_id_2 
_pdbx_validate_rmsd_angle.auth_asym_id_2 
_pdbx_validate_rmsd_angle.auth_comp_id_2 
_pdbx_validate_rmsd_angle.auth_seq_id_2 
_pdbx_validate_rmsd_angle.PDB_ins_code_2 
_pdbx_validate_rmsd_angle.label_alt_id_2 
_pdbx_validate_rmsd_angle.auth_atom_id_3 
_pdbx_validate_rmsd_angle.auth_asym_id_3 
_pdbx_validate_rmsd_angle.auth_comp_id_3 
_pdbx_validate_rmsd_angle.auth_seq_id_3 
_pdbx_validate_rmsd_angle.PDB_ins_code_3 
_pdbx_validate_rmsd_angle.label_alt_id_3 
_pdbx_validate_rmsd_angle.angle_value 
_pdbx_validate_rmsd_angle.angle_target_value 
_pdbx_validate_rmsd_angle.angle_deviation 
_pdbx_validate_rmsd_angle.angle_standard_deviation 
_pdbx_validate_rmsd_angle.linker_flag 
1 1 "C5'" A DG 1 ? ? "C4'" A DG 1 ? ? "C3'" A DG 1 ? ? 123.69 115.70 7.99 1.20 N 
2 1 "C5'" A DG 1 ? ? "C4'" A DG 1 ? ? "O4'" A DG 1 ? ? 118.57 109.80 8.77 1.10 N 
# 
loop_
_pdbx_validate_torsion.id 
_pdbx_validate_torsion.PDB_model_num 
_pdbx_validate_torsion.auth_comp_id 
_pdbx_validate_torsion.auth_asym_id 
_pdbx_validate_torsion.auth_seq_id 
_pdbx_validate_torsion.PDB_ins_code 
_pdbx_validate_torsion.label_alt_id 
_pdbx_validate_torsion.phi 
_pdbx_validate_torsion.psi 
1 1 GLU B 73  ? ? 80.03  65.39  
2 1 ARG B 119 ? ? -90.61 -61.75 
3 1 ASP B 120 ? ? -98.43 59.22  
4 1 ASN B 136 ? ? -77.35 20.75  
# 
_pdbx_point_symmetry.entry_id             5D5W 
_pdbx_point_symmetry.Schoenflies_symbol   C 
_pdbx_point_symmetry.circular_symmetry    2 
_pdbx_point_symmetry.H-M_notation         ? 
# 
_pdbx_struct_special_symmetry.id              1 
_pdbx_struct_special_symmetry.PDB_model_num   1 
_pdbx_struct_special_symmetry.auth_asym_id    B 
_pdbx_struct_special_symmetry.auth_comp_id    HOH 
_pdbx_struct_special_symmetry.auth_seq_id     207 
_pdbx_struct_special_symmetry.PDB_ins_code    ? 
_pdbx_struct_special_symmetry.label_asym_id   D 
_pdbx_struct_special_symmetry.label_comp_id   HOH 
_pdbx_struct_special_symmetry.label_seq_id    . 
# 
_phasing.method   MR 
# 
loop_
_pdbx_unobs_or_zero_occ_residues.id 
_pdbx_unobs_or_zero_occ_residues.PDB_model_num 
_pdbx_unobs_or_zero_occ_residues.polymer_flag 
_pdbx_unobs_or_zero_occ_residues.occupancy_flag 
_pdbx_unobs_or_zero_occ_residues.auth_asym_id 
_pdbx_unobs_or_zero_occ_residues.auth_comp_id 
_pdbx_unobs_or_zero_occ_residues.auth_seq_id 
_pdbx_unobs_or_zero_occ_residues.PDB_ins_code 
_pdbx_unobs_or_zero_occ_residues.label_asym_id 
_pdbx_unobs_or_zero_occ_residues.label_comp_id 
_pdbx_unobs_or_zero_occ_residues.label_seq_id 
1  1 Y 1 B SER 40  ? B SER 1   
2  1 Y 1 B HIS 108 ? B HIS 69  
3  1 Y 1 B ASN 109 ? B ASN 70  
4  1 Y 1 B ASP 110 ? B ASP 71  
5  1 Y 1 B GLU 111 ? B GLU 72  
6  1 Y 1 B ASN 112 ? B ASN 73  
7  1 Y 1 B GLY 113 ? B GLY 74  
8  1 Y 1 B GLU 114 ? B GLU 75  
9  1 Y 1 B SER 115 ? B SER 76  
10 1 Y 1 B LYS 143 ? B LYS 104 
# 
loop_
_chem_comp_atom.comp_id 
_chem_comp_atom.atom_id 
_chem_comp_atom.type_symbol 
_chem_comp_atom.pdbx_aromatic_flag 
_chem_comp_atom.pdbx_stereo_config 
_chem_comp_atom.pdbx_ordinal 
ALA N      N N N 1   
ALA CA     C N S 2   
ALA C      C N N 3   
ALA O      O N N 4   
ALA CB     C N N 5   
ALA OXT    O N N 6   
ALA H      H N N 7   
ALA H2     H N N 8   
ALA HA     H N N 9   
ALA HB1    H N N 10  
ALA HB2    H N N 11  
ALA HB3    H N N 12  
ALA HXT    H N N 13  
ARG N      N N N 14  
ARG CA     C N S 15  
ARG C      C N N 16  
ARG O      O N N 17  
ARG CB     C N N 18  
ARG CG     C N N 19  
ARG CD     C N N 20  
ARG NE     N N N 21  
ARG CZ     C N N 22  
ARG NH1    N N N 23  
ARG NH2    N N N 24  
ARG OXT    O N N 25  
ARG H      H N N 26  
ARG H2     H N N 27  
ARG HA     H N N 28  
ARG HB2    H N N 29  
ARG HB3    H N N 30  
ARG HG2    H N N 31  
ARG HG3    H N N 32  
ARG HD2    H N N 33  
ARG HD3    H N N 34  
ARG HE     H N N 35  
ARG HH11   H N N 36  
ARG HH12   H N N 37  
ARG HH21   H N N 38  
ARG HH22   H N N 39  
ARG HXT    H N N 40  
ASN N      N N N 41  
ASN CA     C N S 42  
ASN C      C N N 43  
ASN O      O N N 44  
ASN CB     C N N 45  
ASN CG     C N N 46  
ASN OD1    O N N 47  
ASN ND2    N N N 48  
ASN OXT    O N N 49  
ASN H      H N N 50  
ASN H2     H N N 51  
ASN HA     H N N 52  
ASN HB2    H N N 53  
ASN HB3    H N N 54  
ASN HD21   H N N 55  
ASN HD22   H N N 56  
ASN HXT    H N N 57  
ASP N      N N N 58  
ASP CA     C N S 59  
ASP C      C N N 60  
ASP O      O N N 61  
ASP CB     C N N 62  
ASP CG     C N N 63  
ASP OD1    O N N 64  
ASP OD2    O N N 65  
ASP OXT    O N N 66  
ASP H      H N N 67  
ASP H2     H N N 68  
ASP HA     H N N 69  
ASP HB2    H N N 70  
ASP HB3    H N N 71  
ASP HD2    H N N 72  
ASP HXT    H N N 73  
DA  OP3    O N N 74  
DA  P      P N N 75  
DA  OP1    O N N 76  
DA  OP2    O N N 77  
DA  "O5'"  O N N 78  
DA  "C5'"  C N N 79  
DA  "C4'"  C N R 80  
DA  "O4'"  O N N 81  
DA  "C3'"  C N S 82  
DA  "O3'"  O N N 83  
DA  "C2'"  C N N 84  
DA  "C1'"  C N R 85  
DA  N9     N Y N 86  
DA  C8     C Y N 87  
DA  N7     N Y N 88  
DA  C5     C Y N 89  
DA  C6     C Y N 90  
DA  N6     N N N 91  
DA  N1     N Y N 92  
DA  C2     C Y N 93  
DA  N3     N Y N 94  
DA  C4     C Y N 95  
DA  HOP3   H N N 96  
DA  HOP2   H N N 97  
DA  "H5'"  H N N 98  
DA  "H5''" H N N 99  
DA  "H4'"  H N N 100 
DA  "H3'"  H N N 101 
DA  "HO3'" H N N 102 
DA  "H2'"  H N N 103 
DA  "H2''" H N N 104 
DA  "H1'"  H N N 105 
DA  H8     H N N 106 
DA  H61    H N N 107 
DA  H62    H N N 108 
DA  H2     H N N 109 
DC  OP3    O N N 110 
DC  P      P N N 111 
DC  OP1    O N N 112 
DC  OP2    O N N 113 
DC  "O5'"  O N N 114 
DC  "C5'"  C N N 115 
DC  "C4'"  C N R 116 
DC  "O4'"  O N N 117 
DC  "C3'"  C N S 118 
DC  "O3'"  O N N 119 
DC  "C2'"  C N N 120 
DC  "C1'"  C N R 121 
DC  N1     N N N 122 
DC  C2     C N N 123 
DC  O2     O N N 124 
DC  N3     N N N 125 
DC  C4     C N N 126 
DC  N4     N N N 127 
DC  C5     C N N 128 
DC  C6     C N N 129 
DC  HOP3   H N N 130 
DC  HOP2   H N N 131 
DC  "H5'"  H N N 132 
DC  "H5''" H N N 133 
DC  "H4'"  H N N 134 
DC  "H3'"  H N N 135 
DC  "HO3'" H N N 136 
DC  "H2'"  H N N 137 
DC  "H2''" H N N 138 
DC  "H1'"  H N N 139 
DC  H41    H N N 140 
DC  H42    H N N 141 
DC  H5     H N N 142 
DC  H6     H N N 143 
DG  OP3    O N N 144 
DG  P      P N N 145 
DG  OP1    O N N 146 
DG  OP2    O N N 147 
DG  "O5'"  O N N 148 
DG  "C5'"  C N N 149 
DG  "C4'"  C N R 150 
DG  "O4'"  O N N 151 
DG  "C3'"  C N S 152 
DG  "O3'"  O N N 153 
DG  "C2'"  C N N 154 
DG  "C1'"  C N R 155 
DG  N9     N Y N 156 
DG  C8     C Y N 157 
DG  N7     N Y N 158 
DG  C5     C Y N 159 
DG  C6     C N N 160 
DG  O6     O N N 161 
DG  N1     N N N 162 
DG  C2     C N N 163 
DG  N2     N N N 164 
DG  N3     N N N 165 
DG  C4     C Y N 166 
DG  HOP3   H N N 167 
DG  HOP2   H N N 168 
DG  "H5'"  H N N 169 
DG  "H5''" H N N 170 
DG  "H4'"  H N N 171 
DG  "H3'"  H N N 172 
DG  "HO3'" H N N 173 
DG  "H2'"  H N N 174 
DG  "H2''" H N N 175 
DG  "H1'"  H N N 176 
DG  H8     H N N 177 
DG  H1     H N N 178 
DG  H21    H N N 179 
DG  H22    H N N 180 
DT  OP3    O N N 181 
DT  P      P N N 182 
DT  OP1    O N N 183 
DT  OP2    O N N 184 
DT  "O5'"  O N N 185 
DT  "C5'"  C N N 186 
DT  "C4'"  C N R 187 
DT  "O4'"  O N N 188 
DT  "C3'"  C N S 189 
DT  "O3'"  O N N 190 
DT  "C2'"  C N N 191 
DT  "C1'"  C N R 192 
DT  N1     N N N 193 
DT  C2     C N N 194 
DT  O2     O N N 195 
DT  N3     N N N 196 
DT  C4     C N N 197 
DT  O4     O N N 198 
DT  C5     C N N 199 
DT  C7     C N N 200 
DT  C6     C N N 201 
DT  HOP3   H N N 202 
DT  HOP2   H N N 203 
DT  "H5'"  H N N 204 
DT  "H5''" H N N 205 
DT  "H4'"  H N N 206 
DT  "H3'"  H N N 207 
DT  "HO3'" H N N 208 
DT  "H2'"  H N N 209 
DT  "H2''" H N N 210 
DT  "H1'"  H N N 211 
DT  H3     H N N 212 
DT  H71    H N N 213 
DT  H72    H N N 214 
DT  H73    H N N 215 
DT  H6     H N N 216 
GLN N      N N N 217 
GLN CA     C N S 218 
GLN C      C N N 219 
GLN O      O N N 220 
GLN CB     C N N 221 
GLN CG     C N N 222 
GLN CD     C N N 223 
GLN OE1    O N N 224 
GLN NE2    N N N 225 
GLN OXT    O N N 226 
GLN H      H N N 227 
GLN H2     H N N 228 
GLN HA     H N N 229 
GLN HB2    H N N 230 
GLN HB3    H N N 231 
GLN HG2    H N N 232 
GLN HG3    H N N 233 
GLN HE21   H N N 234 
GLN HE22   H N N 235 
GLN HXT    H N N 236 
GLU N      N N N 237 
GLU CA     C N S 238 
GLU C      C N N 239 
GLU O      O N N 240 
GLU CB     C N N 241 
GLU CG     C N N 242 
GLU CD     C N N 243 
GLU OE1    O N N 244 
GLU OE2    O N N 245 
GLU OXT    O N N 246 
GLU H      H N N 247 
GLU H2     H N N 248 
GLU HA     H N N 249 
GLU HB2    H N N 250 
GLU HB3    H N N 251 
GLU HG2    H N N 252 
GLU HG3    H N N 253 
GLU HE2    H N N 254 
GLU HXT    H N N 255 
GLY N      N N N 256 
GLY CA     C N N 257 
GLY C      C N N 258 
GLY O      O N N 259 
GLY OXT    O N N 260 
GLY H      H N N 261 
GLY H2     H N N 262 
GLY HA2    H N N 263 
GLY HA3    H N N 264 
GLY HXT    H N N 265 
HIS N      N N N 266 
HIS CA     C N S 267 
HIS C      C N N 268 
HIS O      O N N 269 
HIS CB     C N N 270 
HIS CG     C Y N 271 
HIS ND1    N Y N 272 
HIS CD2    C Y N 273 
HIS CE1    C Y N 274 
HIS NE2    N Y N 275 
HIS OXT    O N N 276 
HIS H      H N N 277 
HIS H2     H N N 278 
HIS HA     H N N 279 
HIS HB2    H N N 280 
HIS HB3    H N N 281 
HIS HD1    H N N 282 
HIS HD2    H N N 283 
HIS HE1    H N N 284 
HIS HE2    H N N 285 
HIS HXT    H N N 286 
HOH O      O N N 287 
HOH H1     H N N 288 
HOH H2     H N N 289 
ILE N      N N N 290 
ILE CA     C N S 291 
ILE C      C N N 292 
ILE O      O N N 293 
ILE CB     C N S 294 
ILE CG1    C N N 295 
ILE CG2    C N N 296 
ILE CD1    C N N 297 
ILE OXT    O N N 298 
ILE H      H N N 299 
ILE H2     H N N 300 
ILE HA     H N N 301 
ILE HB     H N N 302 
ILE HG12   H N N 303 
ILE HG13   H N N 304 
ILE HG21   H N N 305 
ILE HG22   H N N 306 
ILE HG23   H N N 307 
ILE HD11   H N N 308 
ILE HD12   H N N 309 
ILE HD13   H N N 310 
ILE HXT    H N N 311 
LEU N      N N N 312 
LEU CA     C N S 313 
LEU C      C N N 314 
LEU O      O N N 315 
LEU CB     C N N 316 
LEU CG     C N N 317 
LEU CD1    C N N 318 
LEU CD2    C N N 319 
LEU OXT    O N N 320 
LEU H      H N N 321 
LEU H2     H N N 322 
LEU HA     H N N 323 
LEU HB2    H N N 324 
LEU HB3    H N N 325 
LEU HG     H N N 326 
LEU HD11   H N N 327 
LEU HD12   H N N 328 
LEU HD13   H N N 329 
LEU HD21   H N N 330 
LEU HD22   H N N 331 
LEU HD23   H N N 332 
LEU HXT    H N N 333 
LYS N      N N N 334 
LYS CA     C N S 335 
LYS C      C N N 336 
LYS O      O N N 337 
LYS CB     C N N 338 
LYS CG     C N N 339 
LYS CD     C N N 340 
LYS CE     C N N 341 
LYS NZ     N N N 342 
LYS OXT    O N N 343 
LYS H      H N N 344 
LYS H2     H N N 345 
LYS HA     H N N 346 
LYS HB2    H N N 347 
LYS HB3    H N N 348 
LYS HG2    H N N 349 
LYS HG3    H N N 350 
LYS HD2    H N N 351 
LYS HD3    H N N 352 
LYS HE2    H N N 353 
LYS HE3    H N N 354 
LYS HZ1    H N N 355 
LYS HZ2    H N N 356 
LYS HZ3    H N N 357 
LYS HXT    H N N 358 
MET N      N N N 359 
MET CA     C N S 360 
MET C      C N N 361 
MET O      O N N 362 
MET CB     C N N 363 
MET CG     C N N 364 
MET SD     S N N 365 
MET CE     C N N 366 
MET OXT    O N N 367 
MET H      H N N 368 
MET H2     H N N 369 
MET HA     H N N 370 
MET HB2    H N N 371 
MET HB3    H N N 372 
MET HG2    H N N 373 
MET HG3    H N N 374 
MET HE1    H N N 375 
MET HE2    H N N 376 
MET HE3    H N N 377 
MET HXT    H N N 378 
PHE N      N N N 379 
PHE CA     C N S 380 
PHE C      C N N 381 
PHE O      O N N 382 
PHE CB     C N N 383 
PHE CG     C Y N 384 
PHE CD1    C Y N 385 
PHE CD2    C Y N 386 
PHE CE1    C Y N 387 
PHE CE2    C Y N 388 
PHE CZ     C Y N 389 
PHE OXT    O N N 390 
PHE H      H N N 391 
PHE H2     H N N 392 
PHE HA     H N N 393 
PHE HB2    H N N 394 
PHE HB3    H N N 395 
PHE HD1    H N N 396 
PHE HD2    H N N 397 
PHE HE1    H N N 398 
PHE HE2    H N N 399 
PHE HZ     H N N 400 
PHE HXT    H N N 401 
PRO N      N N N 402 
PRO CA     C N S 403 
PRO C      C N N 404 
PRO O      O N N 405 
PRO CB     C N N 406 
PRO CG     C N N 407 
PRO CD     C N N 408 
PRO OXT    O N N 409 
PRO H      H N N 410 
PRO HA     H N N 411 
PRO HB2    H N N 412 
PRO HB3    H N N 413 
PRO HG2    H N N 414 
PRO HG3    H N N 415 
PRO HD2    H N N 416 
PRO HD3    H N N 417 
PRO HXT    H N N 418 
SER N      N N N 419 
SER CA     C N S 420 
SER C      C N N 421 
SER O      O N N 422 
SER CB     C N N 423 
SER OG     O N N 424 
SER OXT    O N N 425 
SER H      H N N 426 
SER H2     H N N 427 
SER HA     H N N 428 
SER HB2    H N N 429 
SER HB3    H N N 430 
SER HG     H N N 431 
SER HXT    H N N 432 
THR N      N N N 433 
THR CA     C N S 434 
THR C      C N N 435 
THR O      O N N 436 
THR CB     C N R 437 
THR OG1    O N N 438 
THR CG2    C N N 439 
THR OXT    O N N 440 
THR H      H N N 441 
THR H2     H N N 442 
THR HA     H N N 443 
THR HB     H N N 444 
THR HG1    H N N 445 
THR HG21   H N N 446 
THR HG22   H N N 447 
THR HG23   H N N 448 
THR HXT    H N N 449 
TRP N      N N N 450 
TRP CA     C N S 451 
TRP C      C N N 452 
TRP O      O N N 453 
TRP CB     C N N 454 
TRP CG     C Y N 455 
TRP CD1    C Y N 456 
TRP CD2    C Y N 457 
TRP NE1    N Y N 458 
TRP CE2    C Y N 459 
TRP CE3    C Y N 460 
TRP CZ2    C Y N 461 
TRP CZ3    C Y N 462 
TRP CH2    C Y N 463 
TRP OXT    O N N 464 
TRP H      H N N 465 
TRP H2     H N N 466 
TRP HA     H N N 467 
TRP HB2    H N N 468 
TRP HB3    H N N 469 
TRP HD1    H N N 470 
TRP HE1    H N N 471 
TRP HE3    H N N 472 
TRP HZ2    H N N 473 
TRP HZ3    H N N 474 
TRP HH2    H N N 475 
TRP HXT    H N N 476 
TYR N      N N N 477 
TYR CA     C N S 478 
TYR C      C N N 479 
TYR O      O N N 480 
TYR CB     C N N 481 
TYR CG     C Y N 482 
TYR CD1    C Y N 483 
TYR CD2    C Y N 484 
TYR CE1    C Y N 485 
TYR CE2    C Y N 486 
TYR CZ     C Y N 487 
TYR OH     O N N 488 
TYR OXT    O N N 489 
TYR H      H N N 490 
TYR H2     H N N 491 
TYR HA     H N N 492 
TYR HB2    H N N 493 
TYR HB3    H N N 494 
TYR HD1    H N N 495 
TYR HD2    H N N 496 
TYR HE1    H N N 497 
TYR HE2    H N N 498 
TYR HH     H N N 499 
TYR HXT    H N N 500 
VAL N      N N N 501 
VAL CA     C N S 502 
VAL C      C N N 503 
VAL O      O N N 504 
VAL CB     C N N 505 
VAL CG1    C N N 506 
VAL CG2    C N N 507 
VAL OXT    O N N 508 
VAL H      H N N 509 
VAL H2     H N N 510 
VAL HA     H N N 511 
VAL HB     H N N 512 
VAL HG11   H N N 513 
VAL HG12   H N N 514 
VAL HG13   H N N 515 
VAL HG21   H N N 516 
VAL HG22   H N N 517 
VAL HG23   H N N 518 
VAL HXT    H N N 519 
# 
loop_
_chem_comp_bond.comp_id 
_chem_comp_bond.atom_id_1 
_chem_comp_bond.atom_id_2 
_chem_comp_bond.value_order 
_chem_comp_bond.pdbx_aromatic_flag 
_chem_comp_bond.pdbx_stereo_config 
_chem_comp_bond.pdbx_ordinal 
ALA N     CA     sing N N 1   
ALA N     H      sing N N 2   
ALA N     H2     sing N N 3   
ALA CA    C      sing N N 4   
ALA CA    CB     sing N N 5   
ALA CA    HA     sing N N 6   
ALA C     O      doub N N 7   
ALA C     OXT    sing N N 8   
ALA CB    HB1    sing N N 9   
ALA CB    HB2    sing N N 10  
ALA CB    HB3    sing N N 11  
ALA OXT   HXT    sing N N 12  
ARG N     CA     sing N N 13  
ARG N     H      sing N N 14  
ARG N     H2     sing N N 15  
ARG CA    C      sing N N 16  
ARG CA    CB     sing N N 17  
ARG CA    HA     sing N N 18  
ARG C     O      doub N N 19  
ARG C     OXT    sing N N 20  
ARG CB    CG     sing N N 21  
ARG CB    HB2    sing N N 22  
ARG CB    HB3    sing N N 23  
ARG CG    CD     sing N N 24  
ARG CG    HG2    sing N N 25  
ARG CG    HG3    sing N N 26  
ARG CD    NE     sing N N 27  
ARG CD    HD2    sing N N 28  
ARG CD    HD3    sing N N 29  
ARG NE    CZ     sing N N 30  
ARG NE    HE     sing N N 31  
ARG CZ    NH1    sing N N 32  
ARG CZ    NH2    doub N N 33  
ARG NH1   HH11   sing N N 34  
ARG NH1   HH12   sing N N 35  
ARG NH2   HH21   sing N N 36  
ARG NH2   HH22   sing N N 37  
ARG OXT   HXT    sing N N 38  
ASN N     CA     sing N N 39  
ASN N     H      sing N N 40  
ASN N     H2     sing N N 41  
ASN CA    C      sing N N 42  
ASN CA    CB     sing N N 43  
ASN CA    HA     sing N N 44  
ASN C     O      doub N N 45  
ASN C     OXT    sing N N 46  
ASN CB    CG     sing N N 47  
ASN CB    HB2    sing N N 48  
ASN CB    HB3    sing N N 49  
ASN CG    OD1    doub N N 50  
ASN CG    ND2    sing N N 51  
ASN ND2   HD21   sing N N 52  
ASN ND2   HD22   sing N N 53  
ASN OXT   HXT    sing N N 54  
ASP N     CA     sing N N 55  
ASP N     H      sing N N 56  
ASP N     H2     sing N N 57  
ASP CA    C      sing N N 58  
ASP CA    CB     sing N N 59  
ASP CA    HA     sing N N 60  
ASP C     O      doub N N 61  
ASP C     OXT    sing N N 62  
ASP CB    CG     sing N N 63  
ASP CB    HB2    sing N N 64  
ASP CB    HB3    sing N N 65  
ASP CG    OD1    doub N N 66  
ASP CG    OD2    sing N N 67  
ASP OD2   HD2    sing N N 68  
ASP OXT   HXT    sing N N 69  
DA  OP3   P      sing N N 70  
DA  OP3   HOP3   sing N N 71  
DA  P     OP1    doub N N 72  
DA  P     OP2    sing N N 73  
DA  P     "O5'"  sing N N 74  
DA  OP2   HOP2   sing N N 75  
DA  "O5'" "C5'"  sing N N 76  
DA  "C5'" "C4'"  sing N N 77  
DA  "C5'" "H5'"  sing N N 78  
DA  "C5'" "H5''" sing N N 79  
DA  "C4'" "O4'"  sing N N 80  
DA  "C4'" "C3'"  sing N N 81  
DA  "C4'" "H4'"  sing N N 82  
DA  "O4'" "C1'"  sing N N 83  
DA  "C3'" "O3'"  sing N N 84  
DA  "C3'" "C2'"  sing N N 85  
DA  "C3'" "H3'"  sing N N 86  
DA  "O3'" "HO3'" sing N N 87  
DA  "C2'" "C1'"  sing N N 88  
DA  "C2'" "H2'"  sing N N 89  
DA  "C2'" "H2''" sing N N 90  
DA  "C1'" N9     sing N N 91  
DA  "C1'" "H1'"  sing N N 92  
DA  N9    C8     sing Y N 93  
DA  N9    C4     sing Y N 94  
DA  C8    N7     doub Y N 95  
DA  C8    H8     sing N N 96  
DA  N7    C5     sing Y N 97  
DA  C5    C6     sing Y N 98  
DA  C5    C4     doub Y N 99  
DA  C6    N6     sing N N 100 
DA  C6    N1     doub Y N 101 
DA  N6    H61    sing N N 102 
DA  N6    H62    sing N N 103 
DA  N1    C2     sing Y N 104 
DA  C2    N3     doub Y N 105 
DA  C2    H2     sing N N 106 
DA  N3    C4     sing Y N 107 
DC  OP3   P      sing N N 108 
DC  OP3   HOP3   sing N N 109 
DC  P     OP1    doub N N 110 
DC  P     OP2    sing N N 111 
DC  P     "O5'"  sing N N 112 
DC  OP2   HOP2   sing N N 113 
DC  "O5'" "C5'"  sing N N 114 
DC  "C5'" "C4'"  sing N N 115 
DC  "C5'" "H5'"  sing N N 116 
DC  "C5'" "H5''" sing N N 117 
DC  "C4'" "O4'"  sing N N 118 
DC  "C4'" "C3'"  sing N N 119 
DC  "C4'" "H4'"  sing N N 120 
DC  "O4'" "C1'"  sing N N 121 
DC  "C3'" "O3'"  sing N N 122 
DC  "C3'" "C2'"  sing N N 123 
DC  "C3'" "H3'"  sing N N 124 
DC  "O3'" "HO3'" sing N N 125 
DC  "C2'" "C1'"  sing N N 126 
DC  "C2'" "H2'"  sing N N 127 
DC  "C2'" "H2''" sing N N 128 
DC  "C1'" N1     sing N N 129 
DC  "C1'" "H1'"  sing N N 130 
DC  N1    C2     sing N N 131 
DC  N1    C6     sing N N 132 
DC  C2    O2     doub N N 133 
DC  C2    N3     sing N N 134 
DC  N3    C4     doub N N 135 
DC  C4    N4     sing N N 136 
DC  C4    C5     sing N N 137 
DC  N4    H41    sing N N 138 
DC  N4    H42    sing N N 139 
DC  C5    C6     doub N N 140 
DC  C5    H5     sing N N 141 
DC  C6    H6     sing N N 142 
DG  OP3   P      sing N N 143 
DG  OP3   HOP3   sing N N 144 
DG  P     OP1    doub N N 145 
DG  P     OP2    sing N N 146 
DG  P     "O5'"  sing N N 147 
DG  OP2   HOP2   sing N N 148 
DG  "O5'" "C5'"  sing N N 149 
DG  "C5'" "C4'"  sing N N 150 
DG  "C5'" "H5'"  sing N N 151 
DG  "C5'" "H5''" sing N N 152 
DG  "C4'" "O4'"  sing N N 153 
DG  "C4'" "C3'"  sing N N 154 
DG  "C4'" "H4'"  sing N N 155 
DG  "O4'" "C1'"  sing N N 156 
DG  "C3'" "O3'"  sing N N 157 
DG  "C3'" "C2'"  sing N N 158 
DG  "C3'" "H3'"  sing N N 159 
DG  "O3'" "HO3'" sing N N 160 
DG  "C2'" "C1'"  sing N N 161 
DG  "C2'" "H2'"  sing N N 162 
DG  "C2'" "H2''" sing N N 163 
DG  "C1'" N9     sing N N 164 
DG  "C1'" "H1'"  sing N N 165 
DG  N9    C8     sing Y N 166 
DG  N9    C4     sing Y N 167 
DG  C8    N7     doub Y N 168 
DG  C8    H8     sing N N 169 
DG  N7    C5     sing Y N 170 
DG  C5    C6     sing N N 171 
DG  C5    C4     doub Y N 172 
DG  C6    O6     doub N N 173 
DG  C6    N1     sing N N 174 
DG  N1    C2     sing N N 175 
DG  N1    H1     sing N N 176 
DG  C2    N2     sing N N 177 
DG  C2    N3     doub N N 178 
DG  N2    H21    sing N N 179 
DG  N2    H22    sing N N 180 
DG  N3    C4     sing N N 181 
DT  OP3   P      sing N N 182 
DT  OP3   HOP3   sing N N 183 
DT  P     OP1    doub N N 184 
DT  P     OP2    sing N N 185 
DT  P     "O5'"  sing N N 186 
DT  OP2   HOP2   sing N N 187 
DT  "O5'" "C5'"  sing N N 188 
DT  "C5'" "C4'"  sing N N 189 
DT  "C5'" "H5'"  sing N N 190 
DT  "C5'" "H5''" sing N N 191 
DT  "C4'" "O4'"  sing N N 192 
DT  "C4'" "C3'"  sing N N 193 
DT  "C4'" "H4'"  sing N N 194 
DT  "O4'" "C1'"  sing N N 195 
DT  "C3'" "O3'"  sing N N 196 
DT  "C3'" "C2'"  sing N N 197 
DT  "C3'" "H3'"  sing N N 198 
DT  "O3'" "HO3'" sing N N 199 
DT  "C2'" "C1'"  sing N N 200 
DT  "C2'" "H2'"  sing N N 201 
DT  "C2'" "H2''" sing N N 202 
DT  "C1'" N1     sing N N 203 
DT  "C1'" "H1'"  sing N N 204 
DT  N1    C2     sing N N 205 
DT  N1    C6     sing N N 206 
DT  C2    O2     doub N N 207 
DT  C2    N3     sing N N 208 
DT  N3    C4     sing N N 209 
DT  N3    H3     sing N N 210 
DT  C4    O4     doub N N 211 
DT  C4    C5     sing N N 212 
DT  C5    C7     sing N N 213 
DT  C5    C6     doub N N 214 
DT  C7    H71    sing N N 215 
DT  C7    H72    sing N N 216 
DT  C7    H73    sing N N 217 
DT  C6    H6     sing N N 218 
GLN N     CA     sing N N 219 
GLN N     H      sing N N 220 
GLN N     H2     sing N N 221 
GLN CA    C      sing N N 222 
GLN CA    CB     sing N N 223 
GLN CA    HA     sing N N 224 
GLN C     O      doub N N 225 
GLN C     OXT    sing N N 226 
GLN CB    CG     sing N N 227 
GLN CB    HB2    sing N N 228 
GLN CB    HB3    sing N N 229 
GLN CG    CD     sing N N 230 
GLN CG    HG2    sing N N 231 
GLN CG    HG3    sing N N 232 
GLN CD    OE1    doub N N 233 
GLN CD    NE2    sing N N 234 
GLN NE2   HE21   sing N N 235 
GLN NE2   HE22   sing N N 236 
GLN OXT   HXT    sing N N 237 
GLU N     CA     sing N N 238 
GLU N     H      sing N N 239 
GLU N     H2     sing N N 240 
GLU CA    C      sing N N 241 
GLU CA    CB     sing N N 242 
GLU CA    HA     sing N N 243 
GLU C     O      doub N N 244 
GLU C     OXT    sing N N 245 
GLU CB    CG     sing N N 246 
GLU CB    HB2    sing N N 247 
GLU CB    HB3    sing N N 248 
GLU CG    CD     sing N N 249 
GLU CG    HG2    sing N N 250 
GLU CG    HG3    sing N N 251 
GLU CD    OE1    doub N N 252 
GLU CD    OE2    sing N N 253 
GLU OE2   HE2    sing N N 254 
GLU OXT   HXT    sing N N 255 
GLY N     CA     sing N N 256 
GLY N     H      sing N N 257 
GLY N     H2     sing N N 258 
GLY CA    C      sing N N 259 
GLY CA    HA2    sing N N 260 
GLY CA    HA3    sing N N 261 
GLY C     O      doub N N 262 
GLY C     OXT    sing N N 263 
GLY OXT   HXT    sing N N 264 
HIS N     CA     sing N N 265 
HIS N     H      sing N N 266 
HIS N     H2     sing N N 267 
HIS CA    C      sing N N 268 
HIS CA    CB     sing N N 269 
HIS CA    HA     sing N N 270 
HIS C     O      doub N N 271 
HIS C     OXT    sing N N 272 
HIS CB    CG     sing N N 273 
HIS CB    HB2    sing N N 274 
HIS CB    HB3    sing N N 275 
HIS CG    ND1    sing Y N 276 
HIS CG    CD2    doub Y N 277 
HIS ND1   CE1    doub Y N 278 
HIS ND1   HD1    sing N N 279 
HIS CD2   NE2    sing Y N 280 
HIS CD2   HD2    sing N N 281 
HIS CE1   NE2    sing Y N 282 
HIS CE1   HE1    sing N N 283 
HIS NE2   HE2    sing N N 284 
HIS OXT   HXT    sing N N 285 
HOH O     H1     sing N N 286 
HOH O     H2     sing N N 287 
ILE N     CA     sing N N 288 
ILE N     H      sing N N 289 
ILE N     H2     sing N N 290 
ILE CA    C      sing N N 291 
ILE CA    CB     sing N N 292 
ILE CA    HA     sing N N 293 
ILE C     O      doub N N 294 
ILE C     OXT    sing N N 295 
ILE CB    CG1    sing N N 296 
ILE CB    CG2    sing N N 297 
ILE CB    HB     sing N N 298 
ILE CG1   CD1    sing N N 299 
ILE CG1   HG12   sing N N 300 
ILE CG1   HG13   sing N N 301 
ILE CG2   HG21   sing N N 302 
ILE CG2   HG22   sing N N 303 
ILE CG2   HG23   sing N N 304 
ILE CD1   HD11   sing N N 305 
ILE CD1   HD12   sing N N 306 
ILE CD1   HD13   sing N N 307 
ILE OXT   HXT    sing N N 308 
LEU N     CA     sing N N 309 
LEU N     H      sing N N 310 
LEU N     H2     sing N N 311 
LEU CA    C      sing N N 312 
LEU CA    CB     sing N N 313 
LEU CA    HA     sing N N 314 
LEU C     O      doub N N 315 
LEU C     OXT    sing N N 316 
LEU CB    CG     sing N N 317 
LEU CB    HB2    sing N N 318 
LEU CB    HB3    sing N N 319 
LEU CG    CD1    sing N N 320 
LEU CG    CD2    sing N N 321 
LEU CG    HG     sing N N 322 
LEU CD1   HD11   sing N N 323 
LEU CD1   HD12   sing N N 324 
LEU CD1   HD13   sing N N 325 
LEU CD2   HD21   sing N N 326 
LEU CD2   HD22   sing N N 327 
LEU CD2   HD23   sing N N 328 
LEU OXT   HXT    sing N N 329 
LYS N     CA     sing N N 330 
LYS N     H      sing N N 331 
LYS N     H2     sing N N 332 
LYS CA    C      sing N N 333 
LYS CA    CB     sing N N 334 
LYS CA    HA     sing N N 335 
LYS C     O      doub N N 336 
LYS C     OXT    sing N N 337 
LYS CB    CG     sing N N 338 
LYS CB    HB2    sing N N 339 
LYS CB    HB3    sing N N 340 
LYS CG    CD     sing N N 341 
LYS CG    HG2    sing N N 342 
LYS CG    HG3    sing N N 343 
LYS CD    CE     sing N N 344 
LYS CD    HD2    sing N N 345 
LYS CD    HD3    sing N N 346 
LYS CE    NZ     sing N N 347 
LYS CE    HE2    sing N N 348 
LYS CE    HE3    sing N N 349 
LYS NZ    HZ1    sing N N 350 
LYS NZ    HZ2    sing N N 351 
LYS NZ    HZ3    sing N N 352 
LYS OXT   HXT    sing N N 353 
MET N     CA     sing N N 354 
MET N     H      sing N N 355 
MET N     H2     sing N N 356 
MET CA    C      sing N N 357 
MET CA    CB     sing N N 358 
MET CA    HA     sing N N 359 
MET C     O      doub N N 360 
MET C     OXT    sing N N 361 
MET CB    CG     sing N N 362 
MET CB    HB2    sing N N 363 
MET CB    HB3    sing N N 364 
MET CG    SD     sing N N 365 
MET CG    HG2    sing N N 366 
MET CG    HG3    sing N N 367 
MET SD    CE     sing N N 368 
MET CE    HE1    sing N N 369 
MET CE    HE2    sing N N 370 
MET CE    HE3    sing N N 371 
MET OXT   HXT    sing N N 372 
PHE N     CA     sing N N 373 
PHE N     H      sing N N 374 
PHE N     H2     sing N N 375 
PHE CA    C      sing N N 376 
PHE CA    CB     sing N N 377 
PHE CA    HA     sing N N 378 
PHE C     O      doub N N 379 
PHE C     OXT    sing N N 380 
PHE CB    CG     sing N N 381 
PHE CB    HB2    sing N N 382 
PHE CB    HB3    sing N N 383 
PHE CG    CD1    doub Y N 384 
PHE CG    CD2    sing Y N 385 
PHE CD1   CE1    sing Y N 386 
PHE CD1   HD1    sing N N 387 
PHE CD2   CE2    doub Y N 388 
PHE CD2   HD2    sing N N 389 
PHE CE1   CZ     doub Y N 390 
PHE CE1   HE1    sing N N 391 
PHE CE2   CZ     sing Y N 392 
PHE CE2   HE2    sing N N 393 
PHE CZ    HZ     sing N N 394 
PHE OXT   HXT    sing N N 395 
PRO N     CA     sing N N 396 
PRO N     CD     sing N N 397 
PRO N     H      sing N N 398 
PRO CA    C      sing N N 399 
PRO CA    CB     sing N N 400 
PRO CA    HA     sing N N 401 
PRO C     O      doub N N 402 
PRO C     OXT    sing N N 403 
PRO CB    CG     sing N N 404 
PRO CB    HB2    sing N N 405 
PRO CB    HB3    sing N N 406 
PRO CG    CD     sing N N 407 
PRO CG    HG2    sing N N 408 
PRO CG    HG3    sing N N 409 
PRO CD    HD2    sing N N 410 
PRO CD    HD3    sing N N 411 
PRO OXT   HXT    sing N N 412 
SER N     CA     sing N N 413 
SER N     H      sing N N 414 
SER N     H2     sing N N 415 
SER CA    C      sing N N 416 
SER CA    CB     sing N N 417 
SER CA    HA     sing N N 418 
SER C     O      doub N N 419 
SER C     OXT    sing N N 420 
SER CB    OG     sing N N 421 
SER CB    HB2    sing N N 422 
SER CB    HB3    sing N N 423 
SER OG    HG     sing N N 424 
SER OXT   HXT    sing N N 425 
THR N     CA     sing N N 426 
THR N     H      sing N N 427 
THR N     H2     sing N N 428 
THR CA    C      sing N N 429 
THR CA    CB     sing N N 430 
THR CA    HA     sing N N 431 
THR C     O      doub N N 432 
THR C     OXT    sing N N 433 
THR CB    OG1    sing N N 434 
THR CB    CG2    sing N N 435 
THR CB    HB     sing N N 436 
THR OG1   HG1    sing N N 437 
THR CG2   HG21   sing N N 438 
THR CG2   HG22   sing N N 439 
THR CG2   HG23   sing N N 440 
THR OXT   HXT    sing N N 441 
TRP N     CA     sing N N 442 
TRP N     H      sing N N 443 
TRP N     H2     sing N N 444 
TRP CA    C      sing N N 445 
TRP CA    CB     sing N N 446 
TRP CA    HA     sing N N 447 
TRP C     O      doub N N 448 
TRP C     OXT    sing N N 449 
TRP CB    CG     sing N N 450 
TRP CB    HB2    sing N N 451 
TRP CB    HB3    sing N N 452 
TRP CG    CD1    doub Y N 453 
TRP CG    CD2    sing Y N 454 
TRP CD1   NE1    sing Y N 455 
TRP CD1   HD1    sing N N 456 
TRP CD2   CE2    doub Y N 457 
TRP CD2   CE3    sing Y N 458 
TRP NE1   CE2    sing Y N 459 
TRP NE1   HE1    sing N N 460 
TRP CE2   CZ2    sing Y N 461 
TRP CE3   CZ3    doub Y N 462 
TRP CE3   HE3    sing N N 463 
TRP CZ2   CH2    doub Y N 464 
TRP CZ2   HZ2    sing N N 465 
TRP CZ3   CH2    sing Y N 466 
TRP CZ3   HZ3    sing N N 467 
TRP CH2   HH2    sing N N 468 
TRP OXT   HXT    sing N N 469 
TYR N     CA     sing N N 470 
TYR N     H      sing N N 471 
TYR N     H2     sing N N 472 
TYR CA    C      sing N N 473 
TYR CA    CB     sing N N 474 
TYR CA    HA     sing N N 475 
TYR C     O      doub N N 476 
TYR C     OXT    sing N N 477 
TYR CB    CG     sing N N 478 
TYR CB    HB2    sing N N 479 
TYR CB    HB3    sing N N 480 
TYR CG    CD1    doub Y N 481 
TYR CG    CD2    sing Y N 482 
TYR CD1   CE1    sing Y N 483 
TYR CD1   HD1    sing N N 484 
TYR CD2   CE2    doub Y N 485 
TYR CD2   HD2    sing N N 486 
TYR CE1   CZ     doub Y N 487 
TYR CE1   HE1    sing N N 488 
TYR CE2   CZ     sing Y N 489 
TYR CE2   HE2    sing N N 490 
TYR CZ    OH     sing N N 491 
TYR OH    HH     sing N N 492 
TYR OXT   HXT    sing N N 493 
VAL N     CA     sing N N 494 
VAL N     H      sing N N 495 
VAL N     H2     sing N N 496 
VAL CA    C      sing N N 497 
VAL CA    CB     sing N N 498 
VAL CA    HA     sing N N 499 
VAL C     O      doub N N 500 
VAL C     OXT    sing N N 501 
VAL CB    CG1    sing N N 502 
VAL CB    CG2    sing N N 503 
VAL CB    HB     sing N N 504 
VAL CG1   HG11   sing N N 505 
VAL CG1   HG12   sing N N 506 
VAL CG1   HG13   sing N N 507 
VAL CG2   HG21   sing N N 508 
VAL CG2   HG22   sing N N 509 
VAL CG2   HG23   sing N N 510 
VAL OXT   HXT    sing N N 511 
# 
loop_
_ndb_struct_conf_na.entry_id 
_ndb_struct_conf_na.feature 
5D5W 'double helix'        
5D5W 'b-form double helix' 
# 
loop_
_ndb_struct_na_base_pair.model_number 
_ndb_struct_na_base_pair.i_label_asym_id 
_ndb_struct_na_base_pair.i_label_comp_id 
_ndb_struct_na_base_pair.i_label_seq_id 
_ndb_struct_na_base_pair.i_symmetry 
_ndb_struct_na_base_pair.j_label_asym_id 
_ndb_struct_na_base_pair.j_label_comp_id 
_ndb_struct_na_base_pair.j_label_seq_id 
_ndb_struct_na_base_pair.j_symmetry 
_ndb_struct_na_base_pair.shear 
_ndb_struct_na_base_pair.stretch 
_ndb_struct_na_base_pair.stagger 
_ndb_struct_na_base_pair.buckle 
_ndb_struct_na_base_pair.propeller 
_ndb_struct_na_base_pair.opening 
_ndb_struct_na_base_pair.pair_number 
_ndb_struct_na_base_pair.pair_name 
_ndb_struct_na_base_pair.i_auth_asym_id 
_ndb_struct_na_base_pair.i_auth_seq_id 
_ndb_struct_na_base_pair.i_PDB_ins_code 
_ndb_struct_na_base_pair.j_auth_asym_id 
_ndb_struct_na_base_pair.j_auth_seq_id 
_ndb_struct_na_base_pair.j_PDB_ins_code 
_ndb_struct_na_base_pair.hbond_type_28 
_ndb_struct_na_base_pair.hbond_type_12 
1 A DG 1  1_555 A DC 12 3_555 -0.444 -0.444 0.130  1.944  -7.480  -5.066 1  A_DG1:DC12_A A 1  ? A 12 ? 19 1 
1 A DG 2  1_555 A DC 11 3_555 -0.245 -0.068 0.133  -0.544 -13.642 -1.317 2  A_DG2:DC11_A A 2  ? A 11 ? 19 1 
1 A DT 3  1_555 A DA 10 3_555 0.041  -0.205 0.184  -6.228 -17.796 -3.371 3  A_DT3:DA10_A A 3  ? A 10 ? 20 1 
1 A DT 4  1_555 A DA 9  3_555 -0.225 -0.275 -0.137 -2.194 -16.809 -1.058 4  A_DT4:DA9_A  A 4  ? A 9  ? 20 1 
1 A DC 5  1_555 A DG 8  3_555 0.004  -0.191 -0.187 2.031  -9.717  0.107  5  A_DC5:DG8_A  A 5  ? A 8  ? 19 1 
1 A DT 6  1_555 A DA 7  3_555 -0.194 -0.251 0.037  -1.136 -6.073  -0.774 6  A_DT6:DA7_A  A 6  ? A 7  ? 20 1 
1 A DA 7  1_555 A DT 6  3_555 0.194  -0.251 0.037  1.136  -6.073  -0.774 7  A_DA7:DT6_A  A 7  ? A 6  ? 20 1 
1 A DG 8  1_555 A DC 5  3_555 -0.004 -0.191 -0.187 -2.031 -9.717  0.107  8  A_DG8:DC5_A  A 8  ? A 5  ? 19 1 
1 A DA 9  1_555 A DT 4  3_555 0.225  -0.275 -0.137 2.194  -16.809 -1.058 9  A_DA9:DT4_A  A 9  ? A 4  ? 20 1 
1 A DA 10 1_555 A DT 3  3_555 -0.041 -0.205 0.184  6.228  -17.796 -3.371 10 A_DA10:DT3_A A 10 ? A 3  ? 20 1 
1 A DC 11 1_555 A DG 2  3_555 0.245  -0.068 0.133  0.544  -13.642 -1.317 11 A_DC11:DG2_A A 11 ? A 2  ? 19 1 
1 A DC 12 1_555 A DG 1  3_555 0.444  -0.444 0.130  -1.944 -7.480  -5.066 12 A_DC12:DG1_A A 12 ? A 1  ? 19 1 
# 
loop_
_ndb_struct_na_base_pair_step.model_number 
_ndb_struct_na_base_pair_step.i_label_asym_id_1 
_ndb_struct_na_base_pair_step.i_label_comp_id_1 
_ndb_struct_na_base_pair_step.i_label_seq_id_1 
_ndb_struct_na_base_pair_step.i_symmetry_1 
_ndb_struct_na_base_pair_step.j_label_asym_id_1 
_ndb_struct_na_base_pair_step.j_label_comp_id_1 
_ndb_struct_na_base_pair_step.j_label_seq_id_1 
_ndb_struct_na_base_pair_step.j_symmetry_1 
_ndb_struct_na_base_pair_step.i_label_asym_id_2 
_ndb_struct_na_base_pair_step.i_label_comp_id_2 
_ndb_struct_na_base_pair_step.i_label_seq_id_2 
_ndb_struct_na_base_pair_step.i_symmetry_2 
_ndb_struct_na_base_pair_step.j_label_asym_id_2 
_ndb_struct_na_base_pair_step.j_label_comp_id_2 
_ndb_struct_na_base_pair_step.j_label_seq_id_2 
_ndb_struct_na_base_pair_step.j_symmetry_2 
_ndb_struct_na_base_pair_step.shift 
_ndb_struct_na_base_pair_step.slide 
_ndb_struct_na_base_pair_step.rise 
_ndb_struct_na_base_pair_step.tilt 
_ndb_struct_na_base_pair_step.roll 
_ndb_struct_na_base_pair_step.twist 
_ndb_struct_na_base_pair_step.x_displacement 
_ndb_struct_na_base_pair_step.y_displacement 
_ndb_struct_na_base_pair_step.helical_rise 
_ndb_struct_na_base_pair_step.inclination 
_ndb_struct_na_base_pair_step.tip 
_ndb_struct_na_base_pair_step.helical_twist 
_ndb_struct_na_base_pair_step.step_number 
_ndb_struct_na_base_pair_step.step_name 
_ndb_struct_na_base_pair_step.i_auth_asym_id_1 
_ndb_struct_na_base_pair_step.i_auth_seq_id_1 
_ndb_struct_na_base_pair_step.i_PDB_ins_code_1 
_ndb_struct_na_base_pair_step.j_auth_asym_id_1 
_ndb_struct_na_base_pair_step.j_auth_seq_id_1 
_ndb_struct_na_base_pair_step.j_PDB_ins_code_1 
_ndb_struct_na_base_pair_step.i_auth_asym_id_2 
_ndb_struct_na_base_pair_step.i_auth_seq_id_2 
_ndb_struct_na_base_pair_step.i_PDB_ins_code_2 
_ndb_struct_na_base_pair_step.j_auth_asym_id_2 
_ndb_struct_na_base_pair_step.j_auth_seq_id_2 
_ndb_struct_na_base_pair_step.j_PDB_ins_code_2 
1 A DG 1  1_555 A DC 12 3_555 A DG 2  1_555 A DC 11 3_555 -0.293 -0.336 3.388 -1.249 -1.701 38.363 -0.291 0.283  3.407 -2.586 
1.898  38.419 1  AA_DG1DG2:DC11DC12_AA A 1  ? A 12 ? A 2  ? A 11 ? 
1 A DG 2  1_555 A DC 11 3_555 A DT 3  1_555 A DA 10 3_555 -0.105 -0.099 3.414 0.088  -1.877 38.629 0.092  0.171  3.415 -2.836 
-0.133 38.673 2  AA_DG2DT3:DA10DC11_AA A 2  ? A 11 ? A 3  ? A 10 ? 
1 A DT 3  1_555 A DA 10 3_555 A DT 4  1_555 A DA 9  3_555 0.129  -0.290 3.167 2.526  4.342  31.339 -1.299 0.211  3.100 7.973  
-4.639 31.729 3  AA_DT3DT4:DA9DA10_AA  A 3  ? A 10 ? A 4  ? A 9  ? 
1 A DT 4  1_555 A DA 9  3_555 A DC 5  1_555 A DG 8  3_555 -0.034 0.029  3.224 0.048  3.607  33.071 -0.544 0.067  3.209 6.314  
-0.085 33.262 4  AA_DT4DC5:DG8DA9_AA   A 4  ? A 9  ? A 5  ? A 8  ? 
1 A DC 5  1_555 A DG 8  3_555 A DT 6  1_555 A DA 7  3_555 0.885  -0.414 3.410 1.781  1.354  36.115 -0.865 -1.162 3.432 2.181  
-2.870 36.182 5  AA_DC5DT6:DA7DG8_AA   A 5  ? A 8  ? A 6  ? A 7  ? 
1 A DT 6  1_555 A DA 7  3_555 A DA 7  1_555 A DT 6  3_555 0.000  -0.624 3.365 0.000  -1.435 34.047 -0.829 0.000  3.388 -2.449 
0.000  34.076 6  AA_DT6DA7:DT6DA7_AA   A 6  ? A 7  ? A 7  ? A 6  ? 
1 A DA 7  1_555 A DT 6  3_555 A DG 8  1_555 A DC 5  3_555 -0.885 -0.414 3.410 -1.781 1.354  36.115 -0.865 1.162  3.432 2.181  
2.870  36.182 7  AA_DA7DG8:DC5DT6_AA   A 7  ? A 6  ? A 8  ? A 5  ? 
1 A DG 8  1_555 A DC 5  3_555 A DA 9  1_555 A DT 4  3_555 0.034  0.029  3.224 -0.048 3.607  33.071 -0.544 -0.067 3.209 6.314  
0.085  33.262 8  AA_DG8DA9:DT4DC5_AA   A 8  ? A 5  ? A 9  ? A 4  ? 
1 A DA 9  1_555 A DT 4  3_555 A DA 10 1_555 A DT 3  3_555 -0.129 -0.290 3.167 -2.526 4.342  31.339 -1.299 -0.211 3.100 7.973  
4.639  31.729 9  AA_DA9DA10:DT3DT4_AA  A 9  ? A 4  ? A 10 ? A 3  ? 
1 A DA 10 1_555 A DT 3  3_555 A DC 11 1_555 A DG 2  3_555 0.105  -0.099 3.414 -0.088 -1.877 38.629 0.092  -0.171 3.415 -2.836 
0.133  38.673 10 AA_DA10DC11:DG2DT3_AA A 10 ? A 3  ? A 11 ? A 2  ? 
1 A DC 11 1_555 A DG 2  3_555 A DC 12 1_555 A DG 1  3_555 0.293  -0.336 3.388 1.249  -1.701 38.363 -0.291 -0.283 3.407 -2.586 
-1.898 38.419 11 AA_DC11DC12:DG1DG2_AA A 11 ? A 2  ? A 12 ? A 1  ? 
# 
_pdbx_initial_refinement_model.id               1 
_pdbx_initial_refinement_model.entity_id_list   ? 
_pdbx_initial_refinement_model.type             'experimental model' 
_pdbx_initial_refinement_model.source_name      PDB 
_pdbx_initial_refinement_model.accession_code   3HTS 
_pdbx_initial_refinement_model.details          ? 
# 
_atom_sites.entry_id                    5D5W 
_atom_sites.fract_transf_matrix[1][1]   -0.00355785 
_atom_sites.fract_transf_matrix[1][2]   -0.02037304 
_atom_sites.fract_transf_matrix[1][3]   0.01430041 
_atom_sites.fract_transf_matrix[2][1]   -0.01012677 
_atom_sites.fract_transf_matrix[2][2]   0.00556277 
_atom_sites.fract_transf_matrix[2][3]   0.00540551 
_atom_sites.fract_transf_matrix[3][1]   -0.00656488 
_atom_sites.fract_transf_matrix[3][2]   -0.00434662 
_atom_sites.fract_transf_matrix[3][3]   -0.00782569 
_atom_sites.fract_transf_vector[1]      0.143215 
_atom_sites.fract_transf_vector[2]      0.110947 
_atom_sites.fract_transf_vector[3]      0.098306 
# 
loop_
_atom_type.symbol 
C 
N 
O 
P 
S 
# 
loop_
_atom_site.group_PDB 
_atom_site.id 
_atom_site.type_symbol 
_atom_site.label_atom_id 
_atom_site.label_alt_id 
_atom_site.label_comp_id 
_atom_site.label_asym_id 
_atom_site.label_entity_id 
_atom_site.label_seq_id 
_atom_site.pdbx_PDB_ins_code 
_atom_site.Cartn_x 
_atom_site.Cartn_y 
_atom_site.Cartn_z 
_atom_site.occupancy 
_atom_site.B_iso_or_equiv 
_atom_site.pdbx_formal_charge 
_atom_site.auth_seq_id 
_atom_site.auth_comp_id 
_atom_site.auth_asym_id 
_atom_site.auth_atom_id 
_atom_site.pdbx_PDB_model_num 
ATOM   1    O "O5'" . DG  A 1 1   ? -14.544 -4.694  9.697   1.00 91.45  ? 1   DG  A "O5'" 1 
ATOM   2    C "C5'" . DG  A 1 1   ? -15.146 -6.004  9.584   1.00 83.79  ? 1   DG  A "C5'" 1 
ATOM   3    C "C4'" . DG  A 1 1   ? -14.779 -6.654  8.267   1.00 74.90  ? 1   DG  A "C4'" 1 
ATOM   4    O "O4'" . DG  A 1 1   ? -15.697 -7.608  7.687   1.00 68.46  ? 1   DG  A "O4'" 1 
ATOM   5    C "C3'" . DG  A 1 1   ? -14.099 -5.912  7.117   1.00 70.16  ? 1   DG  A "C3'" 1 
ATOM   6    O "O3'" . DG  A 1 1   ? -12.887 -6.584  6.775   1.00 67.77  ? 1   DG  A "O3'" 1 
ATOM   7    C "C2'" . DG  A 1 1   ? -15.112 -6.047  5.998   1.00 65.69  ? 1   DG  A "C2'" 1 
ATOM   8    C "C1'" . DG  A 1 1   ? -15.756 -7.403  6.280   1.00 63.95  ? 1   DG  A "C1'" 1 
ATOM   9    N N9    . DG  A 1 1   ? -17.153 -7.517  5.877   1.00 58.77  ? 1   DG  A N9    1 
ATOM   10   C C8    . DG  A 1 1   ? -18.230 -6.852  6.412   1.00 55.96  ? 1   DG  A C8    1 
ATOM   11   N N7    . DG  A 1 1   ? -19.361 -7.173  5.847   1.00 54.35  ? 1   DG  A N7    1 
ATOM   12   C C5    . DG  A 1 1   ? -19.012 -8.111  4.886   1.00 53.95  ? 1   DG  A C5    1 
ATOM   13   C C6    . DG  A 1 1   ? -19.816 -8.822  3.962   1.00 57.24  ? 1   DG  A C6    1 
ATOM   14   O O6    . DG  A 1 1   ? -21.042 -8.762  3.802   1.00 58.68  ? 1   DG  A O6    1 
ATOM   15   N N1    . DG  A 1 1   ? -19.053 -9.674  3.169   1.00 55.50  ? 1   DG  A N1    1 
ATOM   16   C C2    . DG  A 1 1   ? -17.691 -9.824  3.254   1.00 55.73  ? 1   DG  A C2    1 
ATOM   17   N N2    . DG  A 1 1   ? -17.133 -10.692 2.396   1.00 59.03  ? 1   DG  A N2    1 
ATOM   18   N N3    . DG  A 1 1   ? -16.930 -9.167  4.112   1.00 54.17  ? 1   DG  A N3    1 
ATOM   19   C C4    . DG  A 1 1   ? -17.651 -8.336  4.893   1.00 56.53  ? 1   DG  A C4    1 
ATOM   20   P P     . DG  A 1 2   ? -11.874 -5.936  5.735   1.00 64.87  ? 2   DG  A P     1 
ATOM   21   O OP1   . DG  A 1 2   ? -10.495 -6.305  6.153   1.00 63.28  ? 2   DG  A OP1   1 
ATOM   22   O OP2   . DG  A 1 2   ? -12.251 -4.511  5.535   1.00 62.34  ? 2   DG  A OP2   1 
ATOM   23   O "O5'" . DG  A 1 2   ? -12.182 -6.719  4.384   1.00 63.80  ? 2   DG  A "O5'" 1 
ATOM   24   C "C5'" . DG  A 1 2   ? -11.912 -8.127  4.285   1.00 62.68  ? 2   DG  A "C5'" 1 
ATOM   25   C "C4'" . DG  A 1 2   ? -12.178 -8.635  2.887   1.00 58.76  ? 2   DG  A "C4'" 1 
ATOM   26   O "O4'" . DG  A 1 2   ? -13.599 -8.649  2.610   1.00 59.52  ? 2   DG  A "O4'" 1 
ATOM   27   C "C3'" . DG  A 1 2   ? -11.546 -7.826  1.756   1.00 56.85  ? 2   DG  A "C3'" 1 
ATOM   28   O "O3'" . DG  A 1 2   ? -11.135 -8.781  0.771   1.00 55.32  ? 2   DG  A "O3'" 1 
ATOM   29   C "C2'" . DG  A 1 2   ? -12.683 -6.930  1.299   1.00 56.28  ? 2   DG  A "C2'" 1 
ATOM   30   C "C1'" . DG  A 1 2   ? -13.889 -7.840  1.474   1.00 55.65  ? 2   DG  A "C1'" 1 
ATOM   31   N N9    . DG  A 1 2   ? -15.175 -7.192  1.714   1.00 49.01  ? 2   DG  A N9    1 
ATOM   32   C C8    . DG  A 1 2   ? -15.443 -6.199  2.625   1.00 50.08  ? 2   DG  A C8    1 
ATOM   33   N N7    . DG  A 1 2   ? -16.703 -5.856  2.652   1.00 48.95  ? 2   DG  A N7    1 
ATOM   34   C C5    . DG  A 1 2   ? -17.307 -6.690  1.721   1.00 42.99  ? 2   DG  A C5    1 
ATOM   35   C C6    . DG  A 1 2   ? -18.663 -6.783  1.313   1.00 43.54  ? 2   DG  A C6    1 
ATOM   36   O O6    . DG  A 1 2   ? -19.637 -6.130  1.714   1.00 45.22  ? 2   DG  A O6    1 
ATOM   37   N N1    . DG  A 1 2   ? -18.837 -7.752  0.330   1.00 41.37  ? 2   DG  A N1    1 
ATOM   38   C C2    . DG  A 1 2   ? -17.836 -8.536  -0.192  1.00 45.97  ? 2   DG  A C2    1 
ATOM   39   N N2    . DG  A 1 2   ? -18.204 -9.422  -1.132  1.00 47.47  ? 2   DG  A N2    1 
ATOM   40   N N3    . DG  A 1 2   ? -16.570 -8.470  0.192   1.00 45.28  ? 2   DG  A N3    1 
ATOM   41   C C4    . DG  A 1 2   ? -16.379 -7.530  1.142   1.00 45.21  ? 2   DG  A C4    1 
ATOM   42   P P     . DT  A 1 3   ? -10.295 -8.343  -0.496  1.00 55.54  ? 3   DT  A P     1 
ATOM   43   O OP1   . DT  A 1 3   ? -9.273  -9.398  -0.731  1.00 62.69  ? 3   DT  A OP1   1 
ATOM   44   O OP2   . DT  A 1 3   ? -9.875  -6.925  -0.327  1.00 55.48  ? 3   DT  A OP2   1 
ATOM   45   O "O5'" . DT  A 1 3   ? -11.370 -8.414  -1.664  1.00 53.67  ? 3   DT  A "O5'" 1 
ATOM   46   C "C5'" . DT  A 1 3   ? -11.980 -9.672  -1.984  1.00 51.63  ? 3   DT  A "C5'" 1 
ATOM   47   C "C4'" . DT  A 1 3   ? -13.087 -9.467  -2.989  1.00 47.99  ? 3   DT  A "C4'" 1 
ATOM   48   O "O4'" . DT  A 1 3   ? -14.158 -8.716  -2.379  1.00 46.86  ? 3   DT  A "O4'" 1 
ATOM   49   C "C3'" . DT  A 1 3   ? -12.677 -8.689  -4.240  1.00 46.82  ? 3   DT  A "C3'" 1 
ATOM   50   O "O3'" . DT  A 1 3   ? -12.995 -9.479  -5.384  1.00 47.26  ? 3   DT  A "O3'" 1 
ATOM   51   C "C2'" . DT  A 1 3   ? -13.504 -7.416  -4.173  1.00 44.78  ? 3   DT  A "C2'" 1 
ATOM   52   C "C1'" . DT  A 1 3   ? -14.695 -7.832  -3.334  1.00 42.73  ? 3   DT  A "C1'" 1 
ATOM   53   N N1    . DT  A 1 3   ? -15.366 -6.738  -2.602  1.00 40.43  ? 3   DT  A N1    1 
ATOM   54   C C2    . DT  A 1 3   ? -16.730 -6.587  -2.716  1.00 42.09  ? 3   DT  A C2    1 
ATOM   55   O O2    . DT  A 1 3   ? -17.425 -7.306  -3.415  1.00 45.53  ? 3   DT  A O2    1 
ATOM   56   N N3    . DT  A 1 3   ? -17.254 -5.555  -1.980  1.00 39.88  ? 3   DT  A N3    1 
ATOM   57   C C4    . DT  A 1 3   ? -16.562 -4.673  -1.171  1.00 41.95  ? 3   DT  A C4    1 
ATOM   58   O O4    . DT  A 1 3   ? -17.166 -3.783  -0.580  1.00 42.96  ? 3   DT  A O4    1 
ATOM   59   C C5    . DT  A 1 3   ? -15.137 -4.896  -1.093  1.00 39.77  ? 3   DT  A C5    1 
ATOM   60   C C7    . DT  A 1 3   ? -14.307 -4.000  -0.229  1.00 39.78  ? 3   DT  A C7    1 
ATOM   61   C C6    . DT  A 1 3   ? -14.618 -5.904  -1.801  1.00 38.40  ? 3   DT  A C6    1 
ATOM   62   P P     . DT  A 1 4   ? -12.630 -8.967  -6.837  1.00 51.00  ? 4   DT  A P     1 
ATOM   63   O OP1   . DT  A 1 4   ? -12.315 -10.157 -7.662  1.00 54.96  ? 4   DT  A OP1   1 
ATOM   64   O OP2   . DT  A 1 4   ? -11.651 -7.854  -6.711  1.00 48.77  ? 4   DT  A OP2   1 
ATOM   65   O "O5'" . DT  A 1 4   ? -14.008 -8.364  -7.365  1.00 49.75  ? 4   DT  A "O5'" 1 
ATOM   66   C "C5'" . DT  A 1 4   ? -15.208 -9.160  -7.366  1.00 45.31  ? 4   DT  A "C5'" 1 
ATOM   67   C "C4'" . DT  A 1 4   ? -16.380 -8.328  -7.830  1.00 44.78  ? 4   DT  A "C4'" 1 
ATOM   68   O "O4'" . DT  A 1 4   ? -16.795 -7.406  -6.792  1.00 42.08  ? 4   DT  A "O4'" 1 
ATOM   69   C "C3'" . DT  A 1 4   ? -16.094 -7.475  -9.066  1.00 46.45  ? 4   DT  A "C3'" 1 
ATOM   70   O "O3'" . DT  A 1 4   ? -17.117 -7.721  -10.030 1.00 52.68  ? 4   DT  A "O3'" 1 
ATOM   71   C "C2'" . DT  A 1 4   ? -16.122 -6.046  -8.550  1.00 42.94  ? 4   DT  A "C2'" 1 
ATOM   72   C "C1'" . DT  A 1 4   ? -17.079 -6.152  -7.378  1.00 40.41  ? 4   DT  A "C1'" 1 
ATOM   73   N N1    . DT  A 1 4   ? -16.946 -5.119  -6.329  1.00 37.87  ? 4   DT  A N1    1 
ATOM   74   C C2    . DT  A 1 4   ? -18.097 -4.580  -5.799  1.00 38.44  ? 4   DT  A C2    1 
ATOM   75   O O2    . DT  A 1 4   ? -19.217 -4.903  -6.164  1.00 41.16  ? 4   DT  A O2    1 
ATOM   76   N N3    . DT  A 1 4   ? -17.890 -3.634  -4.829  1.00 35.83  ? 4   DT  A N3    1 
ATOM   77   C C4    . DT  A 1 4   ? -16.676 -3.196  -4.335  1.00 37.00  ? 4   DT  A C4    1 
ATOM   78   O O4    . DT  A 1 4   ? -16.647 -2.353  -3.444  1.00 37.64  ? 4   DT  A O4    1 
ATOM   79   C C5    . DT  A 1 4   ? -15.514 -3.806  -4.930  1.00 35.01  ? 4   DT  A C5    1 
ATOM   80   C C7    . DT  A 1 4   ? -14.158 -3.374  -4.475  1.00 36.29  ? 4   DT  A C7    1 
ATOM   81   C C6    . DT  A 1 4   ? -15.704 -4.727  -5.881  1.00 36.41  ? 4   DT  A C6    1 
ATOM   82   P P     . DC  A 1 5   ? -16.905 -7.267  -11.542 1.00 61.89  ? 5   DC  A P     1 
ATOM   83   O OP1   . DC  A 1 5   ? -17.273 -8.419  -12.415 1.00 61.04  ? 5   DC  A OP1   1 
ATOM   84   O OP2   . DC  A 1 5   ? -15.562 -6.614  -11.661 1.00 53.74  ? 5   DC  A OP2   1 
ATOM   85   O "O5'" . DC  A 1 5   ? -17.999 -6.124  -11.710 1.00 57.34  ? 5   DC  A "O5'" 1 
ATOM   86   C "C5'" . DC  A 1 5   ? -19.394 -6.422  -11.578 1.00 51.29  ? 5   DC  A "C5'" 1 
ATOM   87   C "C4'" . DC  A 1 5   ? -20.160 -5.148  -11.311 1.00 48.14  ? 5   DC  A "C4'" 1 
ATOM   88   O "O4'" . DC  A 1 5   ? -19.679 -4.542  -10.095 1.00 45.10  ? 5   DC  A "O4'" 1 
ATOM   89   C "C3'" . DC  A 1 5   ? -20.052 -4.072  -12.398 1.00 46.67  ? 5   DC  A "C3'" 1 
ATOM   90   O "O3'" . DC  A 1 5   ? -21.352 -3.897  -12.965 1.00 47.65  ? 5   DC  A "O3'" 1 
ATOM   91   C "C2'" . DC  A 1 5   ? -19.537 -2.841  -11.665 1.00 45.68  ? 5   DC  A "C2'" 1 
ATOM   92   C "C1'" . DC  A 1 5   ? -19.829 -3.151  -10.211 1.00 42.67  ? 5   DC  A "C1'" 1 
ATOM   93   N N1    . DC  A 1 5   ? -18.933 -2.521  -9.233  1.00 41.54  ? 5   DC  A N1    1 
ATOM   94   C C2    . DC  A 1 5   ? -19.499 -1.758  -8.213  1.00 43.26  ? 5   DC  A C2    1 
ATOM   95   O O2    . DC  A 1 5   ? -20.732 -1.617  -8.186  1.00 51.10  ? 5   DC  A O2    1 
ATOM   96   N N3    . DC  A 1 5   ? -18.693 -1.169  -7.299  1.00 41.01  ? 5   DC  A N3    1 
ATOM   97   C C4    . DC  A 1 5   ? -17.369 -1.332  -7.374  1.00 42.46  ? 5   DC  A C4    1 
ATOM   98   N N4    . DC  A 1 5   ? -16.610 -0.745  -6.443  1.00 39.53  ? 5   DC  A N4    1 
ATOM   99   C C5    . DC  A 1 5   ? -16.765 -2.118  -8.399  1.00 39.69  ? 5   DC  A C5    1 
ATOM   100  C C6    . DC  A 1 5   ? -17.577 -2.693  -9.296  1.00 40.17  ? 5   DC  A C6    1 
ATOM   101  P P     . DT  A 1 6   ? -21.623 -2.826  -14.114 1.00 50.24  ? 6   DT  A P     1 
ATOM   102  O OP1   . DT  A 1 6   ? -22.879 -3.226  -14.797 1.00 56.09  ? 6   DT  A OP1   1 
ATOM   103  O OP2   . DT  A 1 6   ? -20.384 -2.622  -14.904 1.00 53.20  ? 6   DT  A OP2   1 
ATOM   104  O "O5'" . DT  A 1 6   ? -21.923 -1.502  -13.286 1.00 51.19  ? 6   DT  A "O5'" 1 
ATOM   105  C "C5'" . DT  A 1 6   ? -23.009 -1.490  -12.354 1.00 48.21  ? 6   DT  A "C5'" 1 
ATOM   106  C "C4'" . DT  A 1 6   ? -23.066 -0.151  -11.664 1.00 46.17  ? 6   DT  A "C4'" 1 
ATOM   107  O "O4'" . DT  A 1 6   ? -21.910 -0.028  -10.817 1.00 45.76  ? 6   DT  A "O4'" 1 
ATOM   108  C "C3'" . DT  A 1 6   ? -23.045 1.065   -12.595 1.00 47.82  ? 6   DT  A "C3'" 1 
ATOM   109  O "O3'" . DT  A 1 6   ? -24.274 1.788   -12.452 1.00 51.65  ? 6   DT  A "O3'" 1 
ATOM   110  C "C2'" . DT  A 1 6   ? -21.831 1.864   -12.142 1.00 45.63  ? 6   DT  A "C2'" 1 
ATOM   111  C "C1'" . DT  A 1 6   ? -21.572 1.333   -10.751 1.00 44.38  ? 6   DT  A "C1'" 1 
ATOM   112  N N1    . DT  A 1 6   ? -20.181 1.423   -10.298 1.00 46.44  ? 6   DT  A N1    1 
ATOM   113  C C2    . DT  A 1 6   ? -19.910 2.120   -9.145  1.00 44.97  ? 6   DT  A C2    1 
ATOM   114  O O2    . DT  A 1 6   ? -20.769 2.677   -8.484  1.00 53.41  ? 6   DT  A O2    1 
ATOM   115  N N3    . DT  A 1 6   ? -18.586 2.147   -8.793  1.00 45.53  ? 6   DT  A N3    1 
ATOM   116  C C4    . DT  A 1 6   ? -17.532 1.559   -9.464  1.00 44.27  ? 6   DT  A C4    1 
ATOM   117  O O4    . DT  A 1 6   ? -16.393 1.667   -9.024  1.00 46.70  ? 6   DT  A O4    1 
ATOM   118  C C5    . DT  A 1 6   ? -17.889 0.837   -10.662 1.00 45.29  ? 6   DT  A C5    1 
ATOM   119  C C7    . DT  A 1 6   ? -16.813 0.161   -11.451 1.00 46.69  ? 6   DT  A C7    1 
ATOM   120  C C6    . DT  A 1 6   ? -19.179 0.802   -11.012 1.00 46.65  ? 6   DT  A C6    1 
ATOM   121  P P     . DA  A 1 7   ? -24.519 3.178   -13.222 1.00 56.47  ? 7   DA  A P     1 
ATOM   122  O OP1   . DA  A 1 7   ? -25.971 3.267   -13.527 1.00 61.31  ? 7   DA  A OP1   1 
ATOM   123  O OP2   . DA  A 1 7   ? -23.535 3.299   -14.330 1.00 60.30  ? 7   DA  A OP2   1 
ATOM   124  O "O5'" . DA  A 1 7   ? -24.166 4.256   -12.105 1.00 55.12  ? 7   DA  A "O5'" 1 
ATOM   125  C "C5'" . DA  A 1 7   ? -24.672 4.085   -10.766 1.00 55.28  ? 7   DA  A "C5'" 1 
ATOM   126  C "C4'" . DA  A 1 7   ? -24.212 5.211   -9.872  1.00 50.79  ? 7   DA  A "C4'" 1 
ATOM   127  O "O4'" . DA  A 1 7   ? -22.825 5.005   -9.516  1.00 51.53  ? 7   DA  A "O4'" 1 
ATOM   128  C "C3'" . DA  A 1 7   ? -24.274 6.597   -10.506 1.00 52.19  ? 7   DA  A "C3'" 1 
ATOM   129  O "O3'" . DA  A 1 7   ? -24.656 7.524   -9.486  1.00 57.84  ? 7   DA  A "O3'" 1 
ATOM   130  C "C2'" . DA  A 1 7   ? -22.846 6.820   -10.966 1.00 49.40  ? 7   DA  A "C2'" 1 
ATOM   131  C "C1'" . DA  A 1 7   ? -22.086 6.171   -9.832  1.00 47.15  ? 7   DA  A "C1'" 1 
ATOM   132  N N9    . DA  A 1 7   ? -20.708 5.775   -10.125 1.00 47.50  ? 7   DA  A N9    1 
ATOM   133  C C8    . DA  A 1 7   ? -20.228 5.081   -11.209 1.00 47.55  ? 7   DA  A C8    1 
ATOM   134  N N7    . DA  A 1 7   ? -18.930 4.891   -11.183 1.00 46.02  ? 7   DA  A N7    1 
ATOM   135  C C5    . DA  A 1 7   ? -18.527 5.500   -10.003 1.00 44.91  ? 7   DA  A C5    1 
ATOM   136  C C6    . DA  A 1 7   ? -17.267 5.655   -9.399  1.00 46.66  ? 7   DA  A C6    1 
ATOM   137  N N6    . DA  A 1 7   ? -16.134 5.177   -9.918  1.00 50.25  ? 7   DA  A N6    1 
ATOM   138  N N1    . DA  A 1 7   ? -17.212 6.310   -8.220  1.00 45.03  ? 7   DA  A N1    1 
ATOM   139  C C2    . DA  A 1 7   ? -18.351 6.782   -7.695  1.00 46.59  ? 7   DA  A C2    1 
ATOM   140  N N3    . DA  A 1 7   ? -19.590 6.715   -8.176  1.00 42.72  ? 7   DA  A N3    1 
ATOM   141  C C4    . DA  A 1 7   ? -19.611 6.052   -9.343  1.00 43.23  ? 7   DA  A C4    1 
ATOM   142  P P     . DG  A 1 8   ? -25.165 8.984   -9.865  1.00 59.25  ? 8   DG  A P     1 
ATOM   143  O OP1   . DG  A 1 8   ? -26.589 9.073   -9.477  1.00 64.94  ? 8   DG  A OP1   1 
ATOM   144  O OP2   . DG  A 1 8   ? -24.763 9.264   -11.272 1.00 58.56  ? 8   DG  A OP2   1 
ATOM   145  O "O5'" . DG  A 1 8   ? -24.368 9.913   -8.847  1.00 57.22  ? 8   DG  A "O5'" 1 
ATOM   146  C "C5'" . DG  A 1 8   ? -24.349 9.590   -7.444  1.00 61.30  ? 8   DG  A "C5'" 1 
ATOM   147  C "C4'" . DG  A 1 8   ? -23.381 10.481  -6.700  1.00 63.01  ? 8   DG  A "C4'" 1 
ATOM   148  O "O4'" . DG  A 1 8   ? -22.019 10.043  -6.923  1.00 60.96  ? 8   DG  A "O4'" 1 
ATOM   149  C "C3'" . DG  A 1 8   ? -23.420 11.952  -7.104  1.00 65.24  ? 8   DG  A "C3'" 1 
ATOM   150  O "O3'" . DG  A 1 8   ? -23.287 12.775  -5.936  1.00 72.83  ? 8   DG  A "O3'" 1 
ATOM   151  C "C2'" . DG  A 1 8   ? -22.258 12.077  -8.075  1.00 62.35  ? 8   DG  A "C2'" 1 
ATOM   152  C "C1'" . DG  A 1 8   ? -21.255 11.073  -7.534  1.00 58.34  ? 8   DG  A "C1'" 1 
ATOM   153  N N9    . DG  A 1 8   ? -20.392 10.444  -8.529  1.00 54.46  ? 8   DG  A N9    1 
ATOM   154  C C8    . DG  A 1 8   ? -20.780 9.832   -9.696  1.00 53.41  ? 8   DG  A C8    1 
ATOM   155  N N7    . DG  A 1 8   ? -19.781 9.321   -10.364 1.00 50.35  ? 8   DG  A N7    1 
ATOM   156  C C5    . DG  A 1 8   ? -18.667 9.603   -9.585  1.00 49.29  ? 8   DG  A C5    1 
ATOM   157  C C6    . DG  A 1 8   ? -17.298 9.298   -9.795  1.00 49.26  ? 8   DG  A C6    1 
ATOM   158  O O6    . DG  A 1 8   ? -16.777 8.694   -10.745 1.00 48.02  ? 8   DG  A O6    1 
ATOM   159  N N1    . DG  A 1 8   ? -16.502 9.779   -8.760  1.00 47.39  ? 8   DG  A N1    1 
ATOM   160  C C2    . DG  A 1 8   ? -16.964 10.461  -7.660  1.00 49.42  ? 8   DG  A C2    1 
ATOM   161  N N2    . DG  A 1 8   ? -16.042 10.836  -6.764  1.00 48.44  ? 8   DG  A N2    1 
ATOM   162  N N3    . DG  A 1 8   ? -18.237 10.748  -7.453  1.00 49.71  ? 8   DG  A N3    1 
ATOM   163  C C4    . DG  A 1 8   ? -19.026 10.296  -8.449  1.00 50.82  ? 8   DG  A C4    1 
ATOM   164  P P     . DA  A 1 9   ? -23.623 14.347  -6.003  1.00 80.56  ? 9   DA  A P     1 
ATOM   165  O OP1   . DA  A 1 9   ? -24.463 14.690  -4.824  1.00 86.02  ? 9   DA  A OP1   1 
ATOM   166  O OP2   . DA  A 1 9   ? -24.106 14.672  -7.373  1.00 75.82  ? 9   DA  A OP2   1 
ATOM   167  O "O5'" . DA  A 1 9   ? -22.192 15.027  -5.831  1.00 76.74  ? 9   DA  A "O5'" 1 
ATOM   168  C "C5'" . DA  A 1 9   ? -21.132 14.374  -5.107  1.00 74.69  ? 9   DA  A "C5'" 1 
ATOM   169  C "C4'" . DA  A 1 9   ? -19.800 14.974  -5.493  1.00 72.89  ? 9   DA  A "C4'" 1 
ATOM   170  O "O4'" . DA  A 1 9   ? -19.157 14.156  -6.503  1.00 68.15  ? 9   DA  A "O4'" 1 
ATOM   171  C "C3'" . DA  A 1 9   ? -19.884 16.389  -6.078  1.00 73.98  ? 9   DA  A "C3'" 1 
ATOM   172  O "O3'" . DA  A 1 9   ? -18.902 17.203  -5.430  1.00 82.73  ? 9   DA  A "O3'" 1 
ATOM   173  C "C2'" . DA  A 1 9   ? -19.611 16.182  -7.558  1.00 70.03  ? 9   DA  A "C2'" 1 
ATOM   174  C "C1'" . DA  A 1 9   ? -18.665 15.001  -7.529  1.00 63.90  ? 9   DA  A "C1'" 1 
ATOM   175  N N9    . DA  A 1 9   ? -18.599 14.227  -8.766  1.00 56.96  ? 9   DA  A N9    1 
ATOM   176  C C8    . DA  A 1 9   ? -19.604 13.950  -9.664  1.00 55.61  ? 9   DA  A C8    1 
ATOM   177  N N7    . DA  A 1 9   ? -19.212 13.229  -10.687 1.00 52.74  ? 9   DA  A N7    1 
ATOM   178  C C5    . DA  A 1 9   ? -17.860 13.022  -10.451 1.00 48.11  ? 9   DA  A C5    1 
ATOM   179  C C6    . DA  A 1 9   ? -16.870 12.330  -11.169 1.00 47.98  ? 9   DA  A C6    1 
ATOM   180  N N6    . DA  A 1 9   ? -17.100 11.692  -12.320 1.00 45.59  ? 9   DA  A N6    1 
ATOM   181  N N1    . DA  A 1 9   ? -15.615 12.326  -10.665 1.00 46.87  ? 9   DA  A N1    1 
ATOM   182  C C2    . DA  A 1 9   ? -15.385 12.967  -9.511  1.00 50.16  ? 9   DA  A C2    1 
ATOM   183  N N3    . DA  A 1 9   ? -16.234 13.649  -8.742  1.00 48.33  ? 9   DA  A N3    1 
ATOM   184  C C4    . DA  A 1 9   ? -17.469 13.636  -9.275  1.00 48.86  ? 9   DA  A C4    1 
ATOM   185  P P     . DA  A 1 10  ? -18.849 18.791  -5.657  1.00 85.22  ? 10  DA  A P     1 
ATOM   186  O OP1   . DA  A 1 10  ? -19.437 19.447  -4.460  1.00 86.67  ? 10  DA  A OP1   1 
ATOM   187  O OP2   . DA  A 1 10  ? -19.378 19.107  -7.011  1.00 81.86  ? 10  DA  A OP2   1 
ATOM   188  O "O5'" . DA  A 1 10  ? -17.283 19.070  -5.674  1.00 85.00  ? 10  DA  A "O5'" 1 
ATOM   189  C "C5'" . DA  A 1 10  ? -16.336 17.991  -5.543  1.00 82.85  ? 10  DA  A "C5'" 1 
ATOM   190  C "C4'" . DA  A 1 10  ? -15.200 18.179  -6.520  1.00 80.23  ? 10  DA  A "C4'" 1 
ATOM   191  O "O4'" . DA  A 1 10  ? -15.376 17.298  -7.655  1.00 77.36  ? 10  DA  A "O4'" 1 
ATOM   192  C "C3'" . DA  A 1 10  ? -15.070 19.591  -7.100  1.00 82.89  ? 10  DA  A "C3'" 1 
ATOM   193  O "O3'" . DA  A 1 10  ? -13.680 19.926  -7.136  1.00 91.23  ? 10  DA  A "O3'" 1 
ATOM   194  C "C2'" . DA  A 1 10  ? -15.644 19.447  -8.499  1.00 78.25  ? 10  DA  A "C2'" 1 
ATOM   195  C "C1'" . DA  A 1 10  ? -15.166 18.050  -8.839  1.00 72.92  ? 10  DA  A "C1'" 1 
ATOM   196  N N9    . DA  A 1 10  ? -15.856 17.375  -9.936  1.00 62.12  ? 10  DA  A N9    1 
ATOM   197  C C8    . DA  A 1 10  ? -17.182 17.433  -10.292 1.00 61.97  ? 10  DA  A C8    1 
ATOM   198  N N7    . DA  A 1 10  ? -17.481 16.700  -11.337 1.00 56.68  ? 10  DA  A N7    1 
ATOM   199  C C5    . DA  A 1 10  ? -16.271 16.119  -11.692 1.00 51.36  ? 10  DA  A C5    1 
ATOM   200  C C6    . DA  A 1 10  ? -15.918 15.230  -12.719 1.00 50.26  ? 10  DA  A C6    1 
ATOM   201  N N6    . DA  A 1 10  ? -16.785 14.750  -13.615 1.00 49.33  ? 10  DA  A N6    1 
ATOM   202  N N1    . DA  A 1 10  ? -14.624 14.850  -12.801 1.00 47.77  ? 10  DA  A N1    1 
ATOM   203  C C2    . DA  A 1 10  ? -13.755 15.328  -11.900 1.00 50.26  ? 10  DA  A C2    1 
ATOM   204  N N3    . DA  A 1 10  ? -13.971 16.161  -10.884 1.00 51.17  ? 10  DA  A N3    1 
ATOM   205  C C4    . DA  A 1 10  ? -15.263 16.527  -10.839 1.00 52.29  ? 10  DA  A C4    1 
ATOM   206  P P     . DC  A 1 11  ? -13.208 21.449  -7.220  1.00 95.17  ? 11  DC  A P     1 
ATOM   207  O OP1   . DC  A 1 11  ? -12.710 21.844  -5.876  1.00 91.61  ? 11  DC  A OP1   1 
ATOM   208  O OP2   . DC  A 1 11  ? -14.286 22.234  -7.885  1.00 89.47  ? 11  DC  A OP2   1 
ATOM   209  O "O5'" . DC  A 1 11  ? -11.944 21.370  -8.188  1.00 87.82  ? 11  DC  A "O5'" 1 
ATOM   210  C "C5'" . DC  A 1 11  ? -11.005 20.274  -8.102  1.00 80.79  ? 11  DC  A "C5'" 1 
ATOM   211  C "C4'" . DC  A 1 11  ? -10.541 19.874  -9.483  1.00 75.04  ? 11  DC  A "C4'" 1 
ATOM   212  O "O4'" . DC  A 1 11  ? -11.621 19.242  -10.211 1.00 68.36  ? 11  DC  A "O4'" 1 
ATOM   213  C "C3'" . DC  A 1 11  ? -10.064 21.040  -10.354 1.00 75.23  ? 11  DC  A "C3'" 1 
ATOM   214  O "O3'" . DC  A 1 11  ? -8.712  20.822  -10.773 1.00 79.90  ? 11  DC  A "O3'" 1 
ATOM   215  C "C2'" . DC  A 1 11  ? -11.042 21.063  -11.521 1.00 72.16  ? 11  DC  A "C2'" 1 
ATOM   216  C "C1'" . DC  A 1 11  ? -11.535 19.633  -11.566 1.00 67.19  ? 11  DC  A "C1'" 1 
ATOM   217  N N1    . DC  A 1 11  ? -12.859 19.439  -12.181 1.00 63.15  ? 11  DC  A N1    1 
ATOM   218  C C2    . DC  A 1 11  ? -12.982 18.551  -13.256 1.00 63.83  ? 11  DC  A C2    1 
ATOM   219  O O2    . DC  A 1 11  ? -11.969 17.962  -13.670 1.00 63.84  ? 11  DC  A O2    1 
ATOM   220  N N3    . DC  A 1 11  ? -14.197 18.362  -13.821 1.00 59.20  ? 11  DC  A N3    1 
ATOM   221  C C4    . DC  A 1 11  ? -15.260 19.018  -13.352 1.00 58.90  ? 11  DC  A C4    1 
ATOM   222  N N4    . DC  A 1 11  ? -16.440 18.798  -13.938 1.00 57.66  ? 11  DC  A N4    1 
ATOM   223  C C5    . DC  A 1 11  ? -15.164 19.923  -12.255 1.00 59.97  ? 11  DC  A C5    1 
ATOM   224  C C6    . DC  A 1 11  ? -13.955 20.101  -11.705 1.00 63.24  ? 11  DC  A C6    1 
ATOM   225  P P     . DC  A 1 12  ? -7.869  22.020  -11.422 1.00 79.51  ? 12  DC  A P     1 
ATOM   226  O OP1   . DC  A 1 12  ? -6.455  21.859  -11.003 1.00 83.97  ? 12  DC  A OP1   1 
ATOM   227  O OP2   . DC  A 1 12  ? -8.586  23.296  -11.148 1.00 77.80  ? 12  DC  A OP2   1 
ATOM   228  O "O5'" . DC  A 1 12  ? -7.949  21.711  -12.982 1.00 75.03  ? 12  DC  A "O5'" 1 
ATOM   229  C "C5'" . DC  A 1 12  ? -7.282  20.561  -13.532 1.00 69.59  ? 12  DC  A "C5'" 1 
ATOM   230  C "C4'" . DC  A 1 12  ? -7.831  20.257  -14.905 1.00 66.49  ? 12  DC  A "C4'" 1 
ATOM   231  O "O4'" . DC  A 1 12  ? -9.253  20.050  -14.825 1.00 64.04  ? 12  DC  A "O4'" 1 
ATOM   232  C "C3'" . DC  A 1 12  ? -7.654  21.377  -15.929 1.00 64.13  ? 12  DC  A "C3'" 1 
ATOM   233  O "O3'" . DC  A 1 12  ? -6.471  21.164  -16.703 1.00 68.57  ? 12  DC  A "O3'" 1 
ATOM   234  C "C2'" . DC  A 1 12  ? -8.902  21.283  -16.795 1.00 63.41  ? 12  DC  A "C2'" 1 
ATOM   235  C "C1'" . DC  A 1 12  ? -9.773  20.220  -16.129 1.00 61.91  ? 12  DC  A "C1'" 1 
ATOM   236  N N1    . DC  A 1 12  ? -11.199 20.577  -16.012 1.00 55.40  ? 12  DC  A N1    1 
ATOM   237  C C2    . DC  A 1 12  ? -12.121 19.963  -16.863 1.00 52.73  ? 12  DC  A C2    1 
ATOM   238  O O2    . DC  A 1 12  ? -11.715 19.122  -17.682 1.00 55.27  ? 12  DC  A O2    1 
ATOM   239  N N3    . DC  A 1 12  ? -13.430 20.289  -16.765 1.00 50.64  ? 12  DC  A N3    1 
ATOM   240  C C4    . DC  A 1 12  ? -13.828 21.190  -15.865 1.00 50.53  ? 12  DC  A C4    1 
ATOM   241  N N4    . DC  A 1 12  ? -15.130 21.478  -15.800 1.00 52.41  ? 12  DC  A N4    1 
ATOM   242  C C5    . DC  A 1 12  ? -12.908 21.839  -14.992 1.00 50.10  ? 12  DC  A C5    1 
ATOM   243  C C6    . DC  A 1 12  ? -11.616 21.505  -15.097 1.00 55.08  ? 12  DC  A C6    1 
ATOM   244  N N     . SER B 2 2   ? -6.712  -4.075  12.612  1.00 93.09  ? 41  SER B N     1 
ATOM   245  C CA    . SER B 2 2   ? -7.347  -4.040  11.256  1.00 95.30  ? 41  SER B CA    1 
ATOM   246  C C     . SER B 2 2   ? -6.606  -4.960  10.291  1.00 92.38  ? 41  SER B C     1 
ATOM   247  O O     . SER B 2 2   ? -5.411  -4.791  10.065  1.00 95.99  ? 41  SER B O     1 
ATOM   248  C CB    . SER B 2 2   ? -7.363  -2.612  10.702  1.00 99.23  ? 41  SER B CB    1 
ATOM   249  O OG    . SER B 2 2   ? -7.975  -1.712  11.615  1.00 101.78 ? 41  SER B OG    1 
ATOM   250  N N     . ASP B 2 3   ? -7.326  -5.921  9.718   1.00 91.02  ? 42  ASP B N     1 
ATOM   251  C CA    . ASP B 2 3   ? -6.717  -6.969  8.887   1.00 89.63  ? 42  ASP B CA    1 
ATOM   252  C C     . ASP B 2 3   ? -6.015  -6.398  7.653   1.00 82.90  ? 42  ASP B C     1 
ATOM   253  O O     . ASP B 2 3   ? -4.882  -6.779  7.334   1.00 80.41  ? 42  ASP B O     1 
ATOM   254  C CB    . ASP B 2 3   ? -7.790  -7.981  8.463   1.00 96.95  ? 42  ASP B CB    1 
ATOM   255  C CG    . ASP B 2 3   ? -7.203  -9.276  7.934   1.00 103.46 ? 42  ASP B CG    1 
ATOM   256  O OD1   . ASP B 2 3   ? -6.520  -9.233  6.888   1.00 106.28 ? 42  ASP B OD1   1 
ATOM   257  O OD2   . ASP B 2 3   ? -7.439  -10.338 8.557   1.00 107.13 ? 42  ASP B OD2   1 
ATOM   258  N N     . PHE B 2 4   ? -6.705  -5.486  6.972   1.00 76.12  ? 43  PHE B N     1 
ATOM   259  C CA    . PHE B 2 4   ? -6.202  -4.846  5.752   1.00 68.66  ? 43  PHE B CA    1 
ATOM   260  C C     . PHE B 2 4   ? -4.919  -4.084  6.015   1.00 67.01  ? 43  PHE B C     1 
ATOM   261  O O     . PHE B 2 4   ? -3.956  -4.199  5.262   1.00 65.04  ? 43  PHE B O     1 
ATOM   262  C CB    . PHE B 2 4   ? -7.261  -3.886  5.182   1.00 65.26  ? 43  PHE B CB    1 
ATOM   263  C CG    . PHE B 2 4   ? -6.809  -3.111  3.968   1.00 57.62  ? 43  PHE B CG    1 
ATOM   264  C CD1   . PHE B 2 4   ? -6.773  -3.709  2.717   1.00 57.90  ? 43  PHE B CD1   1 
ATOM   265  C CD2   . PHE B 2 4   ? -6.455  -1.777  4.074   1.00 57.26  ? 43  PHE B CD2   1 
ATOM   266  C CE1   . PHE B 2 4   ? -6.366  -3.001  1.600   1.00 54.60  ? 43  PHE B CE1   1 
ATOM   267  C CE2   . PHE B 2 4   ? -6.045  -1.063  2.964   1.00 57.68  ? 43  PHE B CE2   1 
ATOM   268  C CZ    . PHE B 2 4   ? -6.004  -1.678  1.724   1.00 57.71  ? 43  PHE B CZ    1 
ATOM   269  N N     . VAL B 2 5   ? -4.915  -3.304  7.088   1.00 66.95  ? 44  VAL B N     1 
ATOM   270  C CA    . VAL B 2 5   ? -3.798  -2.413  7.363   1.00 71.30  ? 44  VAL B CA    1 
ATOM   271  C C     . VAL B 2 5   ? -2.560  -3.247  7.700   1.00 74.76  ? 44  VAL B C     1 
ATOM   272  O O     . VAL B 2 5   ? -1.449  -2.922  7.275   1.00 73.07  ? 44  VAL B O     1 
ATOM   273  C CB    . VAL B 2 5   ? -4.128  -1.416  8.500   1.00 69.72  ? 44  VAL B CB    1 
ATOM   274  C CG1   . VAL B 2 5   ? -2.962  -0.461  8.721   1.00 71.33  ? 44  VAL B CG1   1 
ATOM   275  C CG2   . VAL B 2 5   ? -5.401  -0.636  8.180   1.00 69.68  ? 44  VAL B CG2   1 
ATOM   276  N N     . ARG B 2 6   ? -2.775  -4.322  8.458   1.00 79.70  ? 45  ARG B N     1 
ATOM   277  C CA    . ARG B 2 6   ? -1.717  -5.266  8.812   1.00 83.49  ? 45  ARG B CA    1 
ATOM   278  C C     . ARG B 2 6   ? -1.086  -5.846  7.558   1.00 76.18  ? 45  ARG B C     1 
ATOM   279  O O     . ARG B 2 6   ? 0.133   -5.827  7.407   1.00 74.03  ? 45  ARG B O     1 
ATOM   280  C CB    . ARG B 2 6   ? -2.274  -6.396  9.695   1.00 93.83  ? 45  ARG B CB    1 
ATOM   281  C CG    . ARG B 2 6   ? -1.437  -7.676  9.720   1.00 104.52 ? 45  ARG B CG    1 
ATOM   282  C CD    . ARG B 2 6   ? -1.792  -8.570  10.902  1.00 112.79 ? 45  ARG B CD    1 
ATOM   283  N NE    . ARG B 2 6   ? -3.241  -8.714  11.103  1.00 120.47 ? 45  ARG B NE    1 
ATOM   284  C CZ    . ARG B 2 6   ? -4.030  -9.585  10.468  1.00 125.37 ? 45  ARG B CZ    1 
ATOM   285  N NH1   . ARG B 2 6   ? -3.537  -10.423 9.556   1.00 127.77 ? 45  ARG B NH1   1 
ATOM   286  N NH2   . ARG B 2 6   ? -5.333  -9.618  10.748  1.00 123.53 ? 45  ARG B NH2   1 
ATOM   287  N N     . LYS B 2 7   ? -1.928  -6.362  6.668   1.00 70.53  ? 46  LYS B N     1 
ATOM   288  C CA    . LYS B 2 7   ? -1.464  -6.947  5.414   1.00 69.14  ? 46  LYS B CA    1 
ATOM   289  C C     . LYS B 2 7   ? -0.785  -5.921  4.511   1.00 66.47  ? 46  LYS B C     1 
ATOM   290  O O     . LYS B 2 7   ? 0.165   -6.241  3.799   1.00 65.28  ? 46  LYS B O     1 
ATOM   291  C CB    . LYS B 2 7   ? -2.625  -7.603  4.670   1.00 71.41  ? 46  LYS B CB    1 
ATOM   292  C CG    . LYS B 2 7   ? -3.114  -8.882  5.332   1.00 75.89  ? 46  LYS B CG    1 
ATOM   293  C CD    . LYS B 2 7   ? -3.518  -9.936  4.306   1.00 80.35  ? 46  LYS B CD    1 
ATOM   294  C CE    . LYS B 2 7   ? -5.024  -10.137 4.216   1.00 81.44  ? 46  LYS B CE    1 
ATOM   295  N NZ    . LYS B 2 7   ? -5.459  -11.242 5.116   1.00 83.75  ? 46  LYS B NZ    1 
ATOM   296  N N     . LEU B 2 8   ? -1.277  -4.691  4.545   1.00 61.05  ? 47  LEU B N     1 
ATOM   297  C CA    . LEU B 2 8   ? -0.675  -3.607  3.791   1.00 60.41  ? 47  LEU B CA    1 
ATOM   298  C C     . LEU B 2 8   ? 0.727   -3.354  4.326   1.00 60.79  ? 47  LEU B C     1 
ATOM   299  O O     . LEU B 2 8   ? 1.694   -3.380  3.580   1.00 57.94  ? 47  LEU B O     1 
ATOM   300  C CB    . LEU B 2 8   ? -1.533  -2.352  3.924   1.00 59.45  ? 47  LEU B CB    1 
ATOM   301  C CG    . LEU B 2 8   ? -1.151  -1.132  3.102   1.00 60.49  ? 47  LEU B CG    1 
ATOM   302  C CD1   . LEU B 2 8   ? -1.237  -1.447  1.621   1.00 63.08  ? 47  LEU B CD1   1 
ATOM   303  C CD2   . LEU B 2 8   ? -2.071  0.023   3.455   1.00 61.77  ? 47  LEU B CD2   1 
ATOM   304  N N     . TYR B 2 9   ? 0.828   -3.144  5.635   1.00 64.33  ? 48  TYR B N     1 
ATOM   305  C CA    . TYR B 2 9   ? 2.114   -2.883  6.281   1.00 66.22  ? 48  TYR B CA    1 
ATOM   306  C C     . TYR B 2 9   ? 3.139   -3.987  6.022   1.00 67.67  ? 48  TYR B C     1 
ATOM   307  O O     . TYR B 2 9   ? 4.296   -3.696  5.733   1.00 70.47  ? 48  TYR B O     1 
ATOM   308  C CB    . TYR B 2 9   ? 1.936   -2.712  7.792   1.00 64.70  ? 48  TYR B CB    1 
ATOM   309  C CG    . TYR B 2 9   ? 3.148   -2.108  8.468   1.00 65.40  ? 48  TYR B CG    1 
ATOM   310  C CD1   . TYR B 2 9   ? 3.232   -0.737  8.687   1.00 65.16  ? 48  TYR B CD1   1 
ATOM   311  C CD2   . TYR B 2 9   ? 4.221   -2.910  8.878   1.00 66.73  ? 48  TYR B CD2   1 
ATOM   312  C CE1   . TYR B 2 9   ? 4.342   -0.178  9.302   1.00 66.54  ? 48  TYR B CE1   1 
ATOM   313  C CE2   . TYR B 2 9   ? 5.338   -2.358  9.492   1.00 63.84  ? 48  TYR B CE2   1 
ATOM   314  C CZ    . TYR B 2 9   ? 5.397   -0.994  9.702   1.00 65.38  ? 48  TYR B CZ    1 
ATOM   315  O OH    . TYR B 2 9   ? 6.501   -0.438  10.319  1.00 65.90  ? 48  TYR B OH    1 
ATOM   316  N N     . LYS B 2 10  ? 2.703   -5.240  6.145   1.00 71.03  ? 49  LYS B N     1 
ATOM   317  C CA    . LYS B 2 10  ? 3.577   -6.411  5.981   1.00 74.12  ? 49  LYS B CA    1 
ATOM   318  C C     . LYS B 2 10  ? 4.070   -6.556  4.542   1.00 69.81  ? 49  LYS B C     1 
ATOM   319  O O     . LYS B 2 10  ? 5.200   -6.984  4.295   1.00 67.74  ? 49  LYS B O     1 
ATOM   320  C CB    . LYS B 2 10  ? 2.846   -7.688  6.422   1.00 80.91  ? 49  LYS B CB    1 
ATOM   321  C CG    . LYS B 2 10  ? 3.775   -8.847  6.766   1.00 89.02  ? 49  LYS B CG    1 
ATOM   322  C CD    . LYS B 2 10  ? 3.142   -9.858  7.720   1.00 93.85  ? 49  LYS B CD    1 
ATOM   323  C CE    . LYS B 2 10  ? 2.177   -10.802 7.016   1.00 97.22  ? 49  LYS B CE    1 
ATOM   324  N NZ    . LYS B 2 10  ? 1.692   -11.894 7.917   1.00 100.65 ? 49  LYS B NZ    1 
ATOM   325  N N     . MET B 2 11  ? 3.209   -6.188  3.602   1.00 65.88  ? 50  MET B N     1 
ATOM   326  C CA    . MET B 2 11  ? 3.546   -6.140  2.183   1.00 65.36  ? 50  MET B CA    1 
ATOM   327  C C     . MET B 2 11  ? 4.707   -5.168  1.967   1.00 65.52  ? 50  MET B C     1 
ATOM   328  O O     . MET B 2 11  ? 5.632   -5.431  1.199   1.00 63.67  ? 50  MET B O     1 
ATOM   329  C CB    . MET B 2 11  ? 2.315   -5.657  1.402   1.00 67.15  ? 50  MET B CB    1 
ATOM   330  C CG    . MET B 2 11  ? 2.197   -6.102  -0.041  1.00 66.33  ? 50  MET B CG    1 
ATOM   331  S SD    . MET B 2 11  ? 0.700   -5.388  -0.750  1.00 66.41  ? 50  MET B SD    1 
ATOM   332  C CE    . MET B 2 11  ? 1.173   -3.665  -0.794  1.00 65.81  ? 50  MET B CE    1 
ATOM   333  N N     . LEU B 2 12  ? 4.643   -4.040  2.667   1.00 63.25  ? 51  LEU B N     1 
ATOM   334  C CA    . LEU B 2 12  ? 5.652   -3.000  2.564   1.00 62.96  ? 51  LEU B CA    1 
ATOM   335  C C     . LEU B 2 12  ? 6.891   -3.315  3.406   1.00 66.01  ? 51  LEU B C     1 
ATOM   336  O O     . LEU B 2 12  ? 7.922   -2.662  3.260   1.00 67.60  ? 51  LEU B O     1 
ATOM   337  C CB    . LEU B 2 12  ? 5.051   -1.656  2.995   1.00 63.92  ? 51  LEU B CB    1 
ATOM   338  C CG    . LEU B 2 12  ? 4.036   -1.029  2.030   1.00 59.98  ? 51  LEU B CG    1 
ATOM   339  C CD1   . LEU B 2 12  ? 3.116   -0.047  2.736   1.00 59.93  ? 51  LEU B CD1   1 
ATOM   340  C CD2   . LEU B 2 12  ? 4.759   -0.343  0.889   1.00 59.82  ? 51  LEU B CD2   1 
ATOM   341  N N     . GLU B 2 13  ? 6.791   -4.319  4.274   1.00 68.84  ? 52  GLU B N     1 
ATOM   342  C CA    . GLU B 2 13  ? 7.888   -4.712  5.159   1.00 72.78  ? 52  GLU B CA    1 
ATOM   343  C C     . GLU B 2 13  ? 8.867   -5.646  4.432   1.00 73.12  ? 52  GLU B C     1 
ATOM   344  O O     . GLU B 2 13  ? 9.872   -6.071  5.008   1.00 74.41  ? 52  GLU B O     1 
ATOM   345  C CB    . GLU B 2 13  ? 7.311   -5.402  6.414   1.00 78.66  ? 52  GLU B CB    1 
ATOM   346  C CG    . GLU B 2 13  ? 8.101   -5.214  7.704   1.00 84.23  ? 52  GLU B CG    1 
ATOM   347  C CD    . GLU B 2 13  ? 7.301   -5.571  8.961   1.00 89.00  ? 52  GLU B CD    1 
ATOM   348  O OE1   . GLU B 2 13  ? 7.514   -4.925  10.014  1.00 88.97  ? 52  GLU B OE1   1 
ATOM   349  O OE2   . GLU B 2 13  ? 6.460   -6.495  8.907   1.00 92.40  ? 52  GLU B OE2   1 
ATOM   350  N N     . ASP B 2 14  ? 8.579   -5.952  3.167   1.00 74.80  ? 53  ASP B N     1 
ATOM   351  C CA    . ASP B 2 14  ? 9.309   -6.974  2.414   1.00 75.93  ? 53  ASP B CA    1 
ATOM   352  C C     . ASP B 2 14  ? 10.123  -6.387  1.251   1.00 74.46  ? 53  ASP B C     1 
ATOM   353  O O     . ASP B 2 14  ? 9.550   -5.844  0.305   1.00 66.19  ? 53  ASP B O     1 
ATOM   354  C CB    . ASP B 2 14  ? 8.321   -8.008  1.879   1.00 77.53  ? 53  ASP B CB    1 
ATOM   355  C CG    . ASP B 2 14  ? 9.008   -9.195  1.245   1.00 78.47  ? 53  ASP B CG    1 
ATOM   356  O OD1   . ASP B 2 14  ? 10.185  -9.064  0.836   1.00 74.95  ? 53  ASP B OD1   1 
ATOM   357  O OD2   . ASP B 2 14  ? 8.363   -10.260 1.156   1.00 78.58  ? 53  ASP B OD2   1 
ATOM   358  N N     . PRO B 2 15  ? 11.467  -6.516  1.306   1.00 79.28  ? 54  PRO B N     1 
ATOM   359  C CA    . PRO B 2 15  ? 12.302  -5.948  0.238   1.00 78.08  ? 54  PRO B CA    1 
ATOM   360  C C     . PRO B 2 15  ? 12.254  -6.700  -1.100  1.00 73.51  ? 54  PRO B C     1 
ATOM   361  O O     . PRO B 2 15  ? 12.711  -6.163  -2.113  1.00 70.66  ? 54  PRO B O     1 
ATOM   362  C CB    . PRO B 2 15  ? 13.720  -5.987  0.836   1.00 79.67  ? 54  PRO B CB    1 
ATOM   363  C CG    . PRO B 2 15  ? 13.528  -6.164  2.303   1.00 79.84  ? 54  PRO B CG    1 
ATOM   364  C CD    . PRO B 2 15  ? 12.296  -7.008  2.420   1.00 80.07  ? 54  PRO B CD    1 
ATOM   365  N N     . SER B 2 16  ? 11.709  -7.917  -1.113  1.00 72.71  ? 55  SER B N     1 
ATOM   366  C CA    . SER B 2 16  ? 11.460  -8.628  -2.371  1.00 72.07  ? 55  SER B CA    1 
ATOM   367  C C     . SER B 2 16  ? 10.694  -7.723  -3.322  1.00 70.90  ? 55  SER B C     1 
ATOM   368  O O     . SER B 2 16  ? 10.995  -7.657  -4.517  1.00 76.03  ? 55  SER B O     1 
ATOM   369  C CB    . SER B 2 16  ? 10.638  -9.897  -2.143  1.00 72.32  ? 55  SER B CB    1 
ATOM   370  O OG    . SER B 2 16  ? 11.111  -10.634 -1.037  1.00 76.15  ? 55  SER B OG    1 
ATOM   371  N N     . TYR B 2 17  ? 9.716   -7.009  -2.770  1.00 66.03  ? 56  TYR B N     1 
ATOM   372  C CA    . TYR B 2 17  ? 8.830   -6.165  -3.563  1.00 64.17  ? 56  TYR B CA    1 
ATOM   373  C C     . TYR B 2 17  ? 9.384   -4.769  -3.826  1.00 61.02  ? 56  TYR B C     1 
ATOM   374  O O     . TYR B 2 17  ? 8.766   -3.998  -4.535  1.00 62.14  ? 56  TYR B O     1 
ATOM   375  C CB    . TYR B 2 17  ? 7.475   -6.034  -2.863  1.00 63.29  ? 56  TYR B CB    1 
ATOM   376  C CG    . TYR B 2 17  ? 6.870   -7.345  -2.395  1.00 62.37  ? 56  TYR B CG    1 
ATOM   377  C CD1   . TYR B 2 17  ? 7.032   -8.516  -3.128  1.00 64.27  ? 56  TYR B CD1   1 
ATOM   378  C CD2   . TYR B 2 17  ? 6.116   -7.405  -1.231  1.00 60.66  ? 56  TYR B CD2   1 
ATOM   379  C CE1   . TYR B 2 17  ? 6.470   -9.709  -2.705  1.00 64.87  ? 56  TYR B CE1   1 
ATOM   380  C CE2   . TYR B 2 17  ? 5.551   -8.591  -0.802  1.00 61.03  ? 56  TYR B CE2   1 
ATOM   381  C CZ    . TYR B 2 17  ? 5.726   -9.742  -1.547  1.00 64.35  ? 56  TYR B CZ    1 
ATOM   382  O OH    . TYR B 2 17  ? 5.170   -10.946 -1.143  1.00 70.13  ? 56  TYR B OH    1 
ATOM   383  N N     . HIS B 2 18  ? 10.549  -4.443  -3.280  1.00 61.86  ? 57  HIS B N     1 
ATOM   384  C CA    . HIS B 2 18  ? 10.996  -3.057  -3.236  1.00 62.89  ? 57  HIS B CA    1 
ATOM   385  C C     . HIS B 2 18  ? 10.780  -2.304  -4.549  1.00 63.19  ? 57  HIS B C     1 
ATOM   386  O O     . HIS B 2 18  ? 10.427  -1.122  -4.543  1.00 64.26  ? 57  HIS B O     1 
ATOM   387  C CB    . HIS B 2 18  ? 12.471  -2.976  -2.813  1.00 66.09  ? 57  HIS B CB    1 
ATOM   388  C CG    . HIS B 2 18  ? 12.983  -1.570  -2.678  1.00 68.97  ? 57  HIS B CG    1 
ATOM   389  N ND1   . HIS B 2 18  ? 12.794  -0.813  -1.541  1.00 69.03  ? 57  HIS B ND1   1 
ATOM   390  C CD2   . HIS B 2 18  ? 13.665  -0.779  -3.544  1.00 70.57  ? 57  HIS B CD2   1 
ATOM   391  C CE1   . HIS B 2 18  ? 13.340  0.379   -1.710  1.00 70.34  ? 57  HIS B CE1   1 
ATOM   392  N NE2   . HIS B 2 18  ? 13.873  0.427   -2.918  1.00 69.98  ? 57  HIS B NE2   1 
ATOM   393  N N     . SER B 2 19  ? 10.997  -2.984  -5.669  1.00 65.20  ? 58  SER B N     1 
ATOM   394  C CA    . SER B 2 19  ? 10.961  -2.336  -6.986  1.00 65.39  ? 58  SER B CA    1 
ATOM   395  C C     . SER B 2 19  ? 9.551   -1.930  -7.409  1.00 64.00  ? 58  SER B C     1 
ATOM   396  O O     . SER B 2 19  ? 9.376   -0.945  -8.127  1.00 63.57  ? 58  SER B O     1 
ATOM   397  C CB    . SER B 2 19  ? 11.557  -3.274  -8.039  1.00 67.14  ? 58  SER B CB    1 
ATOM   398  O OG    . SER B 2 19  ? 10.886  -4.526  -8.033  1.00 69.20  ? 58  SER B OG    1 
ATOM   399  N N     . VAL B 2 20  ? 8.559   -2.691  -6.947  1.00 63.34  ? 59  VAL B N     1 
ATOM   400  C CA    . VAL B 2 20  ? 7.170   -2.520  -7.373  1.00 66.41  ? 59  VAL B CA    1 
ATOM   401  C C     . VAL B 2 20  ? 6.216   -1.979  -6.292  1.00 67.41  ? 59  VAL B C     1 
ATOM   402  O O     . VAL B 2 20  ? 5.208   -1.361  -6.627  1.00 73.23  ? 59  VAL B O     1 
ATOM   403  C CB    . VAL B 2 20  ? 6.607   -3.836  -7.956  1.00 67.38  ? 59  VAL B CB    1 
ATOM   404  C CG1   . VAL B 2 20  ? 7.577   -4.403  -8.992  1.00 70.41  ? 59  VAL B CG1   1 
ATOM   405  C CG2   . VAL B 2 20  ? 6.337   -4.859  -6.862  1.00 67.98  ? 59  VAL B CG2   1 
ATOM   406  N N     . VAL B 2 21  ? 6.510   -2.227  -5.018  1.00 66.64  ? 60  VAL B N     1 
ATOM   407  C CA    . VAL B 2 21  ? 5.777   -1.603  -3.911  1.00 68.41  ? 60  VAL B CA    1 
ATOM   408  C C     . VAL B 2 21  ? 6.748   -1.270  -2.779  1.00 69.10  ? 60  VAL B C     1 
ATOM   409  O O     . VAL B 2 21  ? 7.460   -2.160  -2.294  1.00 70.80  ? 60  VAL B O     1 
ATOM   410  C CB    . VAL B 2 21  ? 4.676   -2.529  -3.343  1.00 70.87  ? 60  VAL B CB    1 
ATOM   411  C CG1   . VAL B 2 21  ? 3.927   -1.853  -2.197  1.00 73.81  ? 60  VAL B CG1   1 
ATOM   412  C CG2   . VAL B 2 21  ? 3.699   -2.925  -4.426  1.00 72.90  ? 60  VAL B CG2   1 
ATOM   413  N N     . ARG B 2 22  ? 6.768   -0.003  -2.352  1.00 66.55  ? 61  ARG B N     1 
ATOM   414  C CA    . ARG B 2 22  ? 7.646   0.429   -1.255  1.00 65.52  ? 61  ARG B CA    1 
ATOM   415  C C     . ARG B 2 22  ? 7.155   1.691   -0.551  1.00 60.10  ? 61  ARG B C     1 
ATOM   416  O O     . ARG B 2 22  ? 6.282   2.389   -1.052  1.00 60.72  ? 61  ARG B O     1 
ATOM   417  C CB    . ARG B 2 22  ? 9.067   0.668   -1.781  1.00 67.69  ? 61  ARG B CB    1 
ATOM   418  C CG    . ARG B 2 22  ? 9.195   1.803   -2.792  1.00 73.41  ? 61  ARG B CG    1 
ATOM   419  C CD    . ARG B 2 22  ? 10.654  2.049   -3.153  1.00 81.13  ? 61  ARG B CD    1 
ATOM   420  N NE    . ARG B 2 22  ? 10.847  3.152   -4.094  1.00 89.62  ? 61  ARG B NE    1 
ATOM   421  C CZ    . ARG B 2 22  ? 10.620  3.091   -5.409  1.00 98.15  ? 61  ARG B CZ    1 
ATOM   422  N NH1   . ARG B 2 22  ? 10.161  1.975   -5.981  1.00 102.70 ? 61  ARG B NH1   1 
ATOM   423  N NH2   . ARG B 2 22  ? 10.844  4.165   -6.161  1.00 101.31 ? 61  ARG B NH2   1 
ATOM   424  N N     . TRP B 2 23  ? 7.740   1.975   0.610   1.00 59.34  ? 62  TRP B N     1 
ATOM   425  C CA    . TRP B 2 23  ? 7.516   3.238   1.314   1.00 57.07  ? 62  TRP B CA    1 
ATOM   426  C C     . TRP B 2 23  ? 8.130   4.387   0.529   1.00 59.82  ? 62  TRP B C     1 
ATOM   427  O O     . TRP B 2 23  ? 9.175   4.239   -0.109  1.00 58.74  ? 62  TRP B O     1 
ATOM   428  C CB    . TRP B 2 23  ? 8.154   3.229   2.711   1.00 55.67  ? 62  TRP B CB    1 
ATOM   429  C CG    . TRP B 2 23  ? 7.539   2.288   3.704   1.00 55.15  ? 62  TRP B CG    1 
ATOM   430  C CD1   . TRP B 2 23  ? 8.037   1.084   4.107   1.00 56.50  ? 62  TRP B CD1   1 
ATOM   431  C CD2   . TRP B 2 23  ? 6.324   2.483   4.438   1.00 55.74  ? 62  TRP B CD2   1 
ATOM   432  N NE1   . TRP B 2 23  ? 7.198   0.505   5.034   1.00 57.46  ? 62  TRP B NE1   1 
ATOM   433  C CE2   . TRP B 2 23  ? 6.141   1.346   5.257   1.00 56.51  ? 62  TRP B CE2   1 
ATOM   434  C CE3   . TRP B 2 23  ? 5.368   3.504   4.478   1.00 55.49  ? 62  TRP B CE3   1 
ATOM   435  C CZ2   . TRP B 2 23  ? 5.046   1.202   6.103   1.00 56.61  ? 62  TRP B CZ2   1 
ATOM   436  C CZ3   . TRP B 2 23  ? 4.278   3.364   5.329   1.00 54.63  ? 62  TRP B CZ3   1 
ATOM   437  C CH2   . TRP B 2 23  ? 4.130   2.222   6.129   1.00 56.61  ? 62  TRP B CH2   1 
ATOM   438  N N     . SER B 2 24  ? 7.482   5.541   0.597   1.00 65.85  ? 63  SER B N     1 
ATOM   439  C CA    . SER B 2 24  ? 8.054   6.765   0.068   1.00 72.75  ? 63  SER B CA    1 
ATOM   440  C C     . SER B 2 24  ? 9.258   7.120   0.920   1.00 81.07  ? 63  SER B C     1 
ATOM   441  O O     . SER B 2 24  ? 9.251   6.898   2.128   1.00 84.48  ? 63  SER B O     1 
ATOM   442  C CB    . SER B 2 24  ? 7.039   7.908   0.119   1.00 73.32  ? 63  SER B CB    1 
ATOM   443  O OG    . SER B 2 24  ? 6.970   8.470   1.416   1.00 72.74  ? 63  SER B OG    1 
ATOM   444  N N     . ASP B 2 25  ? 10.279  7.681   0.284   1.00 93.74  ? 64  ASP B N     1 
ATOM   445  C CA    . ASP B 2 25  ? 11.546  8.045   0.944   1.00 98.00  ? 64  ASP B CA    1 
ATOM   446  C C     . ASP B 2 25  ? 11.370  8.578   2.377   1.00 92.74  ? 64  ASP B C     1 
ATOM   447  O O     . ASP B 2 25  ? 12.062  8.132   3.304   1.00 81.96  ? 64  ASP B O     1 
ATOM   448  C CB    . ASP B 2 25  ? 12.284  9.082   0.090   1.00 104.68 ? 64  ASP B CB    1 
ATOM   449  C CG    . ASP B 2 25  ? 12.436  8.640   -1.357  1.00 110.57 ? 64  ASP B CG    1 
ATOM   450  O OD1   . ASP B 2 25  ? 13.073  7.587   -1.597  1.00 117.25 ? 64  ASP B OD1   1 
ATOM   451  O OD2   . ASP B 2 25  ? 11.897  9.341   -2.243  1.00 109.00 ? 64  ASP B OD2   1 
ATOM   452  N N     . ASP B 2 26  ? 10.444  9.525   2.536   1.00 86.12  ? 65  ASP B N     1 
ATOM   453  C CA    . ASP B 2 26  ? 10.054  10.042  3.846   1.00 83.09  ? 65  ASP B CA    1 
ATOM   454  C C     . ASP B 2 26  ? 9.703   8.907   4.792   1.00 77.57  ? 65  ASP B C     1 
ATOM   455  O O     . ASP B 2 26  ? 10.281  8.786   5.872   1.00 84.07  ? 65  ASP B O     1 
ATOM   456  C CB    . ASP B 2 26  ? 8.835   10.963  3.721   1.00 88.19  ? 65  ASP B CB    1 
ATOM   457  C CG    . ASP B 2 26  ? 9.184   12.354  3.209   1.00 94.50  ? 65  ASP B CG    1 
ATOM   458  O OD1   . ASP B 2 26  ? 10.370  12.617  2.905   1.00 98.96  ? 65  ASP B OD1   1 
ATOM   459  O OD2   . ASP B 2 26  ? 8.260   13.197  3.119   1.00 99.10  ? 65  ASP B OD2   1 
ATOM   460  N N     . GLY B 2 27  ? 8.764   8.072   4.363   1.00 70.31  ? 66  GLY B N     1 
ATOM   461  C CA    . GLY B 2 27  ? 8.237   6.983   5.190   1.00 66.05  ? 66  GLY B CA    1 
ATOM   462  C C     . GLY B 2 27  ? 6.813   7.236   5.652   1.00 61.94  ? 66  GLY B C     1 
ATOM   463  O O     . GLY B 2 27  ? 6.266   6.461   6.431   1.00 57.41  ? 66  GLY B O     1 
ATOM   464  N N     . ASP B 2 28  ? 6.214   8.312   5.145   1.00 61.86  ? 67  ASP B N     1 
ATOM   465  C CA    . ASP B 2 28  ? 4.891   8.766   5.565   1.00 66.34  ? 67  ASP B CA    1 
ATOM   466  C C     . ASP B 2 28  ? 3.791   8.453   4.540   1.00 64.94  ? 67  ASP B C     1 
ATOM   467  O O     . ASP B 2 28  ? 2.608   8.684   4.807   1.00 63.33  ? 67  ASP B O     1 
ATOM   468  C CB    . ASP B 2 28  ? 4.928   10.274  5.874   1.00 72.12  ? 67  ASP B CB    1 
ATOM   469  C CG    . ASP B 2 28  ? 5.586   11.105  4.763   1.00 76.23  ? 67  ASP B CG    1 
ATOM   470  O OD1   . ASP B 2 28  ? 5.667   10.633  3.603   1.00 75.49  ? 67  ASP B OD1   1 
ATOM   471  O OD2   . ASP B 2 28  ? 6.025   12.242  5.062   1.00 78.42  ? 67  ASP B OD2   1 
ATOM   472  N N     . SER B 2 29  ? 4.204   7.955   3.372   1.00 63.82  ? 68  SER B N     1 
ATOM   473  C CA    . SER B 2 29  ? 3.308   7.408   2.339   1.00 60.62  ? 68  SER B CA    1 
ATOM   474  C C     . SER B 2 29  ? 3.990   6.205   1.663   1.00 60.45  ? 68  SER B C     1 
ATOM   475  O O     . SER B 2 29  ? 5.186   5.976   1.869   1.00 59.52  ? 68  SER B O     1 
ATOM   476  C CB    . SER B 2 29  ? 2.970   8.468   1.286   1.00 60.25  ? 68  SER B CB    1 
ATOM   477  O OG    . SER B 2 29  ? 4.108   8.825   0.517   1.00 56.69  ? 68  SER B OG    1 
ATOM   478  N N     . PHE B 2 30  ? 3.226   5.439   0.882   1.00 58.07  ? 69  PHE B N     1 
ATOM   479  C CA    . PHE B 2 30  ? 3.776   4.313   0.123   1.00 55.90  ? 69  PHE B CA    1 
ATOM   480  C C     . PHE B 2 30  ? 3.447   4.438   -1.361  1.00 56.87  ? 69  PHE B C     1 
ATOM   481  O O     . PHE B 2 30  ? 2.535   5.168   -1.754  1.00 55.34  ? 69  PHE B O     1 
ATOM   482  C CB    . PHE B 2 30  ? 3.309   2.959   0.688   1.00 55.41  ? 69  PHE B CB    1 
ATOM   483  C CG    . PHE B 2 30  ? 1.916   2.573   0.292   1.00 51.97  ? 69  PHE B CG    1 
ATOM   484  C CD1   . PHE B 2 30  ? 1.689   1.732   -0.792  1.00 51.96  ? 69  PHE B CD1   1 
ATOM   485  C CD2   . PHE B 2 30  ? 0.831   3.046   1.007   1.00 48.28  ? 69  PHE B CD2   1 
ATOM   486  C CE1   . PHE B 2 30  ? 0.399   1.389   -1.170  1.00 50.26  ? 69  PHE B CE1   1 
ATOM   487  C CE2   . PHE B 2 30  ? -0.455  2.697   0.644   1.00 48.39  ? 69  PHE B CE2   1 
ATOM   488  C CZ    . PHE B 2 30  ? -0.675  1.871   -0.444  1.00 49.11  ? 69  PHE B CZ    1 
ATOM   489  N N     . VAL B 2 31  ? 4.224   3.726   -2.172  1.00 59.06  ? 70  VAL B N     1 
ATOM   490  C CA    . VAL B 2 31  ? 4.131   3.792   -3.622  1.00 59.27  ? 70  VAL B CA    1 
ATOM   491  C C     . VAL B 2 31  ? 3.922   2.400   -4.183  1.00 62.72  ? 70  VAL B C     1 
ATOM   492  O O     . VAL B 2 31  ? 4.618   1.475   -3.783  1.00 64.63  ? 70  VAL B O     1 
ATOM   493  C CB    . VAL B 2 31  ? 5.432   4.340   -4.230  1.00 58.37  ? 70  VAL B CB    1 
ATOM   494  C CG1   . VAL B 2 31  ? 5.257   4.598   -5.719  1.00 59.23  ? 70  VAL B CG1   1 
ATOM   495  C CG2   . VAL B 2 31  ? 5.863   5.610   -3.514  1.00 59.22  ? 70  VAL B CG2   1 
ATOM   496  N N     . VAL B 2 32  ? 2.961   2.264   -5.097  1.00 68.64  ? 71  VAL B N     1 
ATOM   497  C CA    . VAL B 2 32  ? 2.777   1.046   -5.896  1.00 74.65  ? 71  VAL B CA    1 
ATOM   498  C C     . VAL B 2 32  ? 3.042   1.399   -7.357  1.00 79.36  ? 71  VAL B C     1 
ATOM   499  O O     . VAL B 2 32  ? 2.526   2.390   -7.864  1.00 76.38  ? 71  VAL B O     1 
ATOM   500  C CB    . VAL B 2 32  ? 1.358   0.455   -5.751  1.00 75.95  ? 71  VAL B CB    1 
ATOM   501  C CG1   . VAL B 2 32  ? 1.172   -0.728  -6.689  1.00 79.44  ? 71  VAL B CG1   1 
ATOM   502  C CG2   . VAL B 2 32  ? 1.096   0.026   -4.315  1.00 75.64  ? 71  VAL B CG2   1 
ATOM   503  N N     . LEU B 2 33  ? 3.840   0.573   -8.027  1.00 92.01  ? 72  LEU B N     1 
ATOM   504  C CA    . LEU B 2 33  ? 4.419   0.925   -9.324  1.00 103.89 ? 72  LEU B CA    1 
ATOM   505  C C     . LEU B 2 33  ? 4.760   -0.355  -10.068 1.00 109.31 ? 72  LEU B C     1 
ATOM   506  O O     . LEU B 2 33  ? 5.286   -1.279  -9.465  1.00 119.74 ? 72  LEU B O     1 
ATOM   507  C CB    . LEU B 2 33  ? 5.681   1.769   -9.101  1.00 106.46 ? 72  LEU B CB    1 
ATOM   508  C CG    . LEU B 2 33  ? 6.655   1.992   -10.262 1.00 110.94 ? 72  LEU B CG    1 
ATOM   509  C CD1   . LEU B 2 33  ? 5.935   2.604   -11.457 1.00 114.25 ? 72  LEU B CD1   1 
ATOM   510  C CD2   . LEU B 2 33  ? 7.825   2.865   -9.816  1.00 110.92 ? 72  LEU B CD2   1 
ATOM   511  N N     . GLU B 2 34  ? 4.460   -0.408  -11.365 1.00 114.92 ? 73  GLU B N     1 
ATOM   512  C CA    . GLU B 2 34  ? 4.620   -1.631  -12.172 1.00 117.80 ? 73  GLU B CA    1 
ATOM   513  C C     . GLU B 2 34  ? 3.413   -2.520  -11.890 1.00 108.79 ? 73  GLU B C     1 
ATOM   514  O O     . GLU B 2 34  ? 3.525   -3.614  -11.321 1.00 104.57 ? 73  GLU B O     1 
ATOM   515  C CB    . GLU B 2 34  ? 5.956   -2.357  -11.893 1.00 125.87 ? 73  GLU B CB    1 
ATOM   516  C CG    . GLU B 2 34  ? 6.381   -3.373  -12.951 1.00 129.99 ? 73  GLU B CG    1 
ATOM   517  C CD    . GLU B 2 34  ? 7.738   -4.005  -12.652 1.00 131.20 ? 73  GLU B CD    1 
ATOM   518  O OE1   . GLU B 2 34  ? 7.810   -5.251  -12.544 1.00 126.42 ? 73  GLU B OE1   1 
ATOM   519  O OE2   . GLU B 2 34  ? 8.733   -3.257  -12.517 1.00 128.97 ? 73  GLU B OE2   1 
ATOM   520  N N     . ASN B 2 35  ? 2.252   -2.016  -12.300 1.00 98.43  ? 74  ASN B N     1 
ATOM   521  C CA    . ASN B 2 35  ? 0.976   -2.671  -12.060 1.00 90.38  ? 74  ASN B CA    1 
ATOM   522  C C     . ASN B 2 35  ? 0.917   -4.109  -12.579 1.00 88.70  ? 74  ASN B C     1 
ATOM   523  O O     . ASN B 2 35  ? 0.196   -4.938  -12.038 1.00 91.71  ? 74  ASN B O     1 
ATOM   524  C CB    . ASN B 2 35  ? -0.157  -1.829  -12.648 1.00 86.63  ? 74  ASN B CB    1 
ATOM   525  C CG    . ASN B 2 35  ? -0.484  -0.611  -11.797 1.00 85.27  ? 74  ASN B CG    1 
ATOM   526  O OD1   . ASN B 2 35  ? -1.573  -0.052  -11.901 1.00 81.65  ? 74  ASN B OD1   1 
ATOM   527  N ND2   . ASN B 2 35  ? 0.455   -0.200  -10.946 1.00 84.58  ? 74  ASN B ND2   1 
ATOM   528  N N     . GLU B 2 36  ? 1.689   -4.406  -13.612 1.00 87.62  ? 75  GLU B N     1 
ATOM   529  C CA    . GLU B 2 36  ? 1.812   -5.771  -14.108 1.00 90.09  ? 75  GLU B CA    1 
ATOM   530  C C     . GLU B 2 36  ? 2.131   -6.724  -12.965 1.00 84.86  ? 75  GLU B C     1 
ATOM   531  O O     . GLU B 2 36  ? 1.327   -7.586  -12.636 1.00 82.97  ? 75  GLU B O     1 
ATOM   532  C CB    . GLU B 2 36  ? 2.925   -5.865  -15.160 1.00 100.76 ? 75  GLU B CB    1 
ATOM   533  C CG    . GLU B 2 36  ? 2.559   -5.299  -16.520 1.00 107.24 ? 75  GLU B CG    1 
ATOM   534  C CD    . GLU B 2 36  ? 2.535   -3.779  -16.578 1.00 113.23 ? 75  GLU B CD    1 
ATOM   535  O OE1   . GLU B 2 36  ? 1.454   -3.219  -16.886 1.00 121.09 ? 75  GLU B OE1   1 
ATOM   536  O OE2   . GLU B 2 36  ? 3.587   -3.149  -16.317 1.00 111.64 ? 75  GLU B OE2   1 
ATOM   537  N N     . LYS B 2 37  ? 3.300   -6.547  -12.348 1.00 81.88  ? 76  LYS B N     1 
ATOM   538  C CA    . LYS B 2 37  ? 3.805   -7.512  -11.368 1.00 74.29  ? 76  LYS B CA    1 
ATOM   539  C C     . LYS B 2 37  ? 3.100   -7.417  -10.015 1.00 68.78  ? 76  LYS B C     1 
ATOM   540  O O     . LYS B 2 37  ? 2.895   -8.442  -9.367  1.00 64.96  ? 76  LYS B O     1 
ATOM   541  C CB    . LYS B 2 37  ? 5.313   -7.362  -11.178 1.00 78.02  ? 76  LYS B CB    1 
ATOM   542  C CG    . LYS B 2 37  ? 5.969   -8.626  -10.630 1.00 84.28  ? 76  LYS B CG    1 
ATOM   543  C CD    . LYS B 2 37  ? 7.378   -8.378  -10.099 1.00 87.99  ? 76  LYS B CD    1 
ATOM   544  C CE    . LYS B 2 37  ? 7.874   -9.549  -9.252  1.00 89.58  ? 76  LYS B CE    1 
ATOM   545  N NZ    . LYS B 2 37  ? 8.851   -9.146  -8.196  1.00 86.77  ? 76  LYS B NZ    1 
ATOM   546  N N     . PHE B 2 38  ? 2.732   -6.204  -9.593  1.00 61.48  ? 77  PHE B N     1 
ATOM   547  C CA    . PHE B 2 38  ? 2.009   -6.006  -8.321  1.00 59.52  ? 77  PHE B CA    1 
ATOM   548  C C     . PHE B 2 38  ? 0.616   -6.627  -8.335  1.00 57.49  ? 77  PHE B C     1 
ATOM   549  O O     . PHE B 2 38  ? 0.241   -7.387  -7.438  1.00 56.95  ? 77  PHE B O     1 
ATOM   550  C CB    . PHE B 2 38  ? 1.872   -4.514  -7.988  1.00 59.11  ? 77  PHE B CB    1 
ATOM   551  C CG    . PHE B 2 38  ? 0.964   -4.251  -6.826  1.00 62.87  ? 77  PHE B CG    1 
ATOM   552  C CD1   . PHE B 2 38  ? 1.344   -4.620  -5.553  1.00 62.58  ? 77  PHE B CD1   1 
ATOM   553  C CD2   . PHE B 2 38  ? -0.288  -3.681  -7.007  1.00 63.13  ? 77  PHE B CD2   1 
ATOM   554  C CE1   . PHE B 2 38  ? 0.509   -4.398  -4.473  1.00 63.70  ? 77  PHE B CE1   1 
ATOM   555  C CE2   . PHE B 2 38  ? -1.128  -3.463  -5.930  1.00 63.06  ? 77  PHE B CE2   1 
ATOM   556  C CZ    . PHE B 2 38  ? -0.729  -3.820  -4.661  1.00 62.94  ? 77  PHE B CZ    1 
ATOM   557  N N     . THR B 2 39  ? -0.147  -6.271  -9.361  1.00 60.49  ? 78  THR B N     1 
ATOM   558  C CA    . THR B 2 39  ? -1.513  -6.741  -9.526  1.00 59.74  ? 78  THR B CA    1 
ATOM   559  C C     . THR B 2 39  ? -1.547  -8.251  -9.695  1.00 64.83  ? 78  THR B C     1 
ATOM   560  O O     . THR B 2 39  ? -2.328  -8.928  -9.041  1.00 72.92  ? 78  THR B O     1 
ATOM   561  C CB    . THR B 2 39  ? -2.178  -6.069  -10.742 1.00 57.52  ? 78  THR B CB    1 
ATOM   562  O OG1   . THR B 2 39  ? -2.300  -4.661  -10.505 1.00 54.68  ? 78  THR B OG1   1 
ATOM   563  C CG2   . THR B 2 39  ? -3.541  -6.634  -11.008 1.00 60.90  ? 78  THR B CG2   1 
ATOM   564  N N     . LYS B 2 40  ? -0.684  -8.788  -10.547 1.00 66.18  ? 79  LYS B N     1 
ATOM   565  C CA    . LYS B 2 40  ? -0.806  -10.187 -10.934 1.00 67.36  ? 79  LYS B CA    1 
ATOM   566  C C     . LYS B 2 40  ? -0.091  -11.129 -9.965  1.00 65.51  ? 79  LYS B C     1 
ATOM   567  O O     . LYS B 2 40  ? -0.487  -12.277 -9.834  1.00 63.42  ? 79  LYS B O     1 
ATOM   568  C CB    . LYS B 2 40  ? -0.294  -10.396 -12.362 1.00 76.92  ? 79  LYS B CB    1 
ATOM   569  C CG    . LYS B 2 40  ? -0.749  -9.345  -13.373 1.00 84.25  ? 79  LYS B CG    1 
ATOM   570  C CD    . LYS B 2 40  ? -2.089  -9.642  -14.029 1.00 91.89  ? 79  LYS B CD    1 
ATOM   571  C CE    . LYS B 2 40  ? -2.599  -8.407  -14.777 1.00 99.44  ? 79  LYS B CE    1 
ATOM   572  N NZ    . LYS B 2 40  ? -3.134  -8.682  -16.145 1.00 104.89 ? 79  LYS B NZ    1 
ATOM   573  N N     . THR B 2 41  ? 0.945   -10.649 -9.280  1.00 68.83  ? 80  THR B N     1 
ATOM   574  C CA    . THR B 2 41  ? 1.789   -11.517 -8.444  1.00 69.76  ? 80  THR B CA    1 
ATOM   575  C C     . THR B 2 41  ? 1.632   -11.290 -6.945  1.00 65.77  ? 80  THR B C     1 
ATOM   576  O O     . THR B 2 41  ? 1.536   -12.242 -6.178  1.00 67.15  ? 80  THR B O     1 
ATOM   577  C CB    . THR B 2 41  ? 3.280   -11.314 -8.778  1.00 74.40  ? 80  THR B CB    1 
ATOM   578  O OG1   . THR B 2 41  ? 3.469   -11.369 -10.198 1.00 76.89  ? 80  THR B OG1   1 
ATOM   579  C CG2   . THR B 2 41  ? 4.142   -12.371 -8.097  1.00 78.64  ? 80  THR B CG2   1 
ATOM   580  N N     . ILE B 2 42  ? 1.613   -10.025 -6.537  1.00 65.81  ? 81  ILE B N     1 
ATOM   581  C CA    . ILE B 2 42  ? 1.643   -9.650  -5.118  1.00 63.88  ? 81  ILE B CA    1 
ATOM   582  C C     . ILE B 2 42  ? 0.239   -9.491  -4.520  1.00 64.02  ? 81  ILE B C     1 
ATOM   583  O O     . ILE B 2 42  ? -0.042  -9.990  -3.421  1.00 64.15  ? 81  ILE B O     1 
ATOM   584  C CB    . ILE B 2 42  ? 2.458   -8.358  -4.926  1.00 61.84  ? 81  ILE B CB    1 
ATOM   585  C CG1   . ILE B 2 42  ? 3.873   -8.562  -5.479  1.00 60.83  ? 81  ILE B CG1   1 
ATOM   586  C CG2   . ILE B 2 42  ? 2.520   -7.983  -3.454  1.00 63.78  ? 81  ILE B CG2   1 
ATOM   587  C CD1   . ILE B 2 42  ? 4.617   -7.283  -5.773  1.00 61.00  ? 81  ILE B CD1   1 
ATOM   588  N N     . LEU B 2 43  ? -0.654  -8.813  -5.237  1.00 60.39  ? 82  LEU B N     1 
ATOM   589  C CA    . LEU B 2 43  ? -2.039  -8.718  -4.768  1.00 59.64  ? 82  LEU B CA    1 
ATOM   590  C C     . LEU B 2 43  ? -2.604  -10.081 -4.377  1.00 59.22  ? 82  LEU B C     1 
ATOM   591  O O     . LEU B 2 43  ? -3.120  -10.225 -3.278  1.00 63.23  ? 82  LEU B O     1 
ATOM   592  C CB    . LEU B 2 43  ? -2.949  -8.046  -5.802  1.00 58.47  ? 82  LEU B CB    1 
ATOM   593  C CG    . LEU B 2 43  ? -3.088  -6.533  -5.703  1.00 57.44  ? 82  LEU B CG    1 
ATOM   594  C CD1   . LEU B 2 43  ? -4.078  -6.044  -6.750  1.00 57.94  ? 82  LEU B CD1   1 
ATOM   595  C CD2   . LEU B 2 43  ? -3.530  -6.118  -4.305  1.00 58.56  ? 82  LEU B CD2   1 
ATOM   596  N N     . PRO B 2 44  ? -2.480  -11.094 -5.253  1.00 61.65  ? 83  PRO B N     1 
ATOM   597  C CA    . PRO B 2 44  ? -3.057  -12.399 -4.921  1.00 62.58  ? 83  PRO B CA    1 
ATOM   598  C C     . PRO B 2 44  ? -2.333  -13.143 -3.801  1.00 69.35  ? 83  PRO B C     1 
ATOM   599  O O     . PRO B 2 44  ? -2.917  -14.052 -3.194  1.00 69.73  ? 83  PRO B O     1 
ATOM   600  C CB    . PRO B 2 44  ? -2.948  -13.194 -6.231  1.00 61.59  ? 83  PRO B CB    1 
ATOM   601  C CG    . PRO B 2 44  ? -2.414  -12.261 -7.261  1.00 60.34  ? 83  PRO B CG    1 
ATOM   602  C CD    . PRO B 2 44  ? -1.761  -11.132 -6.537  1.00 61.07  ? 83  PRO B CD    1 
ATOM   603  N N     . LYS B 2 45  ? -1.074  -12.788 -3.548  1.00 77.31  ? 84  LYS B N     1 
ATOM   604  C CA    . LYS B 2 45  ? -0.341  -13.373 -2.429  1.00 86.00  ? 84  LYS B CA    1 
ATOM   605  C C     . LYS B 2 45  ? -0.985  -12.941 -1.118  1.00 85.73  ? 84  LYS B C     1 
ATOM   606  O O     . LYS B 2 45  ? -1.219  -13.769 -0.235  1.00 90.63  ? 84  LYS B O     1 
ATOM   607  C CB    . LYS B 2 45  ? 1.138   -12.962 -2.440  1.00 94.13  ? 84  LYS B CB    1 
ATOM   608  C CG    . LYS B 2 45  ? 2.033   -13.818 -3.322  1.00 104.89 ? 84  LYS B CG    1 
ATOM   609  C CD    . LYS B 2 45  ? 3.455   -13.272 -3.353  1.00 113.57 ? 84  LYS B CD    1 
ATOM   610  C CE    . LYS B 2 45  ? 4.269   -13.861 -4.496  1.00 119.50 ? 84  LYS B CE    1 
ATOM   611  N NZ    . LYS B 2 45  ? 5.567   -13.147 -4.665  1.00 121.87 ? 84  LYS B NZ    1 
ATOM   612  N N     . HIS B 2 46  ? -1.288  -11.649 -1.010  1.00 78.48  ? 85  HIS B N     1 
ATOM   613  C CA    . HIS B 2 46  ? -1.770  -11.066 0.241   1.00 74.85  ? 85  HIS B CA    1 
ATOM   614  C C     . HIS B 2 46  ? -3.300  -10.957 0.342   1.00 72.37  ? 85  HIS B C     1 
ATOM   615  O O     . HIS B 2 46  ? -3.840  -10.922 1.439   1.00 75.19  ? 85  HIS B O     1 
ATOM   616  C CB    . HIS B 2 46  ? -1.109  -9.701  0.452   1.00 74.31  ? 85  HIS B CB    1 
ATOM   617  C CG    . HIS B 2 46  ? 0.386   -9.772  0.547   1.00 74.96  ? 85  HIS B CG    1 
ATOM   618  N ND1   . HIS B 2 46  ? 1.069   -9.614  1.735   1.00 73.69  ? 85  HIS B ND1   1 
ATOM   619  C CD2   . HIS B 2 46  ? 1.329   -10.009 -0.396  1.00 75.62  ? 85  HIS B CD2   1 
ATOM   620  C CE1   . HIS B 2 46  ? 2.365   -9.742  1.518   1.00 74.01  ? 85  HIS B CE1   1 
ATOM   621  N NE2   . HIS B 2 46  ? 2.550   -9.984  0.233   1.00 75.73  ? 85  HIS B NE2   1 
ATOM   622  N N     . PHE B 2 47  ? -4.001  -10.933 -0.787  1.00 70.04  ? 86  PHE B N     1 
ATOM   623  C CA    . PHE B 2 47  ? -5.442  -10.666 -0.784  1.00 65.49  ? 86  PHE B CA    1 
ATOM   624  C C     . PHE B 2 47  ? -6.204  -11.715 -1.587  1.00 67.00  ? 86  PHE B C     1 
ATOM   625  O O     . PHE B 2 47  ? -5.608  -12.660 -2.104  1.00 72.63  ? 86  PHE B O     1 
ATOM   626  C CB    . PHE B 2 47  ? -5.693  -9.249  -1.309  1.00 63.20  ? 86  PHE B CB    1 
ATOM   627  C CG    . PHE B 2 47  ? -5.086  -8.176  -0.443  1.00 60.85  ? 86  PHE B CG    1 
ATOM   628  C CD1   . PHE B 2 47  ? -5.693  -7.803  0.747   1.00 62.47  ? 86  PHE B CD1   1 
ATOM   629  C CD2   . PHE B 2 47  ? -3.907  -7.553  -0.805  1.00 59.63  ? 86  PHE B CD2   1 
ATOM   630  C CE1   . PHE B 2 47  ? -5.137  -6.825  1.557   1.00 61.92  ? 86  PHE B CE1   1 
ATOM   631  C CE2   . PHE B 2 47  ? -3.343  -6.576  0.000   1.00 60.94  ? 86  PHE B CE2   1 
ATOM   632  C CZ    . PHE B 2 47  ? -3.959  -6.210  1.182   1.00 59.68  ? 86  PHE B CZ    1 
ATOM   633  N N     . LYS B 2 48  ? -7.521  -11.551 -1.680  1.00 69.31  ? 87  LYS B N     1 
ATOM   634  C CA    . LYS B 2 48  ? -8.396  -12.555 -2.293  1.00 71.78  ? 87  LYS B CA    1 
ATOM   635  C C     . LYS B 2 48  ? -8.773  -12.215 -3.748  1.00 65.57  ? 87  LYS B C     1 
ATOM   636  O O     . LYS B 2 48  ? -9.817  -12.653 -4.246  1.00 66.87  ? 87  LYS B O     1 
ATOM   637  C CB    . LYS B 2 48  ? -9.671  -12.720 -1.450  1.00 81.07  ? 87  LYS B CB    1 
ATOM   638  C CG    . LYS B 2 48  ? -9.453  -12.842 0.059   1.00 89.80  ? 87  LYS B CG    1 
ATOM   639  C CD    . LYS B 2 48  ? -10.792 -12.874 0.795   1.00 100.62 ? 87  LYS B CD    1 
ATOM   640  C CE    . LYS B 2 48  ? -10.642 -12.865 2.314   1.00 105.89 ? 87  LYS B CE    1 
ATOM   641  N NZ    . LYS B 2 48  ? -11.960 -12.841 3.025   1.00 106.85 ? 87  LYS B NZ    1 
ATOM   642  N N     . HIS B 2 49  ? -7.918  -11.454 -4.427  1.00 56.27  ? 88  HIS B N     1 
ATOM   643  C CA    . HIS B 2 49  ? -8.189  -10.994 -5.793  1.00 52.52  ? 88  HIS B CA    1 
ATOM   644  C C     . HIS B 2 49  ? -6.881  -10.579 -6.458  1.00 52.96  ? 88  HIS B C     1 
ATOM   645  O O     . HIS B 2 49  ? -5.840  -10.558 -5.811  1.00 57.52  ? 88  HIS B O     1 
ATOM   646  C CB    . HIS B 2 49  ? -9.123  -9.786  -5.762  1.00 48.20  ? 88  HIS B CB    1 
ATOM   647  C CG    . HIS B 2 49  ? -8.543  -8.622  -5.031  1.00 41.60  ? 88  HIS B CG    1 
ATOM   648  N ND1   . HIS B 2 49  ? -8.028  -7.517  -5.670  1.00 41.27  ? 88  HIS B ND1   1 
ATOM   649  C CD2   . HIS B 2 49  ? -8.355  -8.410  -3.709  1.00 39.98  ? 88  HIS B CD2   1 
ATOM   650  C CE1   . HIS B 2 49  ? -7.558  -6.669  -4.774  1.00 39.61  ? 88  HIS B CE1   1 
ATOM   651  N NE2   . HIS B 2 49  ? -7.746  -7.187  -3.574  1.00 37.61  ? 88  HIS B NE2   1 
ATOM   652  N N     . SER B 2 50  ? -6.943  -10.239 -7.742  1.00 53.62  ? 89  SER B N     1 
ATOM   653  C CA    . SER B 2 50  ? -5.770  -9.745  -8.479  1.00 57.09  ? 89  SER B CA    1 
ATOM   654  C C     . SER B 2 50  ? -6.221  -8.572  -9.331  1.00 57.82  ? 89  SER B C     1 
ATOM   655  O O     . SER B 2 50  ? -5.909  -8.464  -10.524 1.00 58.42  ? 89  SER B O     1 
ATOM   656  C CB    . SER B 2 50  ? -5.168  -10.853 -9.350  1.00 59.44  ? 89  SER B CB    1 
ATOM   657  O OG    . SER B 2 50  ? -5.936  -11.075 -10.521 1.00 60.83  ? 89  SER B OG    1 
ATOM   658  N N     . ASN B 2 51  ? -6.950  -7.688  -8.667  1.00 56.89  ? 90  ASN B N     1 
ATOM   659  C CA    . ASN B 2 51  ? -7.743  -6.638  -9.289  1.00 54.88  ? 90  ASN B CA    1 
ATOM   660  C C     . ASN B 2 51  ? -7.338  -5.358  -8.569  1.00 52.05  ? 90  ASN B C     1 
ATOM   661  O O     . ASN B 2 51  ? -7.522  -5.230  -7.355  1.00 57.68  ? 90  ASN B O     1 
ATOM   662  C CB    . ASN B 2 51  ? -9.238  -6.969  -9.107  1.00 55.06  ? 90  ASN B CB    1 
ATOM   663  C CG    . ASN B 2 51  ? -10.162 -6.006  -9.826  1.00 57.38  ? 90  ASN B CG    1 
ATOM   664  O OD1   . ASN B 2 51  ? -9.808  -4.859  -10.124 1.00 63.21  ? 90  ASN B OD1   1 
ATOM   665  N ND2   . ASN B 2 51  ? -11.375 -6.469  -10.095 1.00 59.44  ? 90  ASN B ND2   1 
ATOM   666  N N     . PHE B 2 52  ? -6.743  -4.430  -9.300  1.00 47.73  ? 91  PHE B N     1 
ATOM   667  C CA    . PHE B 2 52  ? -6.135  -3.263  -8.677  1.00 47.22  ? 91  PHE B CA    1 
ATOM   668  C C     . PHE B 2 52  ? -7.199  -2.339  -8.116  1.00 49.44  ? 91  PHE B C     1 
ATOM   669  O O     . PHE B 2 52  ? -7.015  -1.755  -7.060  1.00 54.02  ? 91  PHE B O     1 
ATOM   670  C CB    . PHE B 2 52  ? -5.280  -2.515  -9.688  1.00 46.48  ? 91  PHE B CB    1 
ATOM   671  C CG    . PHE B 2 52  ? -4.387  -1.487  -9.074  1.00 46.54  ? 91  PHE B CG    1 
ATOM   672  C CD1   . PHE B 2 52  ? -3.243  -1.866  -8.393  1.00 45.48  ? 91  PHE B CD1   1 
ATOM   673  C CD2   . PHE B 2 52  ? -4.689  -0.134  -9.182  1.00 46.29  ? 91  PHE B CD2   1 
ATOM   674  C CE1   . PHE B 2 52  ? -2.418  -0.906  -7.821  1.00 46.38  ? 91  PHE B CE1   1 
ATOM   675  C CE2   . PHE B 2 52  ? -3.873  0.820   -8.609  1.00 45.36  ? 91  PHE B CE2   1 
ATOM   676  C CZ    . PHE B 2 52  ? -2.731  0.437   -7.933  1.00 44.25  ? 91  PHE B CZ    1 
ATOM   677  N N     . ALA B 2 53  ? -8.316  -2.228  -8.829  1.00 48.51  ? 92  ALA B N     1 
ATOM   678  C CA    . ALA B 2 53  ? -9.410  -1.352  -8.440  1.00 46.82  ? 92  ALA B CA    1 
ATOM   679  C C     . ALA B 2 53  ? -9.978  -1.701  -7.071  1.00 47.36  ? 92  ALA B C     1 
ATOM   680  O O     . ALA B 2 53  ? -10.376 -0.810  -6.323  1.00 47.87  ? 92  ALA B O     1 
ATOM   681  C CB    . ALA B 2 53  ? -10.503 -1.399  -9.490  1.00 48.25  ? 92  ALA B CB    1 
ATOM   682  N N     . SER B 2 54  ? -9.998  -2.992  -6.745  1.00 46.41  ? 93  SER B N     1 
ATOM   683  C CA    . SER B 2 54  ? -10.435 -3.460  -5.428  1.00 45.44  ? 93  SER B CA    1 
ATOM   684  C C     . SER B 2 54  ? -9.424  -3.124  -4.334  1.00 48.11  ? 93  SER B C     1 
ATOM   685  O O     . SER B 2 54  ? -9.800  -2.887  -3.177  1.00 50.93  ? 93  SER B O     1 
ATOM   686  C CB    . SER B 2 54  ? -10.698 -4.959  -5.469  1.00 44.71  ? 93  SER B CB    1 
ATOM   687  O OG    . SER B 2 54  ? -11.685 -5.248  -6.439  1.00 44.89  ? 93  SER B OG    1 
ATOM   688  N N     . PHE B 2 55  ? -8.142  -3.098  -4.695  1.00 45.04  ? 94  PHE B N     1 
ATOM   689  C CA    . PHE B 2 55  ? -7.101  -2.639  -3.777  1.00 40.83  ? 94  PHE B CA    1 
ATOM   690  C C     . PHE B 2 55  ? -7.280  -1.163  -3.504  1.00 42.21  ? 94  PHE B C     1 
ATOM   691  O O     . PHE B 2 55  ? -7.189  -0.715  -2.373  1.00 44.53  ? 94  PHE B O     1 
ATOM   692  C CB    . PHE B 2 55  ? -5.719  -2.880  -4.386  1.00 40.79  ? 94  PHE B CB    1 
ATOM   693  C CG    . PHE B 2 55  ? -4.576  -2.414  -3.524  1.00 37.50  ? 94  PHE B CG    1 
ATOM   694  C CD1   . PHE B 2 55  ? -4.298  -3.040  -2.330  1.00 39.48  ? 94  PHE B CD1   1 
ATOM   695  C CD2   . PHE B 2 55  ? -3.785  -1.355  -3.921  1.00 38.59  ? 94  PHE B CD2   1 
ATOM   696  C CE1   . PHE B 2 55  ? -3.250  -2.619  -1.532  1.00 41.10  ? 94  PHE B CE1   1 
ATOM   697  C CE2   . PHE B 2 55  ? -2.727  -0.931  -3.140  1.00 40.65  ? 94  PHE B CE2   1 
ATOM   698  C CZ    . PHE B 2 55  ? -2.462  -1.567  -1.937  1.00 40.76  ? 94  PHE B CZ    1 
ATOM   699  N N     . VAL B 2 56  ? -7.523  -0.400  -4.562  1.00 44.57  ? 95  VAL B N     1 
ATOM   700  C CA    . VAL B 2 56  ? -7.761  1.023   -4.428  1.00 46.86  ? 95  VAL B CA    1 
ATOM   701  C C     . VAL B 2 56  ? -8.987  1.294   -3.551  1.00 48.71  ? 95  VAL B C     1 
ATOM   702  O O     . VAL B 2 56  ? -8.940  2.153   -2.674  1.00 54.18  ? 95  VAL B O     1 
ATOM   703  C CB    . VAL B 2 56  ? -7.926  1.685   -5.806  1.00 48.41  ? 95  VAL B CB    1 
ATOM   704  C CG1   . VAL B 2 56  ? -8.488  3.100   -5.672  1.00 49.53  ? 95  VAL B CG1   1 
ATOM   705  C CG2   . VAL B 2 56  ? -6.590  1.711   -6.534  1.00 47.50  ? 95  VAL B CG2   1 
ATOM   706  N N     . ARG B 2 57  ? -10.073 0.563   -3.783  1.00 49.70  ? 96  ARG B N     1 
ATOM   707  C CA    . ARG B 2 57  ? -11.305 0.754   -3.017  1.00 50.40  ? 96  ARG B CA    1 
ATOM   708  C C     . ARG B 2 57  ? -11.073 0.588   -1.530  1.00 51.61  ? 96  ARG B C     1 
ATOM   709  O O     . ARG B 2 57  ? -11.542 1.392   -0.744  1.00 50.84  ? 96  ARG B O     1 
ATOM   710  C CB    . ARG B 2 57  ? -12.384 -0.230  -3.451  1.00 51.44  ? 96  ARG B CB    1 
ATOM   711  C CG    . ARG B 2 57  ? -13.723 -0.042  -2.739  1.00 52.86  ? 96  ARG B CG    1 
ATOM   712  C CD    . ARG B 2 57  ? -14.548 1.076   -3.356  1.00 52.95  ? 96  ARG B CD    1 
ATOM   713  N NE    . ARG B 2 57  ? -15.689 1.466   -2.523  1.00 53.04  ? 96  ARG B NE    1 
ATOM   714  C CZ    . ARG B 2 57  ? -15.613 2.256   -1.449  1.00 53.33  ? 96  ARG B CZ    1 
ATOM   715  N NH1   . ARG B 2 57  ? -14.451 2.751   -1.043  1.00 52.19  ? 96  ARG B NH1   1 
ATOM   716  N NH2   . ARG B 2 57  ? -16.713 2.555   -0.764  1.00 57.50  ? 96  ARG B NH2   1 
ATOM   717  N N     . GLN B 2 58  ? -10.361 -0.465  -1.146  1.00 53.91  ? 97  GLN B N     1 
ATOM   718  C CA    . GLN B 2 58  ? -10.040 -0.698  0.262   1.00 53.58  ? 97  GLN B CA    1 
ATOM   719  C C     . GLN B 2 58  ? -9.240  0.450   0.864   1.00 52.71  ? 97  GLN B C     1 
ATOM   720  O O     . GLN B 2 58  ? -9.406  0.793   2.026   1.00 51.94  ? 97  GLN B O     1 
ATOM   721  C CB    . GLN B 2 58  ? -9.236  -1.997  0.425   1.00 56.69  ? 97  GLN B CB    1 
ATOM   722  C CG    . GLN B 2 58  ? -10.067 -3.275  0.448   1.00 57.56  ? 97  GLN B CG    1 
ATOM   723  C CD    . GLN B 2 58  ? -10.818 -3.456  1.758   1.00 57.89  ? 97  GLN B CD    1 
ATOM   724  O OE1   . GLN B 2 58  ? -11.818 -2.776  2.018   1.00 60.84  ? 97  GLN B OE1   1 
ATOM   725  N NE2   . GLN B 2 58  ? -10.342 -4.371  2.591   1.00 57.52  ? 97  GLN B NE2   1 
ATOM   726  N N     . LEU B 2 59  ? -8.343  1.022   0.079   1.00 53.71  ? 98  LEU B N     1 
ATOM   727  C CA    . LEU B 2 59  ? -7.542  2.122   0.561   1.00 52.53  ? 98  LEU B CA    1 
ATOM   728  C C     . LEU B 2 59  ? -8.445  3.322   0.844   1.00 51.73  ? 98  LEU B C     1 
ATOM   729  O O     . LEU B 2 59  ? -8.327  3.928   1.892   1.00 57.05  ? 98  LEU B O     1 
ATOM   730  C CB    . LEU B 2 59  ? -6.418  2.458   -0.436  1.00 53.16  ? 98  LEU B CB    1 
ATOM   731  C CG    . LEU B 2 59  ? -5.279  1.423   -0.580  1.00 52.82  ? 98  LEU B CG    1 
ATOM   732  C CD1   . LEU B 2 59  ? -4.501  1.636   -1.866  1.00 52.38  ? 98  LEU B CD1   1 
ATOM   733  C CD2   . LEU B 2 59  ? -4.319  1.442   0.600   1.00 51.60  ? 98  LEU B CD2   1 
ATOM   734  N N     . ASN B 2 60  ? -9.350  3.660   -0.071  1.00 50.98  ? 99  ASN B N     1 
ATOM   735  C CA    . ASN B 2 60  ? -10.327 4.742   0.182   1.00 51.93  ? 99  ASN B CA    1 
ATOM   736  C C     . ASN B 2 60  ? -11.335 4.414   1.293   1.00 53.29  ? 99  ASN B C     1 
ATOM   737  O O     . ASN B 2 60  ? -11.851 5.307   1.955   1.00 57.66  ? 99  ASN B O     1 
ATOM   738  C CB    . ASN B 2 60  ? -11.111 5.095   -1.090  1.00 51.44  ? 99  ASN B CB    1 
ATOM   739  C CG    . ASN B 2 60  ? -10.290 5.863   -2.098  1.00 49.68  ? 99  ASN B CG    1 
ATOM   740  O OD1   . ASN B 2 60  ? -10.483 5.716   -3.300  1.00 47.85  ? 99  ASN B OD1   1 
ATOM   741  N ND2   . ASN B 2 60  ? -9.379  6.703   -1.616  1.00 54.96  ? 99  ASN B ND2   1 
ATOM   742  N N     . LYS B 2 61  ? -11.613 3.133   1.489   1.00 58.21  ? 100 LYS B N     1 
ATOM   743  C CA    . LYS B 2 61  ? -12.550 2.679   2.514   1.00 58.31  ? 100 LYS B CA    1 
ATOM   744  C C     . LYS B 2 61  ? -11.988 2.910   3.906   1.00 56.66  ? 100 LYS B C     1 
ATOM   745  O O     . LYS B 2 61  ? -12.725 3.257   4.810   1.00 60.23  ? 100 LYS B O     1 
ATOM   746  C CB    . LYS B 2 61  ? -12.868 1.189   2.327   1.00 62.78  ? 100 LYS B CB    1 
ATOM   747  C CG    . LYS B 2 61  ? -14.291 0.793   2.692   1.00 68.73  ? 100 LYS B CG    1 
ATOM   748  C CD    . LYS B 2 61  ? -14.568 -0.663  2.329   1.00 74.77  ? 100 LYS B CD    1 
ATOM   749  C CE    . LYS B 2 61  ? -16.055 -1.013  2.401   1.00 80.01  ? 100 LYS B CE    1 
ATOM   750  N NZ    . LYS B 2 61  ? -16.307 -2.481  2.575   1.00 81.51  ? 100 LYS B NZ    1 
ATOM   751  N N     . TYR B 2 62  ? -10.686 2.697   4.071   1.00 54.62  ? 101 TYR B N     1 
ATOM   752  C CA    . TYR B 2 62  ? -9.995  2.916   5.345   1.00 52.75  ? 101 TYR B CA    1 
ATOM   753  C C     . TYR B 2 62  ? -9.289  4.284   5.434   1.00 54.47  ? 101 TYR B C     1 
ATOM   754  O O     . TYR B 2 62  ? -8.381  4.478   6.249   1.00 55.18  ? 101 TYR B O     1 
ATOM   755  C CB    . TYR B 2 62  ? -8.964  1.811   5.569   1.00 51.97  ? 101 TYR B CB    1 
ATOM   756  C CG    . TYR B 2 62  ? -9.534  0.493   6.019   1.00 48.78  ? 101 TYR B CG    1 
ATOM   757  C CD1   . TYR B 2 62  ? -9.392  0.065   7.329   1.00 47.00  ? 101 TYR B CD1   1 
ATOM   758  C CD2   . TYR B 2 62  ? -10.200 -0.329  5.135   1.00 49.70  ? 101 TYR B CD2   1 
ATOM   759  C CE1   . TYR B 2 62  ? -9.902  -1.150  7.740   1.00 47.67  ? 101 TYR B CE1   1 
ATOM   760  C CE2   . TYR B 2 62  ? -10.709 -1.546  5.538   1.00 48.49  ? 101 TYR B CE2   1 
ATOM   761  C CZ    . TYR B 2 62  ? -10.553 -1.946  6.837   1.00 47.43  ? 101 TYR B CZ    1 
ATOM   762  O OH    . TYR B 2 62  ? -11.065 -3.155  7.228   1.00 54.24  ? 101 TYR B OH    1 
ATOM   763  N N     . ASP B 2 63  ? -9.690  5.212   4.578   1.00 55.52  ? 102 ASP B N     1 
ATOM   764  C CA    . ASP B 2 63  ? -9.305  6.614   4.702   1.00 57.97  ? 102 ASP B CA    1 
ATOM   765  C C     . ASP B 2 63  ? -7.881  6.944   4.209   1.00 56.78  ? 102 ASP B C     1 
ATOM   766  O O     . ASP B 2 63  ? -7.275  7.926   4.656   1.00 55.71  ? 102 ASP B O     1 
ATOM   767  C CB    . ASP B 2 63  ? -9.537  7.091   6.151   1.00 63.05  ? 102 ASP B CB    1 
ATOM   768  C CG    . ASP B 2 63  ? -9.830  8.584   6.252   1.00 67.72  ? 102 ASP B CG    1 
ATOM   769  O OD1   . ASP B 2 63  ? -10.542 9.124   5.377   1.00 71.35  ? 102 ASP B OD1   1 
ATOM   770  O OD2   . ASP B 2 63  ? -9.352  9.215   7.227   1.00 74.77  ? 102 ASP B OD2   1 
ATOM   771  N N     . PHE B 2 64  ? -7.361  6.150   3.270   1.00 52.80  ? 103 PHE B N     1 
ATOM   772  C CA    . PHE B 2 64  ? -6.199  6.576   2.485   1.00 48.78  ? 103 PHE B CA    1 
ATOM   773  C C     . PHE B 2 64  ? -6.650  7.475   1.348   1.00 50.37  ? 103 PHE B C     1 
ATOM   774  O O     . PHE B 2 64  ? -7.770  7.366   0.844   1.00 48.09  ? 103 PHE B O     1 
ATOM   775  C CB    . PHE B 2 64  ? -5.447  5.400   1.867   1.00 46.39  ? 103 PHE B CB    1 
ATOM   776  C CG    . PHE B 2 64  ? -4.693  4.571   2.850   1.00 41.43  ? 103 PHE B CG    1 
ATOM   777  C CD1   . PHE B 2 64  ? -5.342  3.631   3.606   1.00 41.03  ? 103 PHE B CD1   1 
ATOM   778  C CD2   . PHE B 2 64  ? -3.329  4.720   2.992   1.00 41.43  ? 103 PHE B CD2   1 
ATOM   779  C CE1   . PHE B 2 64  ? -4.651  2.853   4.509   1.00 41.82  ? 103 PHE B CE1   1 
ATOM   780  C CE2   . PHE B 2 64  ? -2.623  3.951   3.894   1.00 40.33  ? 103 PHE B CE2   1 
ATOM   781  C CZ    . PHE B 2 64  ? -3.285  3.017   4.654   1.00 42.12  ? 103 PHE B CZ    1 
ATOM   782  N N     . HIS B 2 65  ? -5.745  8.350   0.935   1.00 55.27  ? 104 HIS B N     1 
ATOM   783  C CA    . HIS B 2 65  ? -5.969  9.233   -0.185  1.00 57.99  ? 104 HIS B CA    1 
ATOM   784  C C     . HIS B 2 65  ? -4.813  9.060   -1.129  1.00 57.33  ? 104 HIS B C     1 
ATOM   785  O O     . HIS B 2 65  ? -3.722  8.685   -0.713  1.00 53.26  ? 104 HIS B O     1 
ATOM   786  C CB    . HIS B 2 65  ? -6.070  10.675  0.303   1.00 63.79  ? 104 HIS B CB    1 
ATOM   787  C CG    . HIS B 2 65  ? -7.300  10.929  1.116   1.00 76.29  ? 104 HIS B CG    1 
ATOM   788  N ND1   . HIS B 2 65  ? -8.430  11.527  0.597   1.00 81.93  ? 104 HIS B ND1   1 
ATOM   789  C CD2   . HIS B 2 65  ? -7.596  10.622  2.401   1.00 82.52  ? 104 HIS B CD2   1 
ATOM   790  C CE1   . HIS B 2 65  ? -9.359  11.601  1.535   1.00 84.13  ? 104 HIS B CE1   1 
ATOM   791  N NE2   . HIS B 2 65  ? -8.879  11.057  2.640   1.00 85.85  ? 104 HIS B NE2   1 
ATOM   792  N N     . LYS B 2 66  ? -5.063  9.305   -2.405  1.00 60.28  ? 105 LYS B N     1 
ATOM   793  C CA    . LYS B 2 66  ? -4.006  9.292   -3.404  1.00 61.24  ? 105 LYS B CA    1 
ATOM   794  C C     . LYS B 2 66  ? -3.311  10.647  -3.429  1.00 66.01  ? 105 LYS B C     1 
ATOM   795  O O     . LYS B 2 66  ? -3.946  11.677  -3.208  1.00 72.73  ? 105 LYS B O     1 
ATOM   796  C CB    . LYS B 2 66  ? -4.577  8.967   -4.782  1.00 59.55  ? 105 LYS B CB    1 
ATOM   797  C CG    . LYS B 2 66  ? -3.517  8.587   -5.789  1.00 59.63  ? 105 LYS B CG    1 
ATOM   798  C CD    . LYS B 2 66  ? -4.130  8.142   -7.096  1.00 61.13  ? 105 LYS B CD    1 
ATOM   799  C CE    . LYS B 2 66  ? -3.075  8.033   -8.184  1.00 62.05  ? 105 LYS B CE    1 
ATOM   800  N NZ    . LYS B 2 66  ? -3.695  7.705   -9.501  1.00 65.08  ? 105 LYS B NZ    1 
ATOM   801  N N     . VAL B 2 67  ? -2.008  10.636  -3.705  1.00 72.62  ? 106 VAL B N     1 
ATOM   802  C CA    . VAL B 2 67  ? -1.195  11.852  -3.790  1.00 74.17  ? 106 VAL B CA    1 
ATOM   803  C C     . VAL B 2 67  ? -1.070  12.319  -5.240  1.00 80.42  ? 106 VAL B C     1 
ATOM   804  O O     . VAL B 2 67  ? -0.715  11.531  -6.118  1.00 79.18  ? 106 VAL B O     1 
ATOM   805  C CB    . VAL B 2 67  ? 0.215   11.587  -3.245  1.00 75.33  ? 106 VAL B CB    1 
ATOM   806  C CG1   . VAL B 2 67  ? 1.074   12.844  -3.330  1.00 76.26  ? 106 VAL B CG1   1 
ATOM   807  C CG2   . VAL B 2 67  ? 0.131   11.053  -1.819  1.00 74.81  ? 106 VAL B CG2   1 
ATOM   808  N N     . ARG B 2 68  ? -1.335  13.606  -5.483  1.00 93.94  ? 107 ARG B N     1 
ATOM   809  C CA    . ARG B 2 68  ? -1.375  14.158  -6.851  1.00 99.60  ? 107 ARG B CA    1 
ATOM   810  C C     . ARG B 2 68  ? -0.057  14.834  -7.268  1.00 101.58 ? 107 ARG B C     1 
ATOM   811  O O     . ARG B 2 68  ? 0.707   15.326  -6.432  1.00 102.84 ? 107 ARG B O     1 
ATOM   812  C CB    . ARG B 2 68  ? -2.552  15.140  -7.004  1.00 98.88  ? 107 ARG B CB    1 
ATOM   813  C CG    . ARG B 2 68  ? -3.883  14.606  -6.482  1.00 98.19  ? 107 ARG B CG    1 
ATOM   814  C CD    . ARG B 2 68  ? -5.068  15.121  -7.287  1.00 102.00 ? 107 ARG B CD    1 
ATOM   815  N NE    . ARG B 2 68  ? -6.342  14.980  -6.573  1.00 106.28 ? 107 ARG B NE    1 
ATOM   816  C CZ    . ARG B 2 68  ? -7.547  15.238  -7.092  1.00 106.01 ? 107 ARG B CZ    1 
ATOM   817  N NH1   . ARG B 2 68  ? -7.677  15.648  -8.355  1.00 102.66 ? 107 ARG B NH1   1 
ATOM   818  N NH2   . ARG B 2 68  ? -8.638  15.080  -6.343  1.00 104.33 ? 107 ARG B NH2   1 
ATOM   819  N N     . PRO B 2 77  ? 6.867   11.500  -11.184 1.00 122.70 ? 116 PRO B N     1 
ATOM   820  C CA    . PRO B 2 77  ? 6.690   11.238  -9.754  1.00 122.43 ? 116 PRO B CA    1 
ATOM   821  C C     . PRO B 2 77  ? 7.771   10.290  -9.198  1.00 119.18 ? 116 PRO B C     1 
ATOM   822  O O     . PRO B 2 77  ? 8.799   10.765  -8.703  1.00 106.05 ? 116 PRO B O     1 
ATOM   823  C CB    . PRO B 2 77  ? 5.271   10.646  -9.676  1.00 124.27 ? 116 PRO B CB    1 
ATOM   824  C CG    . PRO B 2 77  ? 4.998   10.098  -11.041 1.00 123.49 ? 116 PRO B CG    1 
ATOM   825  C CD    . PRO B 2 77  ? 5.755   10.973  -11.996 1.00 123.28 ? 116 PRO B CD    1 
ATOM   826  N N     . TYR B 2 78  ? 7.540   8.977   -9.289  1.00 120.45 ? 117 TYR B N     1 
ATOM   827  C CA    . TYR B 2 78  ? 8.505   7.950   -8.879  1.00 118.46 ? 117 TYR B CA    1 
ATOM   828  C C     . TYR B 2 78  ? 8.907   7.132   -10.101 1.00 119.94 ? 117 TYR B C     1 
ATOM   829  O O     . TYR B 2 78  ? 10.073  7.119   -10.502 1.00 121.47 ? 117 TYR B O     1 
ATOM   830  C CB    . TYR B 2 78  ? 7.893   7.027   -7.817  1.00 111.82 ? 117 TYR B CB    1 
ATOM   831  C CG    . TYR B 2 78  ? 8.079   7.518   -6.406  1.00 105.21 ? 117 TYR B CG    1 
ATOM   832  C CD1   . TYR B 2 78  ? 7.224   8.471   -5.858  1.00 101.17 ? 117 TYR B CD1   1 
ATOM   833  C CD2   . TYR B 2 78  ? 9.115   7.030   -5.617  1.00 102.53 ? 117 TYR B CD2   1 
ATOM   834  C CE1   . TYR B 2 78  ? 7.402   8.923   -4.561  1.00 101.03 ? 117 TYR B CE1   1 
ATOM   835  C CE2   . TYR B 2 78  ? 9.303   7.472   -4.320  1.00 100.73 ? 117 TYR B CE2   1 
ATOM   836  C CZ    . TYR B 2 78  ? 8.446   8.417   -3.796  1.00 100.49 ? 117 TYR B CZ    1 
ATOM   837  O OH    . TYR B 2 78  ? 8.640   8.856   -2.508  1.00 100.78 ? 117 TYR B OH    1 
ATOM   838  N N     . GLY B 2 79  ? 7.924   6.436   -10.667 1.00 116.70 ? 118 GLY B N     1 
ATOM   839  C CA    . GLY B 2 79  ? 8.040   5.807   -11.974 1.00 116.31 ? 118 GLY B CA    1 
ATOM   840  C C     . GLY B 2 79  ? 7.017   6.450   -12.894 1.00 116.88 ? 118 GLY B C     1 
ATOM   841  O O     . GLY B 2 79  ? 6.676   7.629   -12.726 1.00 117.96 ? 118 GLY B O     1 
ATOM   842  N N     . ARG B 2 80  ? 6.517   5.675   -13.853 1.00 112.12 ? 119 ARG B N     1 
ATOM   843  C CA    . ARG B 2 80  ? 5.539   6.169   -14.823 1.00 115.68 ? 119 ARG B CA    1 
ATOM   844  C C     . ARG B 2 80  ? 4.115   5.947   -14.322 1.00 110.59 ? 119 ARG B C     1 
ATOM   845  O O     . ARG B 2 80  ? 3.350   6.899   -14.118 1.00 100.33 ? 119 ARG B O     1 
ATOM   846  C CB    . ARG B 2 80  ? 5.737   5.468   -16.172 1.00 123.29 ? 119 ARG B CB    1 
ATOM   847  C CG    . ARG B 2 80  ? 6.843   6.072   -17.022 1.00 127.91 ? 119 ARG B CG    1 
ATOM   848  C CD    . ARG B 2 80  ? 6.344   7.288   -17.789 1.00 130.59 ? 119 ARG B CD    1 
ATOM   849  N NE    . ARG B 2 80  ? 7.412   7.939   -18.547 1.00 134.65 ? 119 ARG B NE    1 
ATOM   850  C CZ    . ARG B 2 80  ? 7.926   7.492   -19.694 1.00 137.69 ? 119 ARG B CZ    1 
ATOM   851  N NH1   . ARG B 2 80  ? 7.489   6.367   -20.256 1.00 137.10 ? 119 ARG B NH1   1 
ATOM   852  N NH2   . ARG B 2 80  ? 8.897   8.180   -20.286 1.00 141.63 ? 119 ARG B NH2   1 
ATOM   853  N N     . ASP B 2 81  ? 3.777   4.675   -14.130 1.00 109.40 ? 120 ASP B N     1 
ATOM   854  C CA    . ASP B 2 81  ? 2.475   4.265   -13.615 1.00 105.87 ? 120 ASP B CA    1 
ATOM   855  C C     . ASP B 2 81  ? 2.603   3.992   -12.118 1.00 90.93  ? 120 ASP B C     1 
ATOM   856  O O     . ASP B 2 81  ? 2.349   2.881   -11.638 1.00 86.51  ? 120 ASP B O     1 
ATOM   857  C CB    . ASP B 2 81  ? 1.979   3.018   -14.362 1.00 116.29 ? 120 ASP B CB    1 
ATOM   858  C CG    . ASP B 2 81  ? 1.837   3.250   -15.865 1.00 122.91 ? 120 ASP B CG    1 
ATOM   859  O OD1   . ASP B 2 81  ? 2.768   3.821   -16.478 1.00 125.67 ? 120 ASP B OD1   1 
ATOM   860  O OD2   . ASP B 2 81  ? 0.794   2.847   -16.435 1.00 126.62 ? 120 ASP B OD2   1 
ATOM   861  N N     . ALA B 2 82  ? 3.016   5.024   -11.392 1.00 78.92  ? 121 ALA B N     1 
ATOM   862  C CA    . ALA B 2 82  ? 3.209   4.940   -9.960  1.00 74.06  ? 121 ALA B CA    1 
ATOM   863  C C     . ALA B 2 82  ? 2.019   5.578   -9.256  1.00 72.23  ? 121 ALA B C     1 
ATOM   864  O O     . ALA B 2 82  ? 1.643   6.712   -9.551  1.00 71.26  ? 121 ALA B O     1 
ATOM   865  C CB    . ALA B 2 82  ? 4.493   5.640   -9.560  1.00 73.98  ? 121 ALA B CB    1 
ATOM   866  N N     . TRP B 2 83  ? 1.433   4.827   -8.330  1.00 68.15  ? 122 TRP B N     1 
ATOM   867  C CA    . TRP B 2 83  ? 0.304   5.273   -7.539  1.00 62.09  ? 122 TRP B CA    1 
ATOM   868  C C     . TRP B 2 83  ? 0.800   5.459   -6.124  1.00 58.41  ? 122 TRP B C     1 
ATOM   869  O O     . TRP B 2 83  ? 1.378   4.537   -5.559  1.00 61.70  ? 122 TRP B O     1 
ATOM   870  C CB    . TRP B 2 83  ? -0.788  4.206   -7.555  1.00 61.68  ? 122 TRP B CB    1 
ATOM   871  C CG    . TRP B 2 83  ? -1.449  4.055   -8.875  1.00 62.40  ? 122 TRP B CG    1 
ATOM   872  C CD1   . TRP B 2 83  ? -0.861  3.702   -10.052 1.00 62.80  ? 122 TRP B CD1   1 
ATOM   873  C CD2   . TRP B 2 83  ? -2.832  4.250   -9.157  1.00 62.21  ? 122 TRP B CD2   1 
ATOM   874  N NE1   . TRP B 2 83  ? -1.797  3.676   -11.056 1.00 64.25  ? 122 TRP B NE1   1 
ATOM   875  C CE2   . TRP B 2 83  ? -3.018  3.999   -10.529 1.00 63.77  ? 122 TRP B CE2   1 
ATOM   876  C CE3   . TRP B 2 83  ? -3.939  4.615   -8.381  1.00 61.85  ? 122 TRP B CE3   1 
ATOM   877  C CZ2   . TRP B 2 83  ? -4.268  4.099   -11.143 1.00 65.57  ? 122 TRP B CZ2   1 
ATOM   878  C CZ3   . TRP B 2 83  ? -5.175  4.715   -8.986  1.00 60.38  ? 122 TRP B CZ3   1 
ATOM   879  C CH2   . TRP B 2 83  ? -5.332  4.463   -10.353 1.00 63.12  ? 122 TRP B CH2   1 
ATOM   880  N N     . GLU B 2 84  ? 0.579   6.637   -5.550  1.00 53.22  ? 123 GLU B N     1 
ATOM   881  C CA    . GLU B 2 84  ? 1.011   6.908   -4.186  1.00 53.41  ? 123 GLU B CA    1 
ATOM   882  C C     . GLU B 2 84  ? -0.187  7.181   -3.294  1.00 53.96  ? 123 GLU B C     1 
ATOM   883  O O     . GLU B 2 84  ? -1.035  7.997   -3.652  1.00 49.46  ? 123 GLU B O     1 
ATOM   884  C CB    . GLU B 2 84  ? 1.947   8.107   -4.161  1.00 55.75  ? 123 GLU B CB    1 
ATOM   885  C CG    . GLU B 2 84  ? 2.628   8.298   -2.818  1.00 60.69  ? 123 GLU B CG    1 
ATOM   886  C CD    . GLU B 2 84  ? 3.567   9.480   -2.794  1.00 63.01  ? 123 GLU B CD    1 
ATOM   887  O OE1   . GLU B 2 84  ? 3.649   10.205  -3.803  1.00 62.83  ? 123 GLU B OE1   1 
ATOM   888  O OE2   . GLU B 2 84  ? 4.221   9.687   -1.751  1.00 69.51  ? 123 GLU B OE2   1 
ATOM   889  N N     . PHE B 2 85  ? -0.248  6.510   -2.140  1.00 53.50  ? 124 PHE B N     1 
ATOM   890  C CA    . PHE B 2 85  ? -1.340  6.700   -1.181  1.00 53.26  ? 124 PHE B CA    1 
ATOM   891  C C     . PHE B 2 85  ? -0.843  7.075   0.196   1.00 55.41  ? 124 PHE B C     1 
ATOM   892  O O     . PHE B 2 85  ? 0.261   6.697   0.593   1.00 56.82  ? 124 PHE B O     1 
ATOM   893  C CB    . PHE B 2 85  ? -2.184  5.443   -1.064  1.00 53.66  ? 124 PHE B CB    1 
ATOM   894  C CG    . PHE B 2 85  ? -2.906  5.104   -2.321  1.00 51.54  ? 124 PHE B CG    1 
ATOM   895  C CD1   . PHE B 2 85  ? -2.284  4.344   -3.302  1.00 48.28  ? 124 PHE B CD1   1 
ATOM   896  C CD2   . PHE B 2 85  ? -4.195  5.558   -2.532  1.00 51.01  ? 124 PHE B CD2   1 
ATOM   897  C CE1   . PHE B 2 85  ? -2.938  4.038   -4.471  1.00 46.28  ? 124 PHE B CE1   1 
ATOM   898  C CE2   . PHE B 2 85  ? -4.859  5.253   -3.702  1.00 50.96  ? 124 PHE B CE2   1 
ATOM   899  C CZ    . PHE B 2 85  ? -4.225  4.493   -4.675  1.00 49.21  ? 124 PHE B CZ    1 
ATOM   900  N N     . LYS B 2 86  ? -1.684  7.801   0.928   1.00 58.23  ? 125 LYS B N     1 
ATOM   901  C CA    . LYS B 2 86  ? -1.296  8.371   2.211   1.00 60.13  ? 125 LYS B CA    1 
ATOM   902  C C     . LYS B 2 86  ? -2.420  8.335   3.246   1.00 57.21  ? 125 LYS B C     1 
ATOM   903  O O     . LYS B 2 86  ? -3.555  8.731   2.983   1.00 53.99  ? 125 LYS B O     1 
ATOM   904  C CB    . LYS B 2 86  ? -0.835  9.810   2.011   1.00 65.26  ? 125 LYS B CB    1 
ATOM   905  C CG    . LYS B 2 86  ? 0.060   10.348  3.116   1.00 70.72  ? 125 LYS B CG    1 
ATOM   906  C CD    . LYS B 2 86  ? 0.517   11.766  2.784   1.00 75.65  ? 125 LYS B CD    1 
ATOM   907  C CE    . LYS B 2 86  ? 1.947   12.050  3.229   1.00 80.38  ? 125 LYS B CE    1 
ATOM   908  N NZ    . LYS B 2 86  ? 2.624   13.031  2.329   1.00 80.57  ? 125 LYS B NZ    1 
ATOM   909  N N     . HIS B 2 87  ? -2.080  7.817   4.414   1.00 58.26  ? 126 HIS B N     1 
ATOM   910  C CA    . HIS B 2 87  ? -2.877  7.967   5.613   1.00 63.22  ? 126 HIS B CA    1 
ATOM   911  C C     . HIS B 2 87  ? -1.949  8.633   6.633   1.00 66.67  ? 126 HIS B C     1 
ATOM   912  O O     . HIS B 2 87  ? -0.776  8.257   6.733   1.00 63.15  ? 126 HIS B O     1 
ATOM   913  C CB    . HIS B 2 87  ? -3.339  6.605   6.104   1.00 63.87  ? 126 HIS B CB    1 
ATOM   914  C CG    . HIS B 2 87  ? -4.513  6.651   7.029   1.00 65.24  ? 126 HIS B CG    1 
ATOM   915  N ND1   . HIS B 2 87  ? -4.468  7.262   8.261   1.00 68.26  ? 126 HIS B ND1   1 
ATOM   916  C CD2   . HIS B 2 87  ? -5.755  6.130   6.913   1.00 65.61  ? 126 HIS B CD2   1 
ATOM   917  C CE1   . HIS B 2 87  ? -5.634  7.131   8.861   1.00 68.07  ? 126 HIS B CE1   1 
ATOM   918  N NE2   . HIS B 2 87  ? -6.432  6.442   8.065   1.00 68.33  ? 126 HIS B NE2   1 
ATOM   919  N N     . PRO B 2 88  ? -2.452  9.644   7.368   1.00 70.87  ? 127 PRO B N     1 
ATOM   920  C CA    . PRO B 2 88  ? -1.624  10.343  8.361   1.00 71.01  ? 127 PRO B CA    1 
ATOM   921  C C     . PRO B 2 88  ? -1.006  9.440   9.436   1.00 68.76  ? 127 PRO B C     1 
ATOM   922  O O     . PRO B 2 88  ? 0.075   9.739   9.939   1.00 69.40  ? 127 PRO B O     1 
ATOM   923  C CB    . PRO B 2 88  ? -2.608  11.323  9.008   1.00 73.84  ? 127 PRO B CB    1 
ATOM   924  C CG    . PRO B 2 88  ? -3.655  11.555  7.976   1.00 73.29  ? 127 PRO B CG    1 
ATOM   925  C CD    . PRO B 2 88  ? -3.788  10.260  7.236   1.00 72.59  ? 127 PRO B CD    1 
ATOM   926  N N     . GLU B 2 89  ? -1.694  8.352   9.765   1.00 69.15  ? 128 GLU B N     1 
ATOM   927  C CA    . GLU B 2 89  ? -1.310  7.444   10.840  1.00 73.71  ? 128 GLU B CA    1 
ATOM   928  C C     . GLU B 2 89  ? -0.648  6.139   10.359  1.00 72.78  ? 128 GLU B C     1 
ATOM   929  O O     . GLU B 2 89  ? -0.257  5.306   11.182  1.00 76.40  ? 128 GLU B O     1 
ATOM   930  C CB    . GLU B 2 89  ? -2.557  7.106   11.659  1.00 81.15  ? 128 GLU B CB    1 
ATOM   931  C CG    . GLU B 2 89  ? -3.326  8.328   12.156  1.00 86.84  ? 128 GLU B CG    1 
ATOM   932  C CD    . GLU B 2 89  ? -2.679  8.988   13.365  1.00 90.75  ? 128 GLU B CD    1 
ATOM   933  O OE1   . GLU B 2 89  ? -2.812  8.430   14.477  1.00 96.74  ? 128 GLU B OE1   1 
ATOM   934  O OE2   . GLU B 2 89  ? -2.048  10.061  13.214  1.00 87.73  ? 128 GLU B OE2   1 
ATOM   935  N N     . PHE B 2 90  ? -0.546  5.957   9.042   1.00 72.52  ? 129 PHE B N     1 
ATOM   936  C CA    . PHE B 2 90  ? 0.150   4.806   8.432   1.00 68.16  ? 129 PHE B CA    1 
ATOM   937  C C     . PHE B 2 90  ? 1.530   5.286   8.006   1.00 67.98  ? 129 PHE B C     1 
ATOM   938  O O     . PHE B 2 90  ? 1.667   5.963   6.986   1.00 65.12  ? 129 PHE B O     1 
ATOM   939  C CB    . PHE B 2 90  ? -0.640  4.294   7.216   1.00 65.90  ? 129 PHE B CB    1 
ATOM   940  C CG    . PHE B 2 90  ? -0.100  3.023   6.593   1.00 63.14  ? 129 PHE B CG    1 
ATOM   941  C CD1   . PHE B 2 90  ? -0.296  1.790   7.203   1.00 63.26  ? 129 PHE B CD1   1 
ATOM   942  C CD2   . PHE B 2 90  ? 0.551   3.053   5.368   1.00 62.05  ? 129 PHE B CD2   1 
ATOM   943  C CE1   . PHE B 2 90  ? 0.174   0.620   6.622   1.00 59.76  ? 129 PHE B CE1   1 
ATOM   944  C CE2   . PHE B 2 90  ? 1.017   1.887   4.785   1.00 59.97  ? 129 PHE B CE2   1 
ATOM   945  C CZ    . PHE B 2 90  ? 0.829   0.670   5.412   1.00 57.72  ? 129 PHE B CZ    1 
ATOM   946  N N     . ARG B 2 91  ? 2.542   4.968   8.811   1.00 69.91  ? 130 ARG B N     1 
ATOM   947  C CA    . ARG B 2 91  ? 3.923   5.349   8.512   1.00 70.81  ? 130 ARG B CA    1 
ATOM   948  C C     . ARG B 2 91  ? 4.862   4.210   8.825   1.00 69.00  ? 130 ARG B C     1 
ATOM   949  O O     . ARG B 2 91  ? 4.520   3.304   9.578   1.00 64.22  ? 130 ARG B O     1 
ATOM   950  C CB    . ARG B 2 91  ? 4.353   6.554   9.331   1.00 76.03  ? 130 ARG B CB    1 
ATOM   951  C CG    . ARG B 2 91  ? 3.324   7.653   9.438   1.00 82.55  ? 130 ARG B CG    1 
ATOM   952  C CD    . ARG B 2 91  ? 4.006   8.946   9.822   1.00 91.51  ? 130 ARG B CD    1 
ATOM   953  N NE    . ARG B 2 91  ? 3.061   9.923   10.347  1.00 104.44 ? 130 ARG B NE    1 
ATOM   954  C CZ    . ARG B 2 91  ? 3.312   11.227  10.462  1.00 116.77 ? 130 ARG B CZ    1 
ATOM   955  N NH1   . ARG B 2 91  ? 4.485   11.735  10.080  1.00 117.20 ? 130 ARG B NH1   1 
ATOM   956  N NH2   . ARG B 2 91  ? 2.377   12.033  10.960  1.00 124.18 ? 130 ARG B NH2   1 
ATOM   957  N N     . ALA B 2 92  ? 6.062   4.284   8.261   1.00 72.35  ? 131 ALA B N     1 
ATOM   958  C CA    . ALA B 2 92  ? 7.047   3.204   8.366   1.00 77.45  ? 131 ALA B CA    1 
ATOM   959  C C     . ALA B 2 92  ? 7.469   2.888   9.811   1.00 80.72  ? 131 ALA B C     1 
ATOM   960  O O     . ALA B 2 92  ? 7.634   1.719   10.171  1.00 77.68  ? 131 ALA B O     1 
ATOM   961  C CB    . ALA B 2 92  ? 8.266   3.536   7.516   1.00 79.81  ? 131 ALA B CB    1 
ATOM   962  N N     . ASP B 2 93  ? 7.633   3.932   10.623  1.00 82.57  ? 132 ASP B N     1 
ATOM   963  C CA    . ASP B 2 93  ? 8.045   3.792   12.031  1.00 83.95  ? 132 ASP B CA    1 
ATOM   964  C C     . ASP B 2 93  ? 6.853   3.656   12.999  1.00 86.74  ? 132 ASP B C     1 
ATOM   965  O O     . ASP B 2 93  ? 6.930   2.913   13.978  1.00 84.82  ? 132 ASP B O     1 
ATOM   966  C CB    . ASP B 2 93  ? 8.931   4.973   12.447  1.00 83.64  ? 132 ASP B CB    1 
ATOM   967  C CG    . ASP B 2 93  ? 8.452   6.296   11.874  1.00 85.95  ? 132 ASP B CG    1 
ATOM   968  O OD1   . ASP B 2 93  ? 7.852   7.096   12.628  1.00 87.18  ? 132 ASP B OD1   1 
ATOM   969  O OD2   . ASP B 2 93  ? 8.658   6.520   10.657  1.00 85.12  ? 132 ASP B OD2   1 
ATOM   970  N N     . ARG B 2 94  ? 5.761   4.369   12.724  1.00 91.80  ? 133 ARG B N     1 
ATOM   971  C CA    . ARG B 2 94  ? 4.541   4.293   13.536  1.00 94.52  ? 133 ARG B CA    1 
ATOM   972  C C     . ARG B 2 94  ? 3.785   2.983   13.287  1.00 91.90  ? 133 ARG B C     1 
ATOM   973  O O     . ARG B 2 94  ? 2.673   2.986   12.755  1.00 89.69  ? 133 ARG B O     1 
ATOM   974  C CB    . ARG B 2 94  ? 3.624   5.485   13.229  1.00 101.81 ? 133 ARG B CB    1 
ATOM   975  C CG    . ARG B 2 94  ? 4.205   6.851   13.578  1.00 111.87 ? 133 ARG B CG    1 
ATOM   976  C CD    . ARG B 2 94  ? 3.921   7.258   15.019  1.00 119.93 ? 133 ARG B CD    1 
ATOM   977  N NE    . ARG B 2 94  ? 4.209   8.676   15.259  1.00 128.49 ? 133 ARG B NE    1 
ATOM   978  C CZ    . ARG B 2 94  ? 3.895   9.344   16.371  1.00 132.95 ? 133 ARG B CZ    1 
ATOM   979  N NH1   . ARG B 2 94  ? 4.208   10.633  16.477  1.00 130.73 ? 133 ARG B NH1   1 
ATOM   980  N NH2   . ARG B 2 94  ? 3.267   8.738   17.378  1.00 135.81 ? 133 ARG B NH2   1 
ATOM   981  N N     . LYS B 2 95  ? 4.395   1.870   13.687  1.00 95.29  ? 134 LYS B N     1 
ATOM   982  C CA    . LYS B 2 95  ? 3.835   0.533   13.476  1.00 100.80 ? 134 LYS B CA    1 
ATOM   983  C C     . LYS B 2 95  ? 2.747   0.192   14.496  1.00 107.53 ? 134 LYS B C     1 
ATOM   984  O O     . LYS B 2 95  ? 1.938   -0.703  14.261  1.00 107.16 ? 134 LYS B O     1 
ATOM   985  C CB    . LYS B 2 95  ? 4.949   -0.519  13.547  1.00 103.89 ? 134 LYS B CB    1 
ATOM   986  C CG    . LYS B 2 95  ? 4.498   -1.943  13.235  1.00 105.56 ? 134 LYS B CG    1 
ATOM   987  C CD    . LYS B 2 95  ? 5.537   -2.977  13.639  1.00 108.10 ? 134 LYS B CD    1 
ATOM   988  C CE    . LYS B 2 95  ? 4.890   -4.332  13.901  1.00 109.12 ? 134 LYS B CE    1 
ATOM   989  N NZ    . LYS B 2 95  ? 4.067   -4.820  12.759  1.00 106.46 ? 134 LYS B NZ    1 
ATOM   990  N N     . ASP B 2 96  ? 2.743   0.881   15.634  1.00 116.95 ? 135 ASP B N     1 
ATOM   991  C CA    . ASP B 2 96  ? 1.739   0.638   16.679  1.00 121.80 ? 135 ASP B CA    1 
ATOM   992  C C     . ASP B 2 96  ? 0.353   1.211   16.331  1.00 122.17 ? 135 ASP B C     1 
ATOM   993  O O     . ASP B 2 96  ? -0.668  0.708   16.809  1.00 124.94 ? 135 ASP B O     1 
ATOM   994  C CB    . ASP B 2 96  ? 2.221   1.166   18.044  1.00 127.02 ? 135 ASP B CB    1 
ATOM   995  C CG    . ASP B 2 96  ? 2.719   2.613   17.993  1.00 130.03 ? 135 ASP B CG    1 
ATOM   996  O OD1   . ASP B 2 96  ? 2.361   3.362   17.056  1.00 130.17 ? 135 ASP B OD1   1 
ATOM   997  O OD2   . ASP B 2 96  ? 3.479   2.997   18.907  1.00 133.98 ? 135 ASP B OD2   1 
ATOM   998  N N     . ASN B 2 97  ? 0.321   2.238   15.480  1.00 118.35 ? 136 ASN B N     1 
ATOM   999  C CA    . ASN B 2 97  ? -0.926  2.936   15.131  1.00 115.14 ? 136 ASN B CA    1 
ATOM   1000 C C     . ASN B 2 97  ? -1.832  2.212   14.133  1.00 109.98 ? 136 ASN B C     1 
ATOM   1001 O O     . ASN B 2 97  ? -2.689  2.846   13.522  1.00 108.29 ? 136 ASN B O     1 
ATOM   1002 C CB    . ASN B 2 97  ? -0.605  4.338   14.577  1.00 114.92 ? 136 ASN B CB    1 
ATOM   1003 C CG    . ASN B 2 97  ? -0.404  5.370   15.668  1.00 118.49 ? 136 ASN B CG    1 
ATOM   1004 O OD1   . ASN B 2 97  ? -1.191  5.456   16.613  1.00 122.39 ? 136 ASN B OD1   1 
ATOM   1005 N ND2   . ASN B 2 97  ? 0.641   6.173   15.533  1.00 118.19 ? 136 ASN B ND2   1 
ATOM   1006 N N     . LEU B 2 98  ? -1.680  0.897   13.984  1.00 109.02 ? 137 LEU B N     1 
ATOM   1007 C CA    . LEU B 2 98  ? -2.355  0.171   12.896  1.00 114.48 ? 137 LEU B CA    1 
ATOM   1008 C C     . LEU B 2 98  ? -3.831  -0.152  13.168  1.00 118.39 ? 137 LEU B C     1 
ATOM   1009 O O     . LEU B 2 98  ? -4.649  -0.163  12.240  1.00 115.71 ? 137 LEU B O     1 
ATOM   1010 C CB    . LEU B 2 98  ? -1.578  -1.102  12.522  1.00 111.96 ? 137 LEU B CB    1 
ATOM   1011 C CG    . LEU B 2 98  ? -0.146  -0.927  11.982  1.00 108.36 ? 137 LEU B CG    1 
ATOM   1012 C CD1   . LEU B 2 98  ? 0.316   -2.217  11.321  1.00 106.67 ? 137 LEU B CD1   1 
ATOM   1013 C CD2   . LEU B 2 98  ? 0.010   0.248   11.020  1.00 105.24 ? 137 LEU B CD2   1 
ATOM   1014 N N     . ASP B 2 99  ? -4.178  -0.400  14.428  1.00 122.93 ? 138 ASP B N     1 
ATOM   1015 C CA    . ASP B 2 99  ? -5.585  -0.545  14.819  1.00 126.61 ? 138 ASP B CA    1 
ATOM   1016 C C     . ASP B 2 99  ? -6.225  0.828   15.070  1.00 128.99 ? 138 ASP B C     1 
ATOM   1017 O O     . ASP B 2 99  ? -7.438  0.926   15.288  1.00 133.33 ? 138 ASP B O     1 
ATOM   1018 C CB    . ASP B 2 99  ? -5.712  -1.437  16.055  1.00 125.47 ? 138 ASP B CB    1 
ATOM   1019 C CG    . ASP B 2 99  ? -5.053  -2.789  15.862  1.00 122.44 ? 138 ASP B CG    1 
ATOM   1020 O OD1   . ASP B 2 99  ? -5.161  -3.353  14.752  1.00 117.63 ? 138 ASP B OD1   1 
ATOM   1021 O OD2   . ASP B 2 99  ? -4.420  -3.282  16.819  1.00 124.02 ? 138 ASP B OD2   1 
ATOM   1022 N N     . ASN B 2 100 ? -5.397  1.875   15.024  1.00 125.42 ? 139 ASN B N     1 
ATOM   1023 C CA    . ASN B 2 100 ? -5.841  3.267   15.089  1.00 122.04 ? 139 ASN B CA    1 
ATOM   1024 C C     . ASN B 2 100 ? -6.164  3.828   13.690  1.00 115.43 ? 139 ASN B C     1 
ATOM   1025 O O     . ASN B 2 100 ? -6.166  5.043   13.477  1.00 113.32 ? 139 ASN B O     1 
ATOM   1026 C CB    . ASN B 2 100 ? -4.749  4.109   15.769  1.00 125.28 ? 139 ASN B CB    1 
ATOM   1027 C CG    . ASN B 2 100 ? -5.301  5.318   16.500  1.00 128.08 ? 139 ASN B CG    1 
ATOM   1028 O OD1   . ASN B 2 100 ? -6.338  5.246   17.162  1.00 130.88 ? 139 ASN B OD1   1 
ATOM   1029 N ND2   . ASN B 2 100 ? -4.594  6.438   16.400  1.00 127.66 ? 139 ASN B ND2   1 
ATOM   1030 N N     . ILE B 2 101 ? -6.420  2.928   12.742  1.00 111.33 ? 140 ILE B N     1 
ATOM   1031 C CA    . ILE B 2 101 ? -6.817  3.272   11.383  1.00 111.10 ? 140 ILE B CA    1 
ATOM   1032 C C     . ILE B 2 101 ? -7.993  2.374   11.021  1.00 108.37 ? 140 ILE B C     1 
ATOM   1033 O O     . ILE B 2 101 ? -7.825  1.154   10.948  1.00 104.79 ? 140 ILE B O     1 
ATOM   1034 C CB    . ILE B 2 101 ? -5.670  2.999   10.380  1.00 113.15 ? 140 ILE B CB    1 
ATOM   1035 C CG1   . ILE B 2 101 ? -4.483  3.931   10.643  1.00 114.18 ? 140 ILE B CG1   1 
ATOM   1036 C CG2   . ILE B 2 101 ? -6.154  3.153   8.941   1.00 115.02 ? 140 ILE B CG2   1 
ATOM   1037 C CD1   . ILE B 2 101 ? -3.195  3.475   9.985   1.00 112.29 ? 140 ILE B CD1   1 
ATOM   1038 N N     . ARG B 2 102 ? -9.175  2.954   10.804  1.00 106.04 ? 141 ARG B N     1 
ATOM   1039 C CA    . ARG B 2 102 ? -10.333 2.161   10.375  1.00 105.41 ? 141 ARG B CA    1 
ATOM   1040 C C     . ARG B 2 102 ? -11.495 2.983   9.832   1.00 100.63 ? 141 ARG B C     1 
ATOM   1041 O O     . ARG B 2 102 ? -11.592 4.186   10.082  1.00 102.26 ? 141 ARG B O     1 
ATOM   1042 C CB    . ARG B 2 102 ? -10.847 1.279   11.526  1.00 109.89 ? 141 ARG B CB    1 
ATOM   1043 C CG    . ARG B 2 102 ? -11.546 0.001   11.062  1.00 110.96 ? 141 ARG B CG    1 
ATOM   1044 C CD    . ARG B 2 102 ? -11.376 -1.141  12.058  1.00 114.54 ? 141 ARG B CD    1 
ATOM   1045 N NE    . ARG B 2 102 ? -11.437 -2.460  11.418  1.00 116.92 ? 141 ARG B NE    1 
ATOM   1046 C CZ    . ARG B 2 102 ? -11.171 -3.617  12.029  1.00 113.86 ? 141 ARG B CZ    1 
ATOM   1047 N NH1   . ARG B 2 102 ? -11.253 -4.760  11.352  1.00 109.97 ? 141 ARG B NH1   1 
ATOM   1048 N NH2   . ARG B 2 102 ? -10.820 -3.648  13.315  1.00 109.77 ? 141 ARG B NH2   1 
ATOM   1049 N N     . ARG B 2 103 ? -12.349 2.298   9.069   1.00 94.23  ? 142 ARG B N     1 
ATOM   1050 C CA    . ARG B 2 103 ? -13.702 2.751   8.726   1.00 89.65  ? 142 ARG B CA    1 
ATOM   1051 C C     . ARG B 2 103 ? -14.411 1.642   7.952   1.00 82.70  ? 142 ARG B C     1 
ATOM   1052 O O     . ARG B 2 103 ? -13.774 0.717   7.448   1.00 75.79  ? 142 ARG B O     1 
ATOM   1053 C CB    . ARG B 2 103 ? -13.688 4.029   7.888   1.00 93.26  ? 142 ARG B CB    1 
ATOM   1054 C CG    . ARG B 2 103 ? -15.062 4.671   7.699   1.00 95.15  ? 142 ARG B CG    1 
ATOM   1055 C CD    . ARG B 2 103 ? -15.204 5.289   6.315   1.00 96.40  ? 142 ARG B CD    1 
ATOM   1056 N NE    . ARG B 2 103 ? -14.045 6.115   5.950   1.00 96.86  ? 142 ARG B NE    1 
ATOM   1057 C CZ    . ARG B 2 103 ? -13.805 6.595   4.727   1.00 92.65  ? 142 ARG B CZ    1 
ATOM   1058 N NH1   . ARG B 2 103 ? -14.637 6.351   3.716   1.00 91.92  ? 142 ARG B NH1   1 
ATOM   1059 N NH2   . ARG B 2 103 ? -12.718 7.328   4.514   1.00 88.55  ? 142 ARG B NH2   1 
HETATM 1060 O O     . HOH C 3 .   ? -22.154 5.566   -14.582 1.00 47.11  ? 101 HOH A O     1 
HETATM 1061 O O     . HOH C 3 .   ? -23.092 12.534  -3.237  1.00 70.77  ? 102 HOH A O     1 
HETATM 1062 O O     . HOH C 3 .   ? -17.853 -1.749  -14.411 1.00 50.91  ? 103 HOH A O     1 
HETATM 1063 O O     . HOH C 3 .   ? -14.593 -11.478 1.581   1.00 59.94  ? 104 HOH A O     1 
HETATM 1064 O O     . HOH C 3 .   ? -14.023 0.195   -9.671  1.00 42.04  ? 105 HOH A O     1 
HETATM 1065 O O     . HOH C 3 .   ? -23.277 4.152   -6.732  1.00 60.85  ? 106 HOH A O     1 
HETATM 1066 O O     . HOH C 3 .   ? -15.577 -11.166 -0.870  1.00 56.59  ? 107 HOH A O     1 
HETATM 1067 O O     . HOH C 3 .   ? -17.816 -7.791  10.718  1.00 73.34  ? 108 HOH A O     1 
HETATM 1068 O O     . HOH C 3 .   ? -15.830 -2.994  -12.816 1.00 55.55  ? 109 HOH A O     1 
HETATM 1069 O O     . HOH C 3 .   ? -22.650 9.622   -2.995  1.00 88.36  ? 110 HOH A O     1 
HETATM 1070 O O     . HOH D 3 .   ? -5.780  10.080  4.710   1.00 61.66  ? 201 HOH B O     1 
HETATM 1071 O O     . HOH D 3 .   ? -12.317 4.003   -4.139  1.00 45.61  ? 202 HOH B O     1 
HETATM 1072 O O     . HOH D 3 .   ? -10.209 8.575   1.073   1.00 60.51  ? 203 HOH B O     1 
HETATM 1073 O O     . HOH D 3 .   ? 8.907   -3.210  -0.127  1.00 61.33  ? 204 HOH B O     1 
HETATM 1074 O O     . HOH D 3 .   ? 0.599   6.796   4.575   1.00 47.06  ? 205 HOH B O     1 
HETATM 1075 O O     . HOH D 3 .   ? -7.499  -5.470  -1.420  1.00 42.28  ? 206 HOH B O     1 
HETATM 1076 O O     . HOH D 3 .   ? 13.019  4.700   -0.970  0.50 89.37  ? 207 HOH B O     1 
HETATM 1077 O O     . HOH D 3 .   ? -1.895  7.294   -11.829 1.00 59.85  ? 208 HOH B O     1 
HETATM 1078 O O     . HOH D 3 .   ? -6.513  13.159  -3.544  1.00 67.40  ? 209 HOH B O     1 
HETATM 1079 O O     . HOH D 3 .   ? -16.573 4.015   2.171   1.00 71.48  ? 210 HOH B O     1 
HETATM 1080 O O     . HOH D 3 .   ? -7.949  -3.622  -12.832 1.00 67.08  ? 211 HOH B O     1 
HETATM 1081 O O     . HOH D 3 .   ? 5.132   -14.660 -10.437 1.00 72.20  ? 212 HOH B O     1 
# 
